data_6T8H
#
_entry.id   6T8H
#
_cell.length_a   1.00
_cell.length_b   1.00
_cell.length_c   1.00
_cell.angle_alpha   90.00
_cell.angle_beta   90.00
_cell.angle_gamma   90.00
#
_symmetry.space_group_name_H-M   'P 1'
#
loop_
_entity.id
_entity.type
_entity.pdbx_description
1 polymer 'DNA polymerase sliding clamp'
2 polymer 'DNA polymerase II small subunit'
3 polymer 'DP2 subunit of D-family DNA-polymerase'
4 polymer 'DNA primer'
5 polymer 'DNA template'
6 non-polymer 'FE (III) ION'
7 non-polymer 'ZINC ION'
#
loop_
_entity_poly.entity_id
_entity_poly.type
_entity_poly.pdbx_seq_one_letter_code
_entity_poly.pdbx_strand_id
1 'polypeptide(L)'
;MRGSHHHHHHGSMPFEIVFEGAKEFAQLIETASRLIDEAAFKVTEEGISMRAMDPSRVVLIDLNLPASIFSKYEVDGEET
IGVNMDHLKKVLKRGKAKETLILRKGEENFLEISLQGTATRTFKLPLIDVEEIEVDLPELPFTAKVVILGDVIKEAVKDA
SLVSDSMKFIAKENEFTMRAEGETQEVEVKLTLEDEGLLDIEVQEETKSAYGISYLSDMVKGLGKADEVTIKFGNEMPMQ
MEYYIRDEGRLIFLLAPRVEE
;
E,C,D
2 'polypeptide(L)'
;MDELVKALERAGYLLTPSAYYLLVDHFKEGKFSLVELVKFAKSKGVFIIDGDLAYEFLQFLGLGVPQEIKESYISTGEEA
EKTVESQETRASELEEGGVSQVSSGELQELKEESPEISTTEEEIGGLELVQSSISTGSEVEYNNGENGESVVVLDKYGYP
ILYAPEEIGEEKEYSKYEDVVIEWNPSVTPVQIEKNYEVKFDVRQVKLRPPKVKNGSGKEGEIIVEAYASLFKSRLSKLK
RILRENPEISNVVDIGKLNYVSGDEEVTIIGLVNSKRETNRGLIFEVEDKTGIVKVFLPKDSEDYREAFKVLPDAVVAFK
GFYSKKGIFFANKFYLPDVPLYRKQKPPLEEKVYAILISDIHVGSREFCEKAFLKFLEWLNGHVESKEEEEIVSRVKYLI
IAGDVVDGIGIYPGQYSDLVIPDIFDQYEALANLLANVPEHITMFIGPGNADAARPAIPQPEFYKEYAKPIYKLKNAIII
SNPAVIRLHGRDFLIAHGRGIEDVVSFVPGLTHHKPGLPMVELLKMRHLAPTFGGKVPIAPDPEDLLVIEEVPDLVQMGH
VHVYDAVVYRGVQLVNSATWQAQTEFQKMVNIVPTPAKVPVVDVESARVVKVLDFSGWC
;
A
3 'polypeptide(L)'
;GTGDGSELPKEMEEYFEMLQREIDKAYEIAKKARAQGKDPSLDVEIPQATDMAGRVESLVGPPGVAKRIRELVKEYGKEI
AALKIVDEIIEGKFGDLGSREKYAEQAVRTALAILTEGIVSAPIEGIANVKIKRNTWADNSEYLALYYAGPIRSSGGTAQ
ALSVLVGDYVRRKLGLDRFKPSEKHIERMVEEVDLYHRAVTRLQYHPSPEEVRLAMRNIPIEITGEATDDVEVSHRDVPG
VETNQLRGGAILVLAEGVLQKAKKLVKYIDKMGIEGWEWLKEFVEAKEKGEPKEEGKEESLAESTLEETKVEVDMGFYYS
LYQKFKEEIAPSDKYAKEVIGGRPLFSDPSKPGGFRLRYGRSRASGFATWGINPATMILVDEFLAIGTQLKTERPGKGAV
VTPVTTIEGPIVKLKDGSVLRVDDYNLALKVREDVEEILYLGDAVIAFGDFVENNQTLLPANYCEEWWILEFVKALKEIY
EVHLEPFTENEEESIEEASDYLEIDPEFLKEMLRDPLRVKPPVELAIHFSEVLGIPLHPYYTLYWNSVEPKDVEKLWRLL
KNYAEIEWSNFRGIKFAKKIVISQEKLGDSKRTLELLGLPHTVRDGNVIVDYPWAAALLTPLGNLNWEFMAKPLYATIDI
INENNEIKLRDRGISWIGARMGRPEKAKERKMKPPVQVLFPIGLAGGSSRDIKKAAEEGKVAEVEIAFFKCPKCGHVGPE
HLCPNCGTRKELLWVCPRCNAEYPESQAEGYNYTCPKCNVKLRPYAKRKIRPSELLNRAMENVKVYGVDKLKGVMGMTSG
WKMPEPLEKGLLRAKNDVYVFKDGTIRFDATDAPITHFRPREIGVSVEKLRELGYTHDFEGKPLVSEDQIVELKPQDIIL
SKEAGRYLLKVAKFVDDLLEKFYGLPRFYNAEKMEDLIGHLVIGLAPHTSAGIVGRIIGFVDALVGYAHPYFHAAKRRNC
DGDEDAVMLLLDALLNFSRYYLPEKRGGKMDAPLVITTRLDPREVDSEVHNMDIVRYYPLEFYEATYELKSPKELVGVIE
RVEDRLGKPEMYYGLKFTHDTDDIALGPKMSLYKQLGDMEEKVRRQLEVAKRIRAVDEHGVAEKILNSHLIPDLRGNLRS
FTRQEFRCVKCNTKFRRPPLNGKCPVCGGKIVLTVSKGAIEKYLGTAKMLVTEYNVKNYTRQRICLTERDIDSLFENVFP
ETQLTLIVNPNDICQRLVMARTGEVNKSGLLENLSNGSKKTEKAEKAEKPRKKSDEKPKKKRVISLEEFFSRKSK
;
B
4 'polydeoxyribonucleotide' (DC)(DG)(DC)(DC)(DG)(DG)(DG)(DC)(DC)(DG)(DA)(DG)(DC)(DC)(DG)(DT)(DG)(DC) P
5 'polydeoxyribonucleotide'
;(DA)(DG)(DG)(DT)(DC)(DG)(DT)(DG)(DC)(DA)(DC)(DG)(DG)(DC)(DT)(DC)(DG)(DG)(DC)(DC)
(DC)(DG)(DG)(DC)(DG)
;
T
#
loop_
_chem_comp.id
_chem_comp.type
_chem_comp.name
_chem_comp.formula
DA DNA linking 2'-DEOXYADENOSINE-5'-MONOPHOSPHATE 'C10 H14 N5 O6 P'
DC DNA linking 2'-DEOXYCYTIDINE-5'-MONOPHOSPHATE 'C9 H14 N3 O7 P'
DG DNA linking 2'-DEOXYGUANOSINE-5'-MONOPHOSPHATE 'C10 H14 N5 O7 P'
DT DNA linking THYMIDINE-5'-MONOPHOSPHATE 'C10 H15 N2 O8 P'
FE non-polymer 'FE (III) ION' 'Fe 3'
ZN non-polymer 'ZINC ION' 'Zn 2'
#
# COMPACT_ATOMS: atom_id res chain seq x y z
N PRO A 14 -42.06 19.93 -33.96
CA PRO A 14 -41.38 21.10 -34.54
C PRO A 14 -41.84 22.41 -33.90
N PHE A 15 -41.37 22.68 -32.69
CA PHE A 15 -41.77 23.85 -31.94
C PHE A 15 -40.56 24.72 -31.63
N GLU A 16 -40.86 25.90 -31.07
CA GLU A 16 -39.85 26.74 -30.47
C GLU A 16 -40.48 27.45 -29.28
N ILE A 17 -39.68 27.72 -28.25
CA ILE A 17 -40.16 28.29 -27.01
C ILE A 17 -39.12 29.27 -26.50
N VAL A 18 -39.58 30.35 -25.88
CA VAL A 18 -38.68 31.39 -25.40
C VAL A 18 -39.10 31.78 -23.99
N PHE A 19 -38.23 31.51 -23.03
CA PHE A 19 -38.49 31.75 -21.62
C PHE A 19 -37.38 32.63 -21.06
N GLU A 20 -37.75 33.63 -20.28
CA GLU A 20 -36.78 34.53 -19.70
C GLU A 20 -36.45 34.12 -18.27
N GLY A 21 -35.29 34.55 -17.80
CA GLY A 21 -34.86 34.19 -16.46
C GLY A 21 -34.54 32.71 -16.41
N ALA A 22 -33.58 32.28 -17.22
CA ALA A 22 -33.26 30.87 -17.35
C ALA A 22 -32.81 30.27 -16.02
N LYS A 23 -32.21 31.09 -15.16
CA LYS A 23 -31.72 30.56 -13.89
C LYS A 23 -32.87 30.06 -13.03
N GLU A 24 -33.99 30.78 -13.02
CA GLU A 24 -35.17 30.33 -12.29
C GLU A 24 -35.65 28.99 -12.80
N PHE A 25 -35.89 28.90 -14.10
CA PHE A 25 -36.38 27.67 -14.70
C PHE A 25 -35.42 26.52 -14.42
N ALA A 26 -34.13 26.78 -14.49
CA ALA A 26 -33.15 25.75 -14.15
C ALA A 26 -33.29 25.34 -12.69
N GLN A 27 -33.63 26.29 -11.83
CA GLN A 27 -33.81 25.96 -10.42
C GLN A 27 -34.97 24.99 -10.24
N LEU A 28 -36.11 25.32 -10.83
CA LEU A 28 -37.25 24.43 -10.67
C LEU A 28 -37.01 23.08 -11.32
N ILE A 29 -36.36 23.05 -12.48
CA ILE A 29 -36.03 21.78 -13.11
C ILE A 29 -35.11 20.98 -12.22
N GLU A 30 -34.23 21.66 -11.49
CA GLU A 30 -33.44 20.99 -10.47
C GLU A 30 -34.33 20.37 -9.42
N THR A 31 -35.31 21.14 -8.95
CA THR A 31 -36.25 20.69 -7.94
C THR A 31 -36.89 19.38 -8.35
N ALA A 32 -37.42 19.35 -9.57
CA ALA A 32 -37.94 18.10 -10.10
C ALA A 32 -36.84 17.06 -10.22
N SER A 33 -35.61 17.52 -10.46
CA SER A 33 -34.52 16.59 -10.71
C SER A 33 -34.14 15.79 -9.48
N ARG A 34 -34.18 16.39 -8.30
CA ARG A 34 -33.65 15.71 -7.13
C ARG A 34 -34.47 14.52 -6.69
N LEU A 35 -35.58 14.22 -7.36
CA LEU A 35 -36.37 13.05 -7.01
C LEU A 35 -36.41 11.99 -8.09
N ILE A 36 -36.46 12.36 -9.36
CA ILE A 36 -36.52 11.40 -10.45
C ILE A 36 -35.32 11.63 -11.34
N ASP A 37 -35.00 10.62 -12.15
CA ASP A 37 -33.81 10.72 -12.99
C ASP A 37 -34.16 10.94 -14.45
N GLU A 38 -35.26 10.37 -14.93
CA GLU A 38 -35.75 10.65 -16.26
C GLU A 38 -37.21 11.08 -16.16
N ALA A 39 -37.71 11.67 -17.24
CA ALA A 39 -39.09 12.12 -17.27
C ALA A 39 -39.39 12.65 -18.66
N ALA A 40 -40.68 12.70 -18.97
CA ALA A 40 -41.17 13.15 -20.26
C ALA A 40 -41.94 14.44 -20.07
N PHE A 41 -41.88 15.31 -21.06
CA PHE A 41 -42.58 16.59 -21.03
C PHE A 41 -43.72 16.58 -22.03
N LYS A 42 -44.93 16.57 -21.51
CA LYS A 42 -46.13 16.59 -22.33
C LYS A 42 -46.32 18.04 -22.78
N VAL A 43 -45.74 18.37 -23.93
CA VAL A 43 -45.91 19.70 -24.49
C VAL A 43 -47.21 19.72 -25.27
N THR A 44 -48.09 20.64 -24.91
CA THR A 44 -49.31 20.89 -25.65
C THR A 44 -49.36 22.37 -25.98
N GLU A 45 -50.24 22.71 -26.92
CA GLU A 45 -50.40 24.11 -27.28
C GLU A 45 -50.95 24.93 -26.14
N GLU A 46 -51.60 24.30 -25.17
CA GLU A 46 -51.91 24.98 -23.91
C GLU A 46 -50.64 25.33 -23.17
N GLY A 47 -49.75 24.37 -22.97
CA GLY A 47 -48.53 24.63 -22.25
C GLY A 47 -47.66 23.40 -22.06
N ILE A 48 -46.55 23.55 -21.33
CA ILE A 48 -45.66 22.44 -21.03
C ILE A 48 -46.12 21.78 -19.76
N SER A 49 -46.17 20.47 -19.77
CA SER A 49 -46.64 19.73 -18.61
C SER A 49 -45.63 18.66 -18.24
N MET A 50 -45.56 18.36 -16.96
CA MET A 50 -44.75 17.27 -16.45
C MET A 50 -45.52 16.56 -15.36
N ARG A 51 -45.27 15.26 -15.24
CA ARG A 51 -45.93 14.46 -14.22
C ARG A 51 -45.17 13.15 -14.12
N ALA A 52 -44.68 12.83 -12.93
CA ALA A 52 -43.93 11.60 -12.77
C ALA A 52 -43.83 11.26 -11.29
N MET A 53 -43.29 10.08 -11.01
CA MET A 53 -43.23 9.58 -9.64
C MET A 53 -41.84 9.07 -9.38
N ASP A 54 -41.41 9.15 -8.13
CA ASP A 54 -40.12 8.64 -7.72
C ASP A 54 -40.00 7.15 -8.01
N PRO A 55 -38.78 6.62 -8.00
CA PRO A 55 -38.62 5.17 -8.06
C PRO A 55 -39.30 4.47 -6.90
N SER A 56 -39.20 5.05 -5.71
CA SER A 56 -39.74 4.45 -4.50
C SER A 56 -41.24 4.46 -4.46
N ARG A 57 -41.92 5.16 -5.37
CA ARG A 57 -43.36 5.26 -5.33
C ARG A 57 -43.82 5.89 -4.03
N VAL A 58 -43.16 6.97 -3.64
CA VAL A 58 -43.41 7.61 -2.36
C VAL A 58 -43.79 9.07 -2.57
N VAL A 59 -43.36 9.64 -3.69
CA VAL A 59 -43.62 11.03 -4.01
C VAL A 59 -44.06 11.14 -5.45
N LEU A 60 -44.94 12.09 -5.71
CA LEU A 60 -45.45 12.37 -7.04
C LEU A 60 -45.18 13.83 -7.36
N ILE A 61 -44.41 14.06 -8.41
CA ILE A 61 -44.12 15.42 -8.87
C ILE A 61 -45.06 15.75 -10.01
N ASP A 62 -45.78 16.86 -9.83
CA ASP A 62 -46.73 17.36 -10.82
C ASP A 62 -46.32 18.76 -11.20
N LEU A 63 -45.79 18.90 -12.41
CA LEU A 63 -45.40 20.17 -12.97
C LEU A 63 -46.45 20.63 -13.96
N ASN A 64 -46.85 21.89 -13.82
CA ASN A 64 -47.84 22.50 -14.70
C ASN A 64 -47.30 23.84 -15.17
N LEU A 65 -47.17 24.00 -16.48
CA LEU A 65 -46.63 25.21 -17.07
C LEU A 65 -47.59 25.75 -18.11
N PRO A 66 -48.39 26.77 -17.77
CA PRO A 66 -49.21 27.42 -18.77
C PRO A 66 -48.36 28.29 -19.69
N ALA A 67 -48.71 28.26 -20.97
CA ALA A 67 -47.93 28.92 -22.01
C ALA A 67 -47.73 30.40 -21.76
N SER A 68 -48.65 31.00 -21.01
CA SER A 68 -48.63 32.43 -20.71
C SER A 68 -47.31 32.88 -20.10
N ILE A 69 -46.71 32.04 -19.24
CA ILE A 69 -45.46 32.40 -18.58
C ILE A 69 -44.32 32.68 -19.55
N PHE A 70 -44.33 32.08 -20.73
CA PHE A 70 -43.23 32.20 -21.66
C PHE A 70 -43.31 33.52 -22.42
N SER A 71 -42.15 34.16 -22.58
CA SER A 71 -42.09 35.35 -23.40
C SER A 71 -42.47 35.06 -24.84
N LYS A 72 -42.21 33.86 -25.32
CA LYS A 72 -42.74 33.38 -26.59
C LYS A 72 -43.07 31.91 -26.43
N TYR A 73 -44.17 31.47 -27.02
CA TYR A 73 -44.60 30.09 -26.90
C TYR A 73 -45.09 29.66 -28.28
N GLU A 74 -44.35 28.79 -28.94
CA GLU A 74 -44.70 28.34 -30.28
C GLU A 74 -44.71 26.82 -30.31
N VAL A 75 -45.90 26.26 -30.21
CA VAL A 75 -46.10 24.82 -30.35
C VAL A 75 -46.99 24.59 -31.54
N ASP A 76 -46.63 23.60 -32.36
CA ASP A 76 -47.42 23.20 -33.51
C ASP A 76 -47.87 21.77 -33.28
N GLY A 77 -49.01 21.62 -32.62
CA GLY A 77 -49.49 20.30 -32.27
C GLY A 77 -49.24 19.99 -30.81
N GLU A 78 -48.99 18.74 -30.50
CA GLU A 78 -48.72 18.32 -29.12
C GLU A 78 -47.86 17.08 -29.17
N GLU A 79 -46.79 17.05 -28.38
CA GLU A 79 -45.88 15.93 -28.39
C GLU A 79 -45.22 15.78 -27.03
N THR A 80 -44.66 14.61 -26.81
CA THR A 80 -44.03 14.28 -25.53
C THR A 80 -42.52 14.22 -25.76
N ILE A 81 -41.79 14.97 -24.96
CA ILE A 81 -40.34 14.94 -25.00
C ILE A 81 -39.83 13.92 -24.01
N GLY A 82 -38.75 13.24 -24.36
CA GLY A 82 -38.13 12.34 -23.42
C GLY A 82 -36.68 12.70 -23.22
N VAL A 83 -36.32 13.16 -22.02
CA VAL A 83 -35.02 13.74 -21.77
C VAL A 83 -34.42 13.17 -20.50
N ASN A 84 -33.10 13.11 -20.48
CA ASN A 84 -32.35 12.75 -19.29
C ASN A 84 -32.35 13.95 -18.35
N MET A 85 -33.07 13.82 -17.23
CA MET A 85 -33.16 14.93 -16.28
C MET A 85 -31.79 15.33 -15.77
N ASP A 86 -30.86 14.38 -15.72
CA ASP A 86 -29.51 14.71 -15.27
C ASP A 86 -28.81 15.59 -16.29
N HIS A 87 -28.79 15.17 -17.54
CA HIS A 87 -28.12 15.96 -18.56
C HIS A 87 -28.75 17.33 -18.71
N LEU A 88 -30.08 17.37 -18.78
CA LEU A 88 -30.77 18.65 -18.82
C LEU A 88 -30.46 19.48 -17.58
N LYS A 89 -30.23 18.83 -16.45
CA LYS A 89 -29.97 19.57 -15.23
C LYS A 89 -28.60 20.24 -15.30
N LYS A 90 -27.60 19.50 -15.75
CA LYS A 90 -26.29 20.11 -15.95
C LYS A 90 -26.36 21.23 -16.98
N VAL A 91 -27.12 21.02 -18.04
CA VAL A 91 -27.20 22.03 -19.10
C VAL A 91 -27.84 23.31 -18.59
N LEU A 92 -29.09 23.21 -18.17
CA LEU A 92 -29.81 24.38 -17.67
C LEU A 92 -29.06 25.04 -16.53
N LYS A 93 -28.39 24.25 -15.70
CA LYS A 93 -27.59 24.79 -14.61
C LYS A 93 -26.47 25.69 -15.12
N ARG A 94 -26.09 25.57 -16.39
CA ARG A 94 -25.05 26.38 -16.94
C ARG A 94 -25.55 27.76 -17.36
N GLY A 95 -26.86 27.97 -17.35
CA GLY A 95 -27.42 29.29 -17.59
C GLY A 95 -27.22 30.14 -16.37
N LYS A 96 -27.45 31.44 -16.51
CA LYS A 96 -27.27 32.36 -15.40
C LYS A 96 -28.50 33.24 -15.24
N ALA A 97 -28.33 34.27 -14.41
CA ALA A 97 -29.38 35.09 -13.79
C ALA A 97 -30.39 35.53 -14.85
N LYS A 98 -29.98 36.19 -15.92
CA LYS A 98 -30.93 36.88 -16.79
C LYS A 98 -30.81 36.43 -18.25
N GLU A 99 -29.85 35.57 -18.58
CA GLU A 99 -29.69 35.14 -19.96
C GLU A 99 -30.93 34.39 -20.42
N THR A 100 -31.27 34.56 -21.69
CA THR A 100 -32.54 34.07 -22.21
C THR A 100 -32.45 32.61 -22.62
N LEU A 101 -33.51 31.86 -22.32
CA LEU A 101 -33.61 30.45 -22.63
C LEU A 101 -34.51 30.24 -23.83
N ILE A 102 -34.11 29.34 -24.72
CA ILE A 102 -34.87 28.99 -25.90
C ILE A 102 -34.85 27.48 -26.07
N LEU A 103 -35.98 26.91 -26.48
CA LEU A 103 -36.12 25.48 -26.65
C LEU A 103 -36.70 25.19 -28.03
N ARG A 104 -35.90 24.57 -28.88
CA ARG A 104 -36.28 24.39 -30.27
C ARG A 104 -36.25 22.91 -30.62
N LYS A 105 -37.17 22.50 -31.48
CA LYS A 105 -37.18 21.11 -31.92
C LYS A 105 -37.79 21.03 -33.31
N GLY A 106 -37.05 20.44 -34.24
CA GLY A 106 -37.54 20.26 -35.58
C GLY A 106 -37.80 18.81 -35.91
N GLU A 107 -37.37 18.40 -37.10
CA GLU A 107 -37.60 17.02 -37.53
C GLU A 107 -36.80 16.03 -36.72
N GLU A 108 -35.49 16.26 -36.60
CA GLU A 108 -34.58 15.29 -36.02
C GLU A 108 -34.92 15.04 -34.55
N ASN A 109 -34.30 13.99 -34.00
CA ASN A 109 -34.60 13.56 -32.64
C ASN A 109 -33.64 14.22 -31.67
N PHE A 110 -33.62 15.54 -31.70
CA PHE A 110 -32.78 16.32 -30.81
C PHE A 110 -33.58 17.49 -30.25
N LEU A 111 -33.20 17.92 -29.06
CA LEU A 111 -33.70 19.16 -28.49
C LEU A 111 -32.58 20.19 -28.47
N GLU A 112 -32.86 21.37 -28.99
CA GLU A 112 -31.86 22.43 -29.09
C GLU A 112 -32.14 23.48 -28.03
N ILE A 113 -31.21 23.65 -27.10
CA ILE A 113 -31.32 24.63 -26.04
C ILE A 113 -30.43 25.81 -26.38
N SER A 114 -31.01 27.00 -26.46
CA SER A 114 -30.27 28.19 -26.84
C SER A 114 -30.25 29.15 -25.67
N LEU A 115 -29.07 29.32 -25.08
CA LEU A 115 -28.84 30.30 -24.03
C LEU A 115 -28.23 31.54 -24.65
N GLN A 116 -29.00 32.59 -24.74
CA GLN A 116 -28.52 33.83 -25.34
C GLN A 116 -28.65 34.95 -24.33
N GLY A 117 -27.50 35.34 -23.75
CA GLY A 117 -27.44 36.55 -22.96
C GLY A 117 -26.50 37.56 -23.60
N THR A 118 -25.29 37.64 -23.08
CA THR A 118 -24.24 38.38 -23.77
C THR A 118 -23.95 37.77 -25.13
N ALA A 119 -24.10 36.45 -25.25
CA ALA A 119 -23.87 35.77 -26.51
C ALA A 119 -24.88 34.64 -26.62
N THR A 120 -24.87 33.99 -27.78
CA THR A 120 -25.70 32.82 -28.01
C THR A 120 -24.87 31.56 -27.86
N ARG A 121 -25.45 30.57 -27.20
CA ARG A 121 -24.83 29.27 -27.03
C ARG A 121 -25.87 28.20 -27.30
N THR A 122 -25.51 27.21 -28.11
CA THR A 122 -26.46 26.22 -28.55
C THR A 122 -26.02 24.85 -28.08
N PHE A 123 -26.95 24.13 -27.46
CA PHE A 123 -26.73 22.77 -27.02
C PHE A 123 -27.75 21.87 -27.69
N LYS A 124 -27.40 20.60 -27.85
CA LYS A 124 -28.34 19.63 -28.38
C LYS A 124 -28.36 18.39 -27.51
N LEU A 125 -29.56 17.90 -27.25
CA LEU A 125 -29.80 16.81 -26.33
C LEU A 125 -30.57 15.72 -27.07
N PRO A 126 -30.01 14.53 -27.20
CA PRO A 126 -30.75 13.44 -27.83
C PRO A 126 -31.92 13.04 -26.96
N LEU A 127 -33.11 13.10 -27.52
CA LEU A 127 -34.29 12.74 -26.74
C LEU A 127 -34.30 11.24 -26.51
N ILE A 128 -34.86 10.85 -25.36
CA ILE A 128 -34.84 9.47 -24.91
C ILE A 128 -36.27 9.01 -24.72
N ASP A 129 -36.57 7.78 -25.12
CA ASP A 129 -37.89 7.25 -24.88
C ASP A 129 -38.11 7.00 -23.41
N VAL A 130 -39.29 7.36 -22.94
CA VAL A 130 -39.68 7.20 -21.54
C VAL A 130 -40.94 6.37 -21.49
N GLU A 131 -40.84 5.20 -20.88
CA GLU A 131 -42.04 4.40 -20.65
C GLU A 131 -42.92 5.12 -19.64
N GLU A 132 -44.05 5.62 -20.12
CA GLU A 132 -44.94 6.44 -19.32
C GLU A 132 -45.85 5.56 -18.47
N ILE A 133 -45.83 5.79 -17.17
CA ILE A 133 -46.78 5.18 -16.24
C ILE A 133 -47.63 6.30 -15.66
N GLU A 134 -48.77 6.56 -16.29
CA GLU A 134 -49.64 7.66 -15.91
C GLU A 134 -50.50 7.26 -14.74
N VAL A 135 -50.37 7.98 -13.64
CA VAL A 135 -51.27 7.85 -12.49
C VAL A 135 -51.72 9.24 -12.10
N ASP A 136 -52.91 9.63 -12.53
CA ASP A 136 -53.49 10.91 -12.19
C ASP A 136 -54.30 10.76 -10.92
N LEU A 137 -54.04 11.63 -9.95
CA LEU A 137 -54.64 11.53 -8.64
C LEU A 137 -55.26 12.86 -8.31
N PRO A 138 -56.55 13.01 -8.56
CA PRO A 138 -57.21 14.30 -8.32
C PRO A 138 -57.40 14.57 -6.83
N GLU A 139 -58.18 15.60 -6.53
CA GLU A 139 -58.43 16.00 -5.15
C GLU A 139 -58.88 14.82 -4.29
N LEU A 140 -58.41 14.80 -3.05
CA LEU A 140 -58.60 13.69 -2.14
C LEU A 140 -59.00 14.25 -0.79
N PRO A 141 -59.40 13.40 0.16
CA PRO A 141 -59.92 13.94 1.43
C PRO A 141 -58.80 14.54 2.26
N PHE A 142 -58.71 15.87 2.24
CA PHE A 142 -57.61 16.56 2.91
C PHE A 142 -58.18 17.35 4.07
N THR A 143 -57.95 16.85 5.28
CA THR A 143 -58.57 17.40 6.47
C THR A 143 -58.14 18.84 6.70
N ALA A 144 -56.84 19.09 6.69
CA ALA A 144 -56.31 20.41 6.95
C ALA A 144 -55.57 20.92 5.73
N LYS A 145 -55.48 22.25 5.66
CA LYS A 145 -54.91 22.93 4.49
C LYS A 145 -54.32 24.24 4.99
N VAL A 146 -53.01 24.42 4.78
CA VAL A 146 -52.28 25.54 5.37
C VAL A 146 -51.38 26.16 4.31
N VAL A 147 -51.25 27.48 4.36
CA VAL A 147 -50.28 28.22 3.56
C VAL A 147 -49.22 28.76 4.52
N ILE A 148 -47.98 28.79 4.06
CA ILE A 148 -46.88 29.18 4.93
C ILE A 148 -45.72 29.67 4.10
N LEU A 149 -44.94 30.60 4.66
CA LEU A 149 -43.77 31.10 3.96
C LEU A 149 -42.77 29.98 3.72
N GLY A 150 -41.92 30.17 2.71
CA GLY A 150 -41.01 29.10 2.34
C GLY A 150 -39.97 28.83 3.41
N ASP A 151 -39.25 29.86 3.83
CA ASP A 151 -38.13 29.65 4.72
C ASP A 151 -38.59 29.09 6.06
N VAL A 152 -39.85 29.29 6.42
CA VAL A 152 -40.38 28.69 7.63
C VAL A 152 -40.24 27.17 7.56
N ILE A 153 -40.84 26.58 6.52
CA ILE A 153 -40.79 25.13 6.39
C ILE A 153 -39.37 24.67 6.12
N LYS A 154 -38.60 25.46 5.37
CA LYS A 154 -37.24 25.03 5.05
C LYS A 154 -36.40 24.93 6.31
N GLU A 155 -36.42 25.98 7.13
CA GLU A 155 -35.80 25.95 8.45
C GLU A 155 -36.29 24.76 9.26
N ALA A 156 -37.61 24.55 9.25
CA ALA A 156 -38.20 23.51 10.09
C ALA A 156 -37.66 22.14 9.70
N VAL A 157 -37.72 21.80 8.42
CA VAL A 157 -37.19 20.52 7.96
C VAL A 157 -35.73 20.40 8.30
N LYS A 158 -34.96 21.47 8.11
CA LYS A 158 -33.54 21.39 8.42
C LYS A 158 -33.34 21.13 9.91
N ASP A 159 -34.29 21.59 10.72
CA ASP A 159 -34.20 21.35 12.15
C ASP A 159 -34.50 19.89 12.47
N ALA A 160 -35.56 19.35 11.89
CA ALA A 160 -35.90 17.96 12.12
C ALA A 160 -34.82 17.03 11.60
N SER A 161 -33.98 17.51 10.68
CA SER A 161 -32.86 16.71 10.23
C SER A 161 -31.91 16.39 11.37
N LEU A 162 -31.88 17.22 12.41
CA LEU A 162 -30.96 16.98 13.51
C LEU A 162 -31.32 15.73 14.29
N VAL A 163 -32.58 15.59 14.68
CA VAL A 163 -32.96 14.62 15.69
C VAL A 163 -33.53 13.34 15.11
N SER A 164 -34.07 13.33 13.90
CA SER A 164 -34.70 12.12 13.41
C SER A 164 -34.72 12.12 11.89
N ASP A 165 -35.36 11.09 11.35
CA ASP A 165 -35.52 10.92 9.92
C ASP A 165 -36.98 10.95 9.49
N SER A 166 -37.90 11.13 10.42
CA SER A 166 -39.31 11.17 10.11
C SER A 166 -39.94 12.35 10.82
N MET A 167 -40.41 13.32 10.06
CA MET A 167 -40.95 14.54 10.62
C MET A 167 -42.47 14.42 10.72
N LYS A 168 -42.98 14.73 11.91
CA LYS A 168 -44.39 14.60 12.20
C LYS A 168 -45.06 15.95 12.16
N PHE A 169 -46.22 15.99 11.52
CA PHE A 169 -47.00 17.22 11.36
C PHE A 169 -48.29 17.10 12.14
N ILE A 170 -48.67 18.19 12.79
CA ILE A 170 -49.86 18.23 13.63
C ILE A 170 -50.59 19.54 13.34
N ALA A 171 -51.82 19.42 12.88
CA ALA A 171 -52.64 20.56 12.53
C ALA A 171 -53.84 20.59 13.46
N LYS A 172 -53.91 21.62 14.29
CA LYS A 172 -55.04 21.84 15.18
C LYS A 172 -55.70 23.16 14.84
N GLU A 173 -56.82 23.41 15.51
CA GLU A 173 -57.66 24.56 15.20
C GLU A 173 -56.89 25.86 15.36
N ASN A 174 -56.68 26.55 14.24
CA ASN A 174 -56.00 27.82 14.16
C ASN A 174 -54.55 27.71 14.57
N GLU A 175 -53.97 26.52 14.58
CA GLU A 175 -52.59 26.34 15.02
C GLU A 175 -51.95 25.21 14.22
N PHE A 176 -50.75 25.50 13.72
CA PHE A 176 -49.98 24.52 12.97
C PHE A 176 -48.69 24.26 13.73
N THR A 177 -48.42 23.00 14.01
CA THR A 177 -47.24 22.64 14.77
C THR A 177 -46.54 21.47 14.09
N MET A 178 -45.22 21.53 14.06
CA MET A 178 -44.39 20.47 13.52
C MET A 178 -43.53 19.94 14.65
N ARG A 179 -43.07 18.70 14.51
CA ARG A 179 -42.25 18.11 15.55
C ARG A 179 -41.58 16.84 15.09
N ALA A 180 -40.58 16.43 15.85
CA ALA A 180 -39.83 15.24 15.54
C ALA A 180 -39.05 14.86 16.79
N GLU A 181 -38.89 13.57 17.00
CA GLU A 181 -38.22 13.08 18.19
C GLU A 181 -37.35 11.89 17.80
N GLY A 182 -36.17 11.82 18.40
CA GLY A 182 -35.24 10.74 18.14
C GLY A 182 -35.03 9.84 19.32
N GLU A 183 -33.80 9.79 19.82
CA GLU A 183 -33.47 8.97 20.98
C GLU A 183 -33.63 9.74 22.28
N THR A 184 -33.15 10.97 22.29
CA THR A 184 -33.25 11.82 23.48
C THR A 184 -33.59 13.26 23.10
N GLN A 185 -33.13 13.69 21.93
CA GLN A 185 -33.39 15.04 21.46
C GLN A 185 -34.85 15.21 21.01
N GLU A 186 -35.39 16.40 21.21
CA GLU A 186 -36.77 16.68 20.83
C GLU A 186 -36.82 17.99 20.09
N VAL A 187 -37.59 18.03 19.01
CA VAL A 187 -37.68 19.21 18.18
C VAL A 187 -39.13 19.55 17.97
N GLU A 188 -39.46 20.82 18.20
CA GLU A 188 -40.83 21.28 18.06
C GLU A 188 -40.83 22.66 17.43
N VAL A 189 -41.79 22.87 16.54
CA VAL A 189 -41.95 24.15 15.84
C VAL A 189 -43.45 24.44 15.80
N LYS A 190 -43.91 25.33 16.67
CA LYS A 190 -45.30 25.73 16.62
C LYS A 190 -45.44 27.11 16.00
N LEU A 191 -46.60 27.35 15.40
CA LEU A 191 -46.92 28.68 14.88
C LEU A 191 -48.38 28.70 14.49
N THR A 192 -49.01 29.85 14.60
CA THR A 192 -50.42 30.00 14.31
C THR A 192 -50.65 31.19 13.38
N LEU A 193 -51.92 31.49 13.13
CA LEU A 193 -52.26 32.65 12.31
C LEU A 193 -51.71 33.93 12.91
N GLU A 194 -51.70 34.03 14.24
CA GLU A 194 -51.13 35.19 14.91
C GLU A 194 -49.68 35.39 14.50
N ASP A 195 -48.94 34.30 14.36
CA ASP A 195 -47.54 34.41 13.99
C ASP A 195 -47.41 34.91 12.56
N GLU A 196 -46.25 35.50 12.26
CA GLU A 196 -46.07 36.13 10.97
C GLU A 196 -45.98 35.13 9.85
N GLY A 197 -45.18 34.08 10.01
CA GLY A 197 -44.92 33.18 8.91
C GLY A 197 -46.09 32.33 8.48
N LEU A 198 -47.14 32.25 9.29
CA LEU A 198 -48.29 31.40 8.99
C LEU A 198 -49.34 32.28 8.32
N LEU A 199 -49.32 32.29 6.99
CA LEU A 199 -50.21 33.16 6.24
C LEU A 199 -51.68 32.74 6.42
N ASP A 200 -51.94 31.44 6.38
CA ASP A 200 -53.29 30.94 6.46
C ASP A 200 -53.31 29.58 7.13
N ILE A 201 -54.45 29.28 7.75
CA ILE A 201 -54.75 27.94 8.22
C ILE A 201 -56.23 27.67 7.93
N GLU A 202 -56.52 26.48 7.41
CA GLU A 202 -57.89 26.03 7.19
C GLU A 202 -58.09 24.71 7.93
N VAL A 203 -58.50 24.83 9.18
CA VAL A 203 -58.67 23.68 10.05
C VAL A 203 -60.08 23.14 9.91
N GLN A 204 -60.20 21.93 9.37
CA GLN A 204 -61.45 21.19 9.45
C GLN A 204 -61.56 20.41 10.75
N GLU A 205 -60.47 19.79 11.18
CA GLU A 205 -60.40 19.10 12.45
C GLU A 205 -58.95 18.69 12.70
N GLU A 206 -58.73 17.89 13.74
CA GLU A 206 -57.40 17.41 14.09
C GLU A 206 -56.76 16.58 12.98
N THR A 207 -55.58 17.00 12.52
CA THR A 207 -54.85 16.22 11.54
C THR A 207 -53.46 15.94 12.09
N LYS A 208 -52.92 14.76 11.76
CA LYS A 208 -51.58 14.37 12.19
C LYS A 208 -51.03 13.41 11.16
N SER A 209 -49.73 13.54 10.86
CA SER A 209 -49.09 12.61 9.96
C SER A 209 -47.60 12.58 10.24
N ALA A 210 -46.90 11.75 9.47
CA ALA A 210 -45.45 11.67 9.54
C ALA A 210 -44.95 11.46 8.13
N TYR A 211 -43.76 11.97 7.85
CA TYR A 211 -43.23 11.93 6.50
C TYR A 211 -41.72 11.78 6.55
N GLY A 212 -41.16 11.26 5.46
CA GLY A 212 -39.73 11.04 5.38
C GLY A 212 -39.01 12.36 5.29
N ILE A 213 -38.19 12.63 6.30
CA ILE A 213 -37.48 13.91 6.34
C ILE A 213 -36.58 14.05 5.14
N SER A 214 -36.05 12.94 4.63
CA SER A 214 -35.24 13.00 3.42
C SER A 214 -36.04 13.56 2.27
N TYR A 215 -37.20 12.98 2.01
CA TYR A 215 -38.03 13.43 0.90
C TYR A 215 -38.42 14.89 1.05
N LEU A 216 -38.76 15.30 2.27
CA LEU A 216 -39.07 16.71 2.49
C LEU A 216 -37.88 17.57 2.16
N SER A 217 -36.69 17.14 2.54
CA SER A 217 -35.49 17.91 2.23
C SER A 217 -35.31 18.04 0.72
N ASP A 218 -35.58 16.97 -0.02
CA ASP A 218 -35.57 17.09 -1.47
C ASP A 218 -36.63 18.06 -1.94
N MET A 219 -37.73 18.17 -1.20
CA MET A 219 -38.81 19.02 -1.63
C MET A 219 -38.46 20.49 -1.46
N VAL A 220 -38.20 20.91 -0.23
CA VAL A 220 -38.20 22.33 0.09
C VAL A 220 -36.92 23.04 -0.29
N LYS A 221 -35.86 22.32 -0.65
CA LYS A 221 -34.67 23.00 -1.13
C LYS A 221 -35.01 23.80 -2.38
N GLY A 222 -34.45 25.00 -2.45
CA GLY A 222 -34.90 25.92 -3.48
C GLY A 222 -36.14 26.67 -3.06
N LEU A 223 -36.07 27.37 -1.93
CA LEU A 223 -37.16 28.20 -1.45
C LEU A 223 -36.59 29.37 -0.69
N GLY A 224 -36.90 30.58 -1.16
CA GLY A 224 -36.52 31.79 -0.49
C GLY A 224 -37.62 32.18 0.50
N LYS A 225 -37.33 33.22 1.26
CA LYS A 225 -38.32 33.71 2.22
C LYS A 225 -39.60 34.15 1.51
N ALA A 226 -39.45 34.70 0.29
CA ALA A 226 -40.59 35.15 -0.49
C ALA A 226 -41.09 33.97 -1.33
N ASP A 227 -41.54 32.94 -0.62
CA ASP A 227 -42.09 31.74 -1.26
C ASP A 227 -43.26 31.27 -0.41
N GLU A 228 -44.46 31.27 -0.98
CA GLU A 228 -45.65 30.79 -0.31
C GLU A 228 -45.91 29.35 -0.70
N VAL A 229 -46.27 28.52 0.27
CA VAL A 229 -46.43 27.09 0.06
C VAL A 229 -47.77 26.64 0.60
N THR A 230 -48.42 25.76 -0.14
CA THR A 230 -49.70 25.18 0.25
C THR A 230 -49.49 23.74 0.67
N ILE A 231 -50.26 23.30 1.65
CA ILE A 231 -50.11 21.98 2.26
C ILE A 231 -51.49 21.45 2.60
N LYS A 232 -51.95 20.44 1.87
CA LYS A 232 -53.21 19.79 2.19
C LYS A 232 -52.92 18.37 2.64
N PHE A 233 -53.65 17.89 3.64
CA PHE A 233 -53.38 16.54 4.14
C PHE A 233 -54.37 16.16 5.22
N GLY A 234 -54.45 14.86 5.49
CA GLY A 234 -55.33 14.33 6.50
C GLY A 234 -54.61 13.33 7.39
N ASN A 235 -55.36 12.85 8.39
CA ASN A 235 -54.82 11.94 9.39
C ASN A 235 -54.29 10.68 8.72
N GLU A 236 -52.98 10.49 8.80
CA GLU A 236 -52.30 9.33 8.25
C GLU A 236 -52.64 9.14 6.78
N MET A 237 -52.20 10.08 5.97
CA MET A 237 -52.42 10.04 4.54
C MET A 237 -51.45 11.02 3.88
N PRO A 238 -51.26 10.92 2.57
CA PRO A 238 -50.20 11.69 1.92
C PRO A 238 -50.46 13.19 2.00
N MET A 239 -49.38 13.94 2.16
CA MET A 239 -49.41 15.38 1.97
C MET A 239 -49.43 15.72 0.48
N GLN A 240 -50.07 16.85 0.17
CA GLN A 240 -49.90 17.49 -1.13
C GLN A 240 -49.40 18.89 -0.90
N MET A 241 -48.21 19.17 -1.40
CA MET A 241 -47.58 20.48 -1.32
C MET A 241 -47.71 21.16 -2.66
N GLU A 242 -47.76 22.49 -2.64
CA GLU A 242 -47.90 23.24 -3.88
C GLU A 242 -47.21 24.57 -3.72
N TYR A 243 -46.71 25.11 -4.82
CA TYR A 243 -46.28 26.50 -4.81
C TYR A 243 -46.18 26.98 -6.24
N TYR A 244 -46.50 28.26 -6.44
CA TYR A 244 -46.66 28.83 -7.76
C TYR A 244 -45.31 29.28 -8.31
N ILE A 245 -45.25 29.43 -9.61
CA ILE A 245 -44.02 29.79 -10.32
C ILE A 245 -44.36 30.89 -11.30
N ARG A 246 -43.96 32.12 -10.97
CA ARG A 246 -44.35 33.29 -11.74
C ARG A 246 -45.86 33.46 -11.74
N ASP A 247 -46.51 32.91 -10.70
CA ASP A 247 -47.91 33.20 -10.39
C ASP A 247 -48.88 32.50 -11.34
N GLU A 248 -48.35 31.81 -12.34
CA GLU A 248 -49.21 31.08 -13.26
C GLU A 248 -49.05 29.57 -13.15
N GLY A 249 -47.85 29.07 -13.35
CA GLY A 249 -47.63 27.63 -13.34
C GLY A 249 -46.95 27.21 -12.07
N ARG A 250 -47.64 26.36 -11.31
CA ARG A 250 -47.19 25.97 -9.99
C ARG A 250 -46.87 24.48 -9.99
N LEU A 251 -46.04 24.09 -9.02
CA LEU A 251 -45.62 22.71 -8.89
C LEU A 251 -46.26 22.11 -7.65
N ILE A 252 -46.54 20.82 -7.71
CA ILE A 252 -47.28 20.14 -6.65
C ILE A 252 -46.66 18.77 -6.40
N PHE A 253 -46.25 18.52 -5.16
CA PHE A 253 -45.68 17.25 -4.75
C PHE A 253 -46.73 16.48 -3.96
N LEU A 254 -46.64 15.17 -3.98
CA LEU A 254 -47.57 14.31 -3.26
C LEU A 254 -46.78 13.24 -2.52
N LEU A 255 -46.70 13.37 -1.21
CA LEU A 255 -45.81 12.55 -0.40
C LEU A 255 -46.62 11.58 0.45
N ALA A 256 -46.39 10.29 0.29
CA ALA A 256 -47.05 9.30 1.12
C ALA A 256 -46.49 9.35 2.54
N PRO A 257 -47.35 9.22 3.54
CA PRO A 257 -46.89 9.22 4.93
C PRO A 257 -46.19 7.92 5.29
N ARG A 258 -45.83 7.77 6.56
CA ARG A 258 -45.22 6.55 7.07
C ARG A 258 -46.12 5.87 8.09
N VAL A 259 -45.73 4.65 8.46
CA VAL A 259 -46.41 3.87 9.47
C VAL A 259 -47.84 3.61 9.03
N ASN B 196 -2.40 -15.01 -59.47
CA ASN B 196 -3.76 -14.64 -59.13
C ASN B 196 -4.04 -14.81 -57.64
N TYR B 197 -3.44 -13.94 -56.83
CA TYR B 197 -3.63 -13.96 -55.39
C TYR B 197 -4.51 -12.81 -54.99
N GLU B 198 -4.96 -12.82 -53.74
CA GLU B 198 -5.70 -11.68 -53.23
C GLU B 198 -5.72 -11.72 -51.71
N VAL B 199 -5.31 -10.60 -51.11
CA VAL B 199 -5.32 -10.48 -49.66
C VAL B 199 -6.74 -10.13 -49.24
N LYS B 200 -7.58 -11.16 -49.07
CA LYS B 200 -8.99 -10.87 -48.87
C LYS B 200 -9.23 -10.19 -47.55
N PHE B 201 -8.94 -10.87 -46.43
CA PHE B 201 -9.25 -10.29 -45.14
C PHE B 201 -7.97 -9.97 -44.40
N ASP B 202 -7.94 -8.77 -43.84
CA ASP B 202 -6.77 -8.16 -43.23
C ASP B 202 -7.23 -7.15 -42.20
N VAL B 203 -6.58 -7.14 -41.04
CA VAL B 203 -7.11 -6.34 -39.94
C VAL B 203 -6.70 -4.88 -40.10
N ARG B 204 -5.66 -4.61 -40.88
CA ARG B 204 -5.43 -3.22 -41.29
C ARG B 204 -6.52 -2.73 -42.22
N GLN B 205 -7.06 -3.65 -43.02
CA GLN B 205 -8.07 -3.34 -44.02
C GLN B 205 -9.35 -2.77 -43.42
N VAL B 206 -9.63 -3.03 -42.15
CA VAL B 206 -10.83 -2.51 -41.49
C VAL B 206 -10.36 -1.49 -40.46
N LYS B 207 -11.21 -0.50 -40.18
CA LYS B 207 -10.89 0.57 -39.26
C LYS B 207 -11.91 0.60 -38.13
N LEU B 208 -11.42 0.87 -36.92
CA LEU B 208 -12.23 0.87 -35.71
C LEU B 208 -12.18 2.24 -35.07
N ARG B 209 -13.23 2.62 -34.37
CA ARG B 209 -13.29 3.95 -33.78
C ARG B 209 -13.75 3.88 -32.34
N PRO B 210 -12.97 4.39 -31.40
CA PRO B 210 -13.32 4.33 -29.99
C PRO B 210 -14.44 5.30 -29.69
N PRO B 211 -15.45 4.82 -28.97
CA PRO B 211 -16.60 5.64 -28.58
C PRO B 211 -16.43 6.27 -27.20
N LYS B 212 -16.02 7.54 -27.18
CA LYS B 212 -15.81 8.25 -25.92
C LYS B 212 -17.13 8.42 -25.17
N VAL B 213 -17.05 8.31 -23.84
CA VAL B 213 -18.24 8.45 -23.01
C VAL B 213 -18.31 9.84 -22.37
N GLY B 218 -13.32 11.82 -16.40
CA GLY B 218 -11.89 11.96 -16.58
C GLY B 218 -11.17 10.62 -16.56
N LYS B 219 -11.77 9.68 -15.85
CA LYS B 219 -11.24 8.33 -15.72
C LYS B 219 -11.21 7.55 -17.04
N GLU B 220 -10.01 7.09 -17.37
CA GLU B 220 -9.71 6.29 -18.56
C GLU B 220 -10.32 4.91 -18.57
N GLY B 221 -10.42 4.30 -17.39
CA GLY B 221 -10.95 2.96 -17.23
C GLY B 221 -12.37 2.81 -17.72
N GLU B 222 -13.18 3.83 -17.51
CA GLU B 222 -14.56 3.80 -17.97
C GLU B 222 -14.55 3.64 -19.49
N ILE B 223 -13.61 4.29 -20.18
CA ILE B 223 -13.58 4.14 -21.64
C ILE B 223 -13.23 2.73 -22.07
N ILE B 224 -12.32 2.08 -21.35
CA ILE B 224 -11.93 0.71 -21.66
C ILE B 224 -13.12 -0.23 -21.47
N VAL B 225 -13.47 -0.46 -20.21
CA VAL B 225 -14.60 -1.32 -19.87
C VAL B 225 -15.66 -1.29 -20.93
N GLU B 226 -16.09 -0.10 -21.30
CA GLU B 226 -16.90 0.09 -22.49
C GLU B 226 -16.31 -0.60 -23.70
N ALA B 227 -14.98 -0.57 -23.86
CA ALA B 227 -14.39 -1.10 -25.08
C ALA B 227 -14.53 -2.61 -25.17
N TYR B 228 -14.26 -3.30 -24.07
CA TYR B 228 -14.53 -4.74 -24.06
C TYR B 228 -16.00 -5.02 -24.27
N ALA B 229 -16.86 -4.23 -23.63
CA ALA B 229 -18.30 -4.39 -23.85
C ALA B 229 -18.63 -4.33 -25.33
N SER B 230 -18.07 -3.36 -26.04
CA SER B 230 -18.28 -3.29 -27.47
C SER B 230 -17.73 -4.52 -28.17
N LEU B 231 -16.60 -5.04 -27.67
CA LEU B 231 -16.01 -6.23 -28.29
C LEU B 231 -16.98 -7.40 -28.28
N PHE B 232 -17.44 -7.79 -27.10
CA PHE B 232 -18.39 -8.87 -27.03
C PHE B 232 -19.68 -8.53 -27.76
N LYS B 233 -20.01 -7.24 -27.83
CA LYS B 233 -21.16 -6.81 -28.61
C LYS B 233 -21.03 -7.25 -30.05
N SER B 234 -19.97 -6.81 -30.73
CA SER B 234 -19.81 -7.14 -32.13
C SER B 234 -19.67 -8.65 -32.31
N ARG B 235 -19.13 -9.33 -31.31
CA ARG B 235 -19.16 -10.79 -31.32
C ARG B 235 -20.58 -11.30 -31.46
N LEU B 236 -21.43 -10.91 -30.50
CA LEU B 236 -22.78 -11.47 -30.42
C LEU B 236 -23.56 -11.14 -31.69
N SER B 237 -23.39 -9.94 -32.22
CA SER B 237 -24.03 -9.61 -33.49
C SER B 237 -23.53 -10.50 -34.61
N LYS B 238 -22.22 -10.65 -34.74
CA LYS B 238 -21.70 -11.38 -35.88
C LYS B 238 -22.14 -12.84 -35.85
N LEU B 239 -21.83 -13.55 -34.76
CA LEU B 239 -22.18 -14.96 -34.67
C LEU B 239 -23.69 -15.16 -34.68
N LYS B 240 -24.43 -14.27 -34.03
CA LYS B 240 -25.87 -14.32 -34.09
C LYS B 240 -26.36 -14.30 -35.53
N ARG B 241 -25.89 -13.33 -36.31
CA ARG B 241 -26.26 -13.27 -37.72
C ARG B 241 -25.92 -14.57 -38.43
N ILE B 242 -24.76 -15.15 -38.13
CA ILE B 242 -24.37 -16.37 -38.81
C ILE B 242 -25.31 -17.52 -38.46
N LEU B 243 -25.69 -17.64 -37.19
CA LEU B 243 -26.65 -18.68 -36.84
C LEU B 243 -27.99 -18.43 -37.53
N ARG B 244 -28.44 -17.18 -37.57
CA ARG B 244 -29.71 -16.86 -38.23
C ARG B 244 -29.64 -17.01 -39.74
N GLU B 245 -28.47 -17.29 -40.30
CA GLU B 245 -28.44 -17.75 -41.67
C GLU B 245 -28.65 -19.25 -41.81
N ASN B 246 -29.15 -19.91 -40.77
CA ASN B 246 -29.38 -21.35 -40.81
C ASN B 246 -30.85 -21.63 -41.11
N PRO B 247 -31.15 -22.51 -42.08
CA PRO B 247 -32.55 -22.90 -42.30
C PRO B 247 -33.19 -23.64 -41.12
N GLU B 248 -32.49 -24.61 -40.54
CA GLU B 248 -33.02 -25.36 -39.40
C GLU B 248 -33.34 -24.47 -38.22
N ILE B 249 -32.69 -23.30 -38.13
CA ILE B 249 -32.89 -22.39 -37.02
C ILE B 249 -34.02 -21.44 -37.39
N SER B 250 -35.17 -21.61 -36.75
CA SER B 250 -36.31 -20.71 -36.94
C SER B 250 -36.95 -20.45 -35.59
N ASN B 251 -37.79 -19.42 -35.56
CA ASN B 251 -38.44 -18.99 -34.32
C ASN B 251 -37.39 -18.54 -33.32
N VAL B 252 -36.59 -17.57 -33.72
CA VAL B 252 -35.62 -16.97 -32.82
C VAL B 252 -36.34 -15.93 -31.97
N VAL B 253 -35.92 -15.79 -30.71
CA VAL B 253 -36.57 -14.90 -29.77
C VAL B 253 -35.51 -14.28 -28.86
N ASP B 254 -35.80 -13.08 -28.36
CA ASP B 254 -34.98 -12.54 -27.26
C ASP B 254 -35.11 -13.44 -26.04
N ILE B 255 -34.01 -13.58 -25.31
CA ILE B 255 -34.06 -14.34 -24.07
C ILE B 255 -34.87 -13.60 -23.01
N GLY B 256 -34.71 -12.28 -22.92
CA GLY B 256 -35.51 -11.51 -21.99
C GLY B 256 -37.01 -11.61 -22.20
N LYS B 257 -37.46 -11.94 -23.42
CA LYS B 257 -38.87 -12.10 -23.72
C LYS B 257 -39.34 -13.54 -23.59
N LEU B 258 -38.56 -14.43 -22.98
CA LEU B 258 -39.00 -15.82 -22.88
C LEU B 258 -40.24 -15.98 -21.99
N ASN B 259 -40.61 -14.96 -21.23
CA ASN B 259 -41.85 -15.03 -20.48
C ASN B 259 -43.06 -14.89 -21.38
N TYR B 260 -42.92 -14.15 -22.49
CA TYR B 260 -44.02 -13.91 -23.43
C TYR B 260 -44.28 -15.08 -24.36
N VAL B 261 -43.37 -16.04 -24.45
CA VAL B 261 -43.57 -17.20 -25.28
C VAL B 261 -44.15 -18.31 -24.41
N SER B 262 -45.02 -19.11 -25.01
CA SER B 262 -45.67 -20.17 -24.28
C SER B 262 -44.68 -21.27 -23.95
N GLY B 263 -44.97 -22.04 -22.91
CA GLY B 263 -44.16 -23.19 -22.58
C GLY B 263 -44.21 -24.32 -23.59
N ASP B 264 -45.05 -24.19 -24.62
CA ASP B 264 -45.25 -25.24 -25.62
C ASP B 264 -44.85 -24.79 -27.03
N GLU B 265 -44.45 -23.54 -27.21
CA GLU B 265 -43.99 -23.05 -28.49
C GLU B 265 -42.51 -23.34 -28.63
N GLU B 266 -42.11 -23.86 -29.78
CA GLU B 266 -40.72 -24.22 -30.02
C GLU B 266 -39.95 -23.02 -30.50
N VAL B 267 -39.01 -22.54 -29.68
CA VAL B 267 -38.31 -21.30 -29.95
C VAL B 267 -36.82 -21.58 -29.99
N THR B 268 -36.11 -20.71 -30.70
CA THR B 268 -34.67 -20.79 -30.85
C THR B 268 -34.05 -19.53 -30.25
N ILE B 269 -32.97 -19.70 -29.50
CA ILE B 269 -32.28 -18.60 -28.86
C ILE B 269 -30.80 -18.67 -29.24
N ILE B 270 -30.22 -17.49 -29.47
CA ILE B 270 -28.82 -17.35 -29.84
C ILE B 270 -28.13 -16.46 -28.82
N GLY B 271 -27.09 -16.97 -28.18
CA GLY B 271 -26.50 -16.23 -27.08
C GLY B 271 -25.07 -16.64 -26.80
N LEU B 272 -24.45 -15.85 -25.93
CA LEU B 272 -23.11 -16.13 -25.44
C LEU B 272 -23.19 -17.13 -24.30
N VAL B 273 -22.36 -18.15 -24.36
CA VAL B 273 -22.34 -19.11 -23.26
C VAL B 273 -21.54 -18.51 -22.13
N ASN B 274 -22.23 -18.04 -21.09
CA ASN B 274 -21.50 -17.58 -19.90
C ASN B 274 -20.72 -18.71 -19.28
N SER B 275 -21.43 -19.71 -18.76
CA SER B 275 -20.81 -20.84 -18.09
C SER B 275 -21.33 -22.14 -18.70
N LYS B 276 -20.70 -23.25 -18.31
CA LYS B 276 -20.96 -24.56 -18.90
C LYS B 276 -20.75 -25.62 -17.83
N ARG B 277 -21.83 -26.08 -17.21
CA ARG B 277 -21.75 -26.98 -16.06
C ARG B 277 -22.49 -28.27 -16.37
N GLU B 278 -21.74 -29.37 -16.38
CA GLU B 278 -22.29 -30.69 -16.66
C GLU B 278 -22.73 -31.35 -15.36
N THR B 279 -23.78 -32.17 -15.45
CA THR B 279 -24.30 -32.91 -14.32
C THR B 279 -24.70 -34.32 -14.75
N ASN B 280 -25.44 -34.98 -13.87
CA ASN B 280 -25.83 -36.36 -14.07
C ASN B 280 -26.85 -36.53 -15.18
N ARG B 281 -27.63 -35.50 -15.49
CA ARG B 281 -28.68 -35.66 -16.47
C ARG B 281 -28.43 -34.89 -17.77
N GLY B 282 -27.30 -34.22 -17.89
CA GLY B 282 -26.97 -33.47 -19.10
C GLY B 282 -26.07 -32.29 -18.76
N LEU B 283 -26.35 -31.17 -19.43
CA LEU B 283 -25.55 -29.96 -19.30
C LEU B 283 -26.44 -28.78 -18.92
N ILE B 284 -25.91 -27.90 -18.08
CA ILE B 284 -26.61 -26.71 -17.59
C ILE B 284 -25.79 -25.50 -17.98
N PHE B 285 -26.24 -24.78 -19.00
CA PHE B 285 -25.56 -23.58 -19.47
C PHE B 285 -26.23 -22.36 -18.89
N GLU B 286 -25.56 -21.23 -19.03
CA GLU B 286 -26.15 -19.93 -18.73
C GLU B 286 -25.90 -19.05 -19.93
N VAL B 287 -26.78 -19.15 -20.93
CA VAL B 287 -26.68 -18.38 -22.15
C VAL B 287 -27.13 -16.97 -21.84
N GLU B 288 -26.53 -16.01 -22.52
CA GLU B 288 -26.79 -14.60 -22.31
C GLU B 288 -26.75 -13.90 -23.64
N ASP B 289 -27.89 -13.37 -24.06
CA ASP B 289 -27.93 -12.56 -25.26
C ASP B 289 -27.95 -11.10 -24.84
N LYS B 290 -28.13 -10.22 -25.82
CA LYS B 290 -28.04 -8.79 -25.55
C LYS B 290 -29.13 -8.31 -24.60
N THR B 291 -30.22 -9.06 -24.43
CA THR B 291 -31.28 -8.64 -23.53
C THR B 291 -31.09 -9.11 -22.10
N GLY B 292 -30.86 -10.39 -21.88
CA GLY B 292 -30.79 -10.90 -20.53
C GLY B 292 -30.17 -12.28 -20.50
N ILE B 293 -30.25 -12.90 -19.32
CA ILE B 293 -29.57 -14.16 -19.05
C ILE B 293 -30.60 -15.24 -18.80
N VAL B 294 -30.31 -16.46 -19.23
CA VAL B 294 -31.18 -17.61 -19.02
C VAL B 294 -30.31 -18.84 -18.83
N LYS B 295 -30.80 -19.77 -18.00
CA LYS B 295 -30.11 -21.03 -17.79
C LYS B 295 -30.74 -22.09 -18.68
N VAL B 296 -29.94 -22.70 -19.54
CA VAL B 296 -30.41 -23.70 -20.48
C VAL B 296 -30.03 -25.07 -19.92
N PHE B 297 -30.79 -26.09 -20.29
CA PHE B 297 -30.42 -27.47 -20.03
C PHE B 297 -30.50 -28.28 -21.31
N LEU B 298 -29.54 -29.18 -21.47
CA LEU B 298 -29.60 -30.17 -22.53
C LEU B 298 -29.55 -31.56 -21.91
N PRO B 299 -30.51 -32.43 -22.23
CA PRO B 299 -30.48 -33.79 -21.70
C PRO B 299 -29.25 -34.55 -22.19
N LYS B 300 -28.91 -35.60 -21.45
CA LYS B 300 -27.81 -36.46 -21.87
C LYS B 300 -28.08 -37.08 -23.24
N ASP B 301 -29.35 -37.32 -23.57
CA ASP B 301 -29.68 -38.08 -24.77
C ASP B 301 -30.25 -37.19 -25.87
N SER B 302 -29.67 -36.02 -26.09
CA SER B 302 -29.95 -35.27 -27.31
C SER B 302 -28.84 -35.53 -28.33
N GLU B 303 -29.16 -35.29 -29.60
CA GLU B 303 -28.24 -35.67 -30.68
C GLU B 303 -26.95 -34.87 -30.64
N ASP B 304 -27.05 -33.57 -30.36
CA ASP B 304 -25.89 -32.70 -30.30
C ASP B 304 -25.27 -32.64 -28.90
N TYR B 305 -25.51 -33.65 -28.06
CA TYR B 305 -25.05 -33.55 -26.68
C TYR B 305 -23.53 -33.59 -26.62
N ARG B 306 -22.90 -34.42 -27.46
CA ARG B 306 -21.45 -34.39 -27.55
C ARG B 306 -20.96 -33.04 -28.03
N GLU B 307 -21.64 -32.48 -29.03
CA GLU B 307 -21.33 -31.15 -29.52
C GLU B 307 -21.37 -30.13 -28.38
N ALA B 308 -22.43 -30.15 -27.59
CA ALA B 308 -22.48 -29.27 -26.43
C ALA B 308 -21.44 -29.63 -25.39
N PHE B 309 -20.96 -30.86 -25.40
CA PHE B 309 -19.88 -31.22 -24.49
C PHE B 309 -18.58 -30.55 -24.90
N LYS B 310 -18.33 -30.42 -26.20
CA LYS B 310 -17.06 -29.92 -26.70
C LYS B 310 -17.07 -28.43 -27.01
N VAL B 311 -18.14 -27.71 -26.65
CA VAL B 311 -18.20 -26.29 -26.93
C VAL B 311 -17.41 -25.52 -25.88
N LEU B 312 -16.73 -24.46 -26.33
CA LEU B 312 -15.92 -23.65 -25.43
C LEU B 312 -16.76 -22.52 -24.83
N PRO B 313 -16.56 -22.22 -23.56
CA PRO B 313 -17.29 -21.11 -22.95
C PRO B 313 -16.97 -19.81 -23.64
N ASP B 314 -17.93 -18.88 -23.56
CA ASP B 314 -17.87 -17.56 -24.14
C ASP B 314 -18.09 -17.57 -25.64
N ALA B 315 -18.63 -18.65 -26.19
CA ALA B 315 -18.95 -18.67 -27.61
C ALA B 315 -20.37 -18.17 -27.84
N VAL B 316 -20.78 -18.16 -29.11
CA VAL B 316 -22.17 -17.93 -29.49
C VAL B 316 -22.76 -19.24 -29.97
N VAL B 317 -23.82 -19.69 -29.29
CA VAL B 317 -24.50 -20.93 -29.62
C VAL B 317 -25.98 -20.66 -29.77
N ALA B 318 -26.66 -21.60 -30.41
CA ALA B 318 -28.10 -21.50 -30.62
C ALA B 318 -28.76 -22.76 -30.10
N PHE B 319 -29.92 -22.59 -29.47
CA PHE B 319 -30.69 -23.67 -28.89
C PHE B 319 -32.10 -23.64 -29.44
N LYS B 320 -32.60 -24.80 -29.80
CA LYS B 320 -34.00 -24.99 -30.13
C LYS B 320 -34.65 -25.72 -28.98
N GLY B 321 -35.75 -25.21 -28.48
CA GLY B 321 -36.38 -25.86 -27.36
C GLY B 321 -37.51 -25.05 -26.77
N PHE B 322 -37.82 -25.38 -25.52
CA PHE B 322 -39.01 -24.90 -24.84
C PHE B 322 -38.62 -24.38 -23.47
N TYR B 323 -39.03 -23.15 -23.17
CA TYR B 323 -38.68 -22.52 -21.92
C TYR B 323 -39.70 -22.88 -20.86
N SER B 324 -39.30 -23.71 -19.91
CA SER B 324 -40.08 -23.93 -18.71
C SER B 324 -40.34 -22.60 -18.02
N LYS B 325 -41.53 -22.47 -17.44
CA LYS B 325 -41.86 -21.27 -16.68
C LYS B 325 -41.20 -21.26 -15.30
N LYS B 326 -40.49 -22.32 -14.95
CA LYS B 326 -39.74 -22.38 -13.71
C LYS B 326 -38.53 -21.47 -13.69
N GLY B 327 -38.07 -21.01 -14.84
CA GLY B 327 -36.84 -20.27 -14.95
C GLY B 327 -35.70 -21.03 -15.59
N ILE B 328 -35.99 -21.97 -16.49
CA ILE B 328 -34.97 -22.73 -17.20
C ILE B 328 -35.49 -23.00 -18.61
N PHE B 329 -34.57 -23.03 -19.56
CA PHE B 329 -34.89 -23.34 -20.96
C PHE B 329 -34.47 -24.78 -21.24
N PHE B 330 -35.45 -25.66 -21.34
CA PHE B 330 -35.20 -27.06 -21.69
C PHE B 330 -35.04 -27.14 -23.20
N ALA B 331 -33.81 -27.39 -23.65
CA ALA B 331 -33.57 -27.45 -25.07
C ALA B 331 -33.51 -28.89 -25.54
N ASN B 332 -33.81 -29.09 -26.83
CA ASN B 332 -33.70 -30.39 -27.45
C ASN B 332 -32.62 -30.44 -28.52
N LYS B 333 -32.28 -29.31 -29.12
CA LYS B 333 -31.35 -29.27 -30.23
C LYS B 333 -30.32 -28.18 -30.00
N PHE B 334 -29.06 -28.51 -30.27
CA PHE B 334 -27.93 -27.63 -30.07
C PHE B 334 -27.53 -27.06 -31.42
N TYR B 335 -26.97 -25.86 -31.40
CA TYR B 335 -26.60 -25.21 -32.64
C TYR B 335 -25.29 -24.46 -32.46
N LEU B 336 -24.31 -24.76 -33.32
CA LEU B 336 -23.10 -23.98 -33.49
C LEU B 336 -23.09 -23.36 -34.87
N PRO B 337 -22.50 -22.17 -35.01
CA PRO B 337 -22.51 -21.46 -36.29
C PRO B 337 -21.97 -22.33 -37.42
N ASP B 338 -20.91 -23.06 -37.12
CA ASP B 338 -20.60 -24.28 -37.86
C ASP B 338 -20.28 -23.97 -39.32
N VAL B 339 -20.66 -24.84 -40.24
CA VAL B 339 -20.30 -24.63 -41.65
C VAL B 339 -21.37 -25.14 -42.60
N PRO B 340 -21.50 -24.56 -43.81
CA PRO B 340 -22.42 -25.13 -44.79
C PRO B 340 -22.07 -26.56 -45.12
N LEU B 341 -23.09 -27.42 -45.11
CA LEU B 341 -22.86 -28.83 -45.32
C LEU B 341 -22.82 -29.17 -46.80
N TYR B 342 -23.48 -28.37 -47.63
CA TYR B 342 -23.45 -28.52 -49.09
C TYR B 342 -22.89 -27.24 -49.68
N ARG B 343 -21.65 -27.31 -50.15
CA ARG B 343 -20.95 -26.14 -50.69
C ARG B 343 -20.58 -26.40 -52.13
N LYS B 344 -20.71 -25.38 -52.95
CA LYS B 344 -20.44 -25.52 -54.38
C LYS B 344 -18.97 -25.77 -54.64
N GLN B 345 -18.70 -26.67 -55.58
CA GLN B 345 -17.34 -26.87 -56.02
C GLN B 345 -16.86 -25.65 -56.82
N LYS B 346 -15.74 -25.69 -57.13
CA LYS B 346 -15.22 -24.51 -57.80
C LYS B 346 -14.81 -24.88 -59.22
N PRO B 347 -14.64 -23.89 -60.08
CA PRO B 347 -14.12 -24.16 -61.41
C PRO B 347 -12.66 -24.56 -61.33
N PRO B 348 -12.28 -25.66 -61.96
CA PRO B 348 -10.87 -26.06 -61.94
C PRO B 348 -9.99 -25.01 -62.57
N LEU B 349 -8.71 -25.04 -62.20
CA LEU B 349 -7.77 -24.04 -62.68
C LEU B 349 -7.21 -24.46 -64.03
N GLU B 350 -6.43 -23.56 -64.63
CA GLU B 350 -5.82 -23.84 -65.92
C GLU B 350 -4.88 -25.04 -65.85
N GLU B 351 -4.20 -25.19 -64.72
CA GLU B 351 -3.23 -26.26 -64.52
C GLU B 351 -2.79 -26.22 -63.07
N LYS B 352 -2.13 -27.29 -62.65
CA LYS B 352 -1.77 -27.40 -61.24
C LYS B 352 -0.75 -26.36 -60.85
N VAL B 353 -0.98 -25.73 -59.70
CA VAL B 353 -0.07 -24.80 -59.07
C VAL B 353 -0.16 -25.04 -57.57
N TYR B 354 0.98 -24.94 -56.89
CA TYR B 354 1.04 -25.31 -55.49
C TYR B 354 1.38 -24.13 -54.60
N ALA B 355 1.03 -24.29 -53.33
CA ALA B 355 1.49 -23.44 -52.25
C ALA B 355 1.91 -24.34 -51.10
N ILE B 356 2.78 -23.83 -50.24
CA ILE B 356 3.43 -24.63 -49.21
C ILE B 356 3.13 -24.02 -47.85
N LEU B 357 3.09 -24.87 -46.82
CA LEU B 357 2.75 -24.42 -45.48
C LEU B 357 3.96 -24.54 -44.58
N ILE B 358 4.18 -23.53 -43.76
CA ILE B 358 5.22 -23.52 -42.74
C ILE B 358 4.80 -22.52 -41.67
N SER B 359 5.42 -22.63 -40.51
CA SER B 359 5.16 -21.70 -39.42
C SER B 359 6.12 -22.03 -38.28
N ASP B 360 6.19 -21.14 -37.31
CA ASP B 360 7.05 -21.34 -36.15
C ASP B 360 8.49 -21.50 -36.56
N ILE B 361 8.97 -20.56 -37.37
CA ILE B 361 10.38 -20.58 -37.73
C ILE B 361 11.23 -20.43 -36.49
N HIS B 362 10.87 -19.52 -35.59
CA HIS B 362 11.58 -19.34 -34.33
C HIS B 362 13.06 -19.07 -34.56
N VAL B 363 13.37 -18.16 -35.48
CA VAL B 363 14.75 -17.83 -35.80
C VAL B 363 15.49 -17.44 -34.53
N GLY B 364 16.80 -17.68 -34.50
CA GLY B 364 17.67 -17.15 -33.48
C GLY B 364 17.77 -18.03 -32.25
N SER B 365 16.66 -18.66 -31.88
CA SER B 365 16.72 -19.66 -30.83
C SER B 365 17.68 -20.76 -31.23
N ARG B 366 18.51 -21.20 -30.28
CA ARG B 366 19.49 -22.22 -30.62
C ARG B 366 18.83 -23.54 -30.94
N GLU B 367 17.60 -23.74 -30.52
CA GLU B 367 16.79 -24.87 -30.93
C GLU B 367 16.49 -24.88 -32.42
N PHE B 368 16.78 -23.80 -33.14
CA PHE B 368 16.40 -23.70 -34.54
C PHE B 368 17.14 -24.73 -35.37
N CYS B 369 16.39 -25.61 -36.03
CA CYS B 369 16.97 -26.64 -36.88
C CYS B 369 17.37 -26.00 -38.21
N GLU B 370 18.44 -25.23 -38.16
CA GLU B 370 18.80 -24.40 -39.30
C GLU B 370 19.11 -25.23 -40.53
N LYS B 371 19.78 -26.37 -40.34
CA LYS B 371 20.18 -27.18 -41.49
C LYS B 371 18.99 -27.68 -42.28
N ALA B 372 18.04 -28.32 -41.59
CA ALA B 372 16.82 -28.80 -42.25
C ALA B 372 16.13 -27.69 -43.01
N PHE B 373 16.06 -26.50 -42.42
CA PHE B 373 15.47 -25.37 -43.12
C PHE B 373 16.29 -25.02 -44.35
N LEU B 374 17.62 -25.16 -44.26
CA LEU B 374 18.48 -24.88 -45.39
C LEU B 374 18.22 -25.86 -46.52
N LYS B 375 17.94 -27.12 -46.20
CA LYS B 375 17.62 -28.10 -47.22
C LYS B 375 16.20 -27.92 -47.71
N PHE B 376 15.34 -27.29 -46.93
CA PHE B 376 14.09 -26.80 -47.48
C PHE B 376 14.38 -25.81 -48.59
N LEU B 377 15.14 -24.75 -48.26
CA LEU B 377 15.45 -23.71 -49.23
C LEU B 377 16.09 -24.27 -50.48
N GLU B 378 17.00 -25.23 -50.34
CA GLU B 378 17.48 -25.93 -51.53
C GLU B 378 16.31 -26.63 -52.22
N TRP B 379 15.41 -27.22 -51.44
CA TRP B 379 14.35 -28.04 -52.01
C TRP B 379 13.48 -27.23 -52.94
N LEU B 380 13.09 -26.03 -52.52
CA LEU B 380 12.31 -25.17 -53.40
C LEU B 380 13.12 -24.78 -54.63
N ASN B 381 14.43 -24.73 -54.50
CA ASN B 381 15.26 -24.24 -55.59
C ASN B 381 15.56 -25.32 -56.63
N GLY B 382 14.77 -26.38 -56.67
CA GLY B 382 14.90 -27.37 -57.72
C GLY B 382 15.90 -28.46 -57.47
N HIS B 383 16.71 -28.35 -56.42
CA HIS B 383 17.72 -29.35 -56.10
C HIS B 383 17.07 -30.52 -55.37
N VAL B 384 16.15 -31.16 -56.09
CA VAL B 384 15.30 -32.20 -55.52
C VAL B 384 15.78 -33.56 -56.03
N GLU B 385 15.25 -34.62 -55.42
CA GLU B 385 15.76 -35.96 -55.63
C GLU B 385 14.83 -36.86 -56.44
N SER B 386 13.64 -36.40 -56.80
CA SER B 386 12.74 -37.18 -57.63
C SER B 386 12.19 -36.31 -58.74
N LYS B 387 11.69 -36.95 -59.79
CA LYS B 387 11.03 -36.21 -60.86
C LYS B 387 9.69 -35.67 -60.41
N GLU B 388 8.99 -36.43 -59.56
CA GLU B 388 7.72 -35.98 -59.00
C GLU B 388 7.89 -34.67 -58.24
N GLU B 389 8.84 -34.64 -57.31
CA GLU B 389 9.08 -33.42 -56.55
C GLU B 389 9.53 -32.28 -57.46
N GLU B 390 10.15 -32.60 -58.59
CA GLU B 390 10.54 -31.56 -59.53
C GLU B 390 9.33 -30.98 -60.23
N GLU B 391 8.34 -31.83 -60.53
CA GLU B 391 7.10 -31.31 -61.08
C GLU B 391 6.36 -30.46 -60.04
N ILE B 392 6.35 -30.90 -58.78
CA ILE B 392 5.77 -30.10 -57.71
C ILE B 392 6.44 -28.74 -57.65
N VAL B 393 7.76 -28.74 -57.53
CA VAL B 393 8.54 -27.50 -57.45
C VAL B 393 8.35 -26.66 -58.70
N SER B 394 8.07 -27.30 -59.82
CA SER B 394 7.85 -26.59 -61.07
C SER B 394 6.65 -25.66 -60.96
N ARG B 395 5.72 -25.97 -60.08
CA ARG B 395 4.40 -25.36 -60.09
C ARG B 395 4.00 -24.76 -58.75
N VAL B 396 4.88 -24.79 -57.76
CA VAL B 396 4.60 -24.12 -56.50
C VAL B 396 4.86 -22.63 -56.70
N LYS B 397 3.83 -21.81 -56.54
CA LYS B 397 3.96 -20.38 -56.65
C LYS B 397 3.77 -19.64 -55.33
N TYR B 398 3.39 -20.33 -54.26
CA TYR B 398 2.96 -19.65 -53.07
C TYR B 398 3.54 -20.28 -51.82
N LEU B 399 4.01 -19.43 -50.92
CA LEU B 399 4.54 -19.82 -49.63
C LEU B 399 3.89 -18.96 -48.55
N ILE B 400 3.66 -19.53 -47.38
CA ILE B 400 2.96 -18.87 -46.30
C ILE B 400 3.62 -19.25 -44.99
N ILE B 401 3.63 -18.31 -44.03
CA ILE B 401 4.35 -18.46 -42.78
C ILE B 401 3.51 -17.86 -41.66
N ALA B 402 3.07 -18.69 -40.74
CA ALA B 402 2.03 -18.29 -39.80
C ALA B 402 2.55 -18.07 -38.37
N GLY B 403 3.52 -17.18 -38.24
CA GLY B 403 3.89 -16.66 -36.94
C GLY B 403 5.27 -17.07 -36.44
N ASP B 404 5.62 -16.51 -35.29
CA ASP B 404 6.84 -16.80 -34.54
C ASP B 404 8.07 -16.80 -35.43
N VAL B 405 8.12 -15.92 -36.42
CA VAL B 405 9.22 -16.05 -37.37
C VAL B 405 10.55 -15.64 -36.76
N VAL B 406 10.56 -15.18 -35.51
CA VAL B 406 11.76 -15.07 -34.70
C VAL B 406 11.40 -15.46 -33.28
N ASP B 407 12.35 -16.05 -32.58
CA ASP B 407 11.99 -16.51 -31.25
C ASP B 407 11.84 -15.36 -30.26
N GLY B 408 12.24 -14.15 -30.62
CA GLY B 408 11.83 -13.00 -29.85
C GLY B 408 12.74 -12.71 -28.68
N ILE B 409 12.18 -11.96 -27.73
CA ILE B 409 12.91 -11.43 -26.59
C ILE B 409 12.00 -11.47 -25.38
N GLY B 410 12.51 -11.99 -24.27
CA GLY B 410 11.75 -11.96 -23.04
C GLY B 410 10.42 -12.68 -23.12
N ILE B 411 10.33 -13.68 -23.99
CA ILE B 411 9.06 -14.37 -24.20
C ILE B 411 8.68 -15.19 -22.99
N TYR B 412 9.65 -15.55 -22.16
CA TYR B 412 9.41 -16.38 -20.98
C TYR B 412 10.66 -16.39 -20.16
N PRO B 413 10.58 -16.77 -18.89
CA PRO B 413 11.76 -16.71 -18.01
C PRO B 413 12.87 -17.60 -18.53
N GLY B 414 14.04 -17.00 -18.70
CA GLY B 414 15.18 -17.75 -19.17
C GLY B 414 15.26 -17.93 -20.67
N GLN B 415 14.56 -17.12 -21.45
CA GLN B 415 14.75 -17.18 -22.90
C GLN B 415 16.18 -16.84 -23.27
N TYR B 416 16.85 -16.04 -22.44
CA TYR B 416 18.17 -15.57 -22.82
C TYR B 416 19.17 -16.70 -22.91
N SER B 417 18.97 -17.75 -22.14
CA SER B 417 19.86 -18.89 -22.22
C SER B 417 19.82 -19.52 -23.60
N ASP B 418 18.70 -19.42 -24.29
CA ASP B 418 18.52 -20.16 -25.52
C ASP B 418 18.84 -19.36 -26.76
N LEU B 419 18.94 -18.04 -26.65
CA LEU B 419 19.07 -17.21 -27.85
C LEU B 419 20.47 -17.32 -28.41
N VAL B 420 20.57 -17.92 -29.60
CA VAL B 420 21.78 -17.77 -30.37
C VAL B 420 22.00 -16.32 -30.78
N ILE B 421 20.92 -15.56 -30.90
CA ILE B 421 21.02 -14.19 -31.37
C ILE B 421 20.27 -13.26 -30.45
N PRO B 422 20.82 -12.87 -29.34
CA PRO B 422 20.06 -12.05 -28.38
C PRO B 422 19.98 -10.61 -28.81
N ASP B 423 19.35 -10.36 -29.94
CA ASP B 423 19.15 -9.02 -30.47
C ASP B 423 17.98 -9.08 -31.43
N ILE B 424 16.83 -8.54 -31.00
CA ILE B 424 15.59 -8.73 -31.76
C ILE B 424 15.76 -8.24 -33.19
N PHE B 425 16.43 -7.11 -33.35
CA PHE B 425 16.80 -6.64 -34.68
C PHE B 425 17.51 -7.73 -35.45
N ASP B 426 18.55 -8.30 -34.85
CA ASP B 426 19.29 -9.32 -35.56
C ASP B 426 18.46 -10.55 -35.80
N GLN B 427 17.46 -10.83 -34.96
CA GLN B 427 16.59 -11.95 -35.25
C GLN B 427 15.86 -11.73 -36.56
N TYR B 428 15.18 -10.60 -36.68
CA TYR B 428 14.45 -10.39 -37.93
C TYR B 428 15.39 -10.23 -39.11
N GLU B 429 16.54 -9.62 -38.89
CA GLU B 429 17.46 -9.40 -40.00
C GLU B 429 17.99 -10.71 -40.54
N ALA B 430 18.53 -11.55 -39.67
CA ALA B 430 19.00 -12.85 -40.11
C ALA B 430 17.88 -13.64 -40.74
N LEU B 431 16.67 -13.54 -40.20
CA LEU B 431 15.53 -14.16 -40.86
C LEU B 431 15.38 -13.65 -42.28
N ALA B 432 15.58 -12.36 -42.48
CA ALA B 432 15.57 -11.82 -43.84
C ALA B 432 16.64 -12.47 -44.68
N ASN B 433 17.81 -12.73 -44.10
CA ASN B 433 18.85 -13.35 -44.90
C ASN B 433 18.52 -14.79 -45.23
N LEU B 434 17.74 -15.48 -44.40
CA LEU B 434 17.28 -16.79 -44.84
C LEU B 434 16.29 -16.65 -45.97
N LEU B 435 15.20 -15.92 -45.74
CA LEU B 435 14.12 -15.93 -46.70
C LEU B 435 14.50 -15.27 -48.02
N ALA B 436 15.57 -14.47 -48.04
CA ALA B 436 15.99 -13.82 -49.27
C ALA B 436 16.31 -14.82 -50.37
N ASN B 437 16.75 -16.02 -50.02
CA ASN B 437 17.16 -17.01 -51.01
C ASN B 437 15.99 -17.70 -51.68
N VAL B 438 14.76 -17.24 -51.44
CA VAL B 438 13.58 -17.82 -52.08
C VAL B 438 13.59 -17.47 -53.56
N PRO B 439 13.19 -18.39 -54.43
CA PRO B 439 13.05 -18.04 -55.85
C PRO B 439 12.01 -16.94 -56.03
N GLU B 440 12.35 -15.96 -56.87
CA GLU B 440 11.50 -14.78 -56.99
C GLU B 440 10.18 -15.09 -57.66
N HIS B 441 10.06 -16.25 -58.29
CA HIS B 441 8.77 -16.59 -58.88
C HIS B 441 7.83 -17.28 -57.92
N ILE B 442 7.99 -17.09 -56.60
CA ILE B 442 6.99 -17.46 -55.62
C ILE B 442 6.68 -16.24 -54.78
N THR B 443 5.44 -16.14 -54.30
CA THR B 443 5.03 -15.08 -53.41
C THR B 443 4.90 -15.63 -52.01
N MET B 444 5.36 -14.87 -51.03
CA MET B 444 5.34 -15.29 -49.64
C MET B 444 4.42 -14.39 -48.84
N PHE B 445 3.69 -14.98 -47.92
CA PHE B 445 2.86 -14.22 -47.01
C PHE B 445 3.34 -14.59 -45.61
N ILE B 446 3.41 -13.61 -44.72
CA ILE B 446 3.98 -13.82 -43.39
C ILE B 446 3.11 -13.10 -42.38
N GLY B 447 2.77 -13.79 -41.30
CA GLY B 447 1.99 -13.17 -40.26
C GLY B 447 2.62 -13.40 -38.89
N PRO B 448 2.44 -12.45 -37.99
CA PRO B 448 3.04 -12.57 -36.67
C PRO B 448 2.43 -13.68 -35.85
N GLY B 449 3.02 -13.88 -34.68
CA GLY B 449 2.54 -14.85 -33.72
C GLY B 449 2.48 -14.17 -32.39
N ASN B 450 2.76 -14.90 -31.31
CA ASN B 450 2.93 -14.21 -30.04
C ASN B 450 4.38 -13.95 -29.72
N ALA B 451 5.29 -14.37 -30.58
CA ALA B 451 6.69 -14.11 -30.31
C ALA B 451 7.23 -12.96 -31.13
N ASP B 452 6.59 -12.64 -32.24
CA ASP B 452 7.16 -11.61 -33.07
C ASP B 452 7.08 -10.25 -32.38
N ALA B 453 7.69 -9.27 -33.03
CA ALA B 453 7.60 -7.90 -32.58
C ALA B 453 6.25 -7.35 -33.00
N ALA B 454 5.19 -7.88 -32.43
CA ALA B 454 3.87 -7.37 -32.74
C ALA B 454 3.09 -7.23 -31.45
N ARG B 455 1.81 -6.99 -31.60
CA ARG B 455 0.95 -6.59 -30.51
C ARG B 455 0.97 -7.65 -29.41
N PRO B 456 0.79 -7.28 -28.18
CA PRO B 456 0.88 -8.24 -27.08
C PRO B 456 -0.43 -8.93 -26.81
N ALA B 457 -1.35 -8.85 -27.76
CA ALA B 457 -2.61 -9.57 -27.68
C ALA B 457 -3.03 -9.91 -29.10
N ILE B 458 -4.25 -10.40 -29.23
CA ILE B 458 -4.77 -10.62 -30.56
C ILE B 458 -6.08 -9.86 -30.73
N PRO B 459 -6.40 -9.41 -31.94
CA PRO B 459 -5.63 -9.69 -33.15
C PRO B 459 -4.39 -8.86 -33.23
N GLN B 460 -3.60 -9.08 -34.27
CA GLN B 460 -2.31 -8.42 -34.41
C GLN B 460 -2.28 -7.73 -35.76
N PRO B 461 -2.22 -6.41 -35.81
CA PRO B 461 -2.28 -5.73 -37.11
C PRO B 461 -1.13 -6.08 -38.02
N GLU B 462 0.09 -6.07 -37.51
CA GLU B 462 1.25 -6.26 -38.35
C GLU B 462 2.49 -6.25 -37.48
N PHE B 463 3.61 -6.58 -38.10
CA PHE B 463 4.90 -6.41 -37.46
C PHE B 463 5.15 -4.94 -37.16
N TYR B 464 5.82 -4.66 -36.06
CA TYR B 464 6.26 -3.30 -35.81
C TYR B 464 7.24 -2.95 -36.92
N LYS B 465 6.97 -1.89 -37.67
CA LYS B 465 7.86 -1.55 -38.77
C LYS B 465 9.25 -1.22 -38.28
N GLU B 466 9.35 -0.58 -37.12
CA GLU B 466 10.65 -0.19 -36.59
C GLU B 466 11.58 -1.38 -36.43
N TYR B 467 11.05 -2.48 -35.91
CA TYR B 467 11.88 -3.66 -35.68
C TYR B 467 11.89 -4.59 -36.87
N ALA B 468 10.79 -4.68 -37.61
CA ALA B 468 10.65 -5.71 -38.62
C ALA B 468 10.92 -5.22 -40.02
N LYS B 469 11.40 -3.97 -40.16
CA LYS B 469 11.81 -3.40 -41.43
C LYS B 469 12.57 -4.33 -42.37
N PRO B 470 13.50 -5.16 -41.89
CA PRO B 470 14.27 -6.00 -42.82
C PRO B 470 13.44 -6.95 -43.65
N ILE B 471 12.35 -7.49 -43.10
CA ILE B 471 11.57 -8.42 -43.89
C ILE B 471 10.59 -7.69 -44.81
N TYR B 472 10.09 -6.53 -44.39
CA TYR B 472 9.30 -5.73 -45.31
C TYR B 472 10.06 -5.43 -46.58
N LYS B 473 11.37 -5.26 -46.50
CA LYS B 473 12.17 -4.97 -47.67
C LYS B 473 12.20 -6.10 -48.69
N LEU B 474 11.67 -7.27 -48.35
CA LEU B 474 11.68 -8.38 -49.29
C LEU B 474 10.79 -8.08 -50.48
N LYS B 475 11.33 -8.32 -51.68
CA LYS B 475 10.58 -7.97 -52.88
C LYS B 475 9.40 -8.91 -53.09
N ASN B 476 9.61 -10.21 -52.87
CA ASN B 476 8.64 -11.23 -53.23
C ASN B 476 7.84 -11.74 -52.04
N ALA B 477 7.71 -10.96 -50.99
CA ALA B 477 6.93 -11.35 -49.83
C ALA B 477 5.82 -10.35 -49.63
N ILE B 478 4.77 -10.78 -48.95
CA ILE B 478 3.61 -9.94 -48.67
C ILE B 478 3.22 -10.12 -47.22
N ILE B 479 3.34 -9.05 -46.44
CA ILE B 479 3.20 -9.14 -44.99
C ILE B 479 1.74 -8.99 -44.62
N ILE B 480 1.19 -10.01 -43.99
CA ILE B 480 -0.23 -10.07 -43.72
C ILE B 480 -0.45 -10.06 -42.23
N SER B 481 -1.70 -9.90 -41.83
CA SER B 481 -2.03 -9.77 -40.43
C SER B 481 -2.47 -11.09 -39.84
N ASN B 482 -2.73 -11.05 -38.55
CA ASN B 482 -3.12 -12.23 -37.78
C ASN B 482 -4.46 -11.95 -37.13
N PRO B 483 -5.51 -12.68 -37.48
CA PRO B 483 -5.48 -13.64 -38.58
C PRO B 483 -5.42 -12.94 -39.91
N ALA B 484 -5.56 -13.73 -40.97
CA ALA B 484 -5.65 -13.17 -42.30
C ALA B 484 -6.35 -14.19 -43.17
N VAL B 485 -6.82 -13.75 -44.33
CA VAL B 485 -7.43 -14.67 -45.27
C VAL B 485 -7.01 -14.28 -46.66
N ILE B 486 -6.52 -15.25 -47.42
CA ILE B 486 -5.98 -15.02 -48.74
C ILE B 486 -6.74 -15.85 -49.75
N ARG B 487 -7.30 -15.19 -50.75
CA ARG B 487 -7.98 -15.85 -51.85
C ARG B 487 -6.99 -16.08 -52.97
N LEU B 488 -6.59 -17.32 -53.17
CA LEU B 488 -5.69 -17.71 -54.25
C LEU B 488 -6.50 -18.43 -55.29
N HIS B 489 -6.70 -17.79 -56.44
CA HIS B 489 -7.50 -18.38 -57.51
C HIS B 489 -8.90 -18.70 -56.99
N GLY B 490 -9.49 -17.75 -56.28
CA GLY B 490 -10.78 -17.98 -55.68
C GLY B 490 -10.77 -18.88 -54.47
N ARG B 491 -9.60 -19.28 -54.00
CA ARG B 491 -9.47 -20.17 -52.86
C ARG B 491 -9.39 -19.36 -51.58
N ASP B 492 -10.13 -19.78 -50.55
CA ASP B 492 -10.14 -19.06 -49.29
C ASP B 492 -9.24 -19.74 -48.28
N PHE B 493 -8.13 -19.09 -47.97
CA PHE B 493 -7.15 -19.58 -47.01
C PHE B 493 -7.27 -18.75 -45.74
N LEU B 494 -7.83 -19.36 -44.71
CA LEU B 494 -7.78 -18.81 -43.37
C LEU B 494 -6.40 -19.11 -42.82
N ILE B 495 -5.75 -18.09 -42.29
CA ILE B 495 -4.42 -18.21 -41.75
C ILE B 495 -4.42 -17.62 -40.36
N ALA B 496 -4.05 -18.42 -39.38
CA ALA B 496 -3.95 -17.88 -38.04
C ALA B 496 -2.68 -18.43 -37.41
N HIS B 497 -2.23 -17.77 -36.35
CA HIS B 497 -1.19 -18.41 -35.56
C HIS B 497 -1.82 -19.16 -34.39
N GLY B 498 -3.10 -18.92 -34.12
CA GLY B 498 -3.88 -19.86 -33.37
C GLY B 498 -3.44 -20.06 -31.95
N ARG B 499 -3.42 -18.97 -31.18
CA ARG B 499 -3.13 -19.09 -29.77
C ARG B 499 -4.12 -19.99 -29.07
N GLY B 500 -5.36 -20.06 -29.56
CA GLY B 500 -6.46 -20.62 -28.80
C GLY B 500 -6.56 -22.14 -28.81
N ILE B 501 -5.81 -22.80 -29.69
CA ILE B 501 -5.74 -24.26 -29.65
C ILE B 501 -5.35 -24.72 -28.26
N GLU B 502 -4.45 -23.98 -27.62
CA GLU B 502 -4.12 -24.21 -26.23
C GLU B 502 -5.38 -24.10 -25.37
N ASP B 503 -6.32 -23.26 -25.78
CA ASP B 503 -7.57 -23.17 -25.03
C ASP B 503 -8.41 -24.43 -25.21
N VAL B 504 -8.61 -24.83 -26.46
CA VAL B 504 -9.45 -26.00 -26.73
C VAL B 504 -8.90 -27.22 -26.01
N VAL B 505 -7.60 -27.45 -26.11
CA VAL B 505 -7.05 -28.58 -25.37
C VAL B 505 -7.03 -28.29 -23.88
N SER B 506 -7.07 -27.01 -23.48
CA SER B 506 -7.06 -26.69 -22.07
C SER B 506 -8.39 -27.01 -21.41
N PHE B 507 -9.48 -26.91 -22.18
CA PHE B 507 -10.80 -27.07 -21.60
C PHE B 507 -11.48 -28.36 -22.06
N VAL B 508 -10.91 -29.05 -23.03
CA VAL B 508 -11.50 -30.25 -23.60
C VAL B 508 -10.62 -31.44 -23.23
N PRO B 509 -10.84 -32.09 -22.09
CA PRO B 509 -10.26 -33.43 -21.86
C PRO B 509 -10.92 -34.41 -22.83
N GLY B 510 -10.10 -35.20 -23.51
CA GLY B 510 -10.59 -35.95 -24.64
C GLY B 510 -10.06 -35.44 -25.96
N LEU B 511 -9.25 -34.40 -25.91
CA LEU B 511 -8.42 -33.98 -27.04
C LEU B 511 -6.99 -33.89 -26.53
N THR B 512 -6.14 -34.80 -26.95
CA THR B 512 -4.76 -34.80 -26.50
C THR B 512 -3.86 -34.44 -27.66
N HIS B 513 -2.62 -34.08 -27.32
CA HIS B 513 -1.66 -33.64 -28.32
C HIS B 513 -1.32 -34.77 -29.27
N HIS B 514 -0.49 -34.44 -30.26
CA HIS B 514 -0.10 -35.29 -31.37
C HIS B 514 -1.25 -35.53 -32.34
N LYS B 515 -2.46 -35.09 -32.02
CA LYS B 515 -3.62 -35.21 -32.91
C LYS B 515 -4.22 -33.82 -33.07
N PRO B 516 -3.42 -32.82 -33.43
CA PRO B 516 -3.93 -31.44 -33.31
C PRO B 516 -4.89 -31.06 -34.42
N GLY B 517 -5.43 -32.03 -35.15
CA GLY B 517 -6.50 -31.73 -36.06
C GLY B 517 -7.81 -31.51 -35.33
N LEU B 518 -7.98 -32.19 -34.19
CA LEU B 518 -9.21 -32.07 -33.41
C LEU B 518 -9.47 -30.66 -32.92
N PRO B 519 -8.55 -30.00 -32.21
CA PRO B 519 -8.83 -28.64 -31.74
C PRO B 519 -9.15 -27.70 -32.88
N MET B 520 -8.39 -27.82 -33.97
CA MET B 520 -8.67 -27.05 -35.17
C MET B 520 -10.10 -27.28 -35.64
N VAL B 521 -10.57 -28.52 -35.55
CA VAL B 521 -11.97 -28.80 -35.89
C VAL B 521 -12.90 -28.05 -34.95
N GLU B 522 -12.54 -27.96 -33.66
CA GLU B 522 -13.33 -27.18 -32.72
C GLU B 522 -13.43 -25.73 -33.15
N LEU B 523 -12.27 -25.08 -33.34
CA LEU B 523 -12.26 -23.66 -33.67
C LEU B 523 -12.95 -23.39 -34.98
N LEU B 524 -12.84 -24.31 -35.94
CA LEU B 524 -13.62 -24.15 -37.15
C LEU B 524 -15.11 -24.30 -36.87
N LYS B 525 -15.47 -25.17 -35.94
CA LYS B 525 -16.89 -25.40 -35.70
C LYS B 525 -17.54 -24.21 -34.98
N MET B 526 -16.81 -23.51 -34.12
CA MET B 526 -17.42 -22.33 -33.51
C MET B 526 -17.22 -21.06 -34.33
N ARG B 527 -16.51 -21.15 -35.45
CA ARG B 527 -16.36 -20.04 -36.39
C ARG B 527 -15.67 -18.85 -35.75
N HIS B 528 -14.92 -19.11 -34.68
CA HIS B 528 -14.24 -18.05 -33.95
C HIS B 528 -12.89 -18.57 -33.52
N LEU B 529 -11.88 -17.70 -33.56
CA LEU B 529 -10.51 -18.19 -33.46
C LEU B 529 -10.04 -18.28 -32.02
N ALA B 530 -10.71 -17.66 -31.10
CA ALA B 530 -10.31 -17.89 -29.72
C ALA B 530 -11.40 -17.47 -28.78
N PRO B 531 -12.58 -18.09 -28.84
CA PRO B 531 -13.71 -17.53 -28.10
C PRO B 531 -13.56 -17.65 -26.60
N THR B 532 -12.55 -18.35 -26.13
CA THR B 532 -12.22 -18.29 -24.72
C THR B 532 -11.88 -16.87 -24.35
N PHE B 533 -12.00 -16.52 -23.08
CA PHE B 533 -11.48 -15.27 -22.56
C PHE B 533 -10.80 -15.50 -21.22
N GLY B 534 -9.75 -14.74 -20.96
CA GLY B 534 -9.12 -14.77 -19.65
C GLY B 534 -8.30 -16.00 -19.37
N GLY B 535 -8.07 -16.84 -20.37
CA GLY B 535 -7.29 -18.04 -20.19
C GLY B 535 -5.83 -17.78 -20.47
N LYS B 536 -5.33 -18.49 -21.46
CA LYS B 536 -3.95 -18.33 -21.89
C LYS B 536 -3.84 -17.76 -23.29
N VAL B 537 -4.94 -17.21 -23.82
CA VAL B 537 -4.89 -16.43 -25.04
C VAL B 537 -5.29 -15.00 -24.69
N PRO B 538 -4.52 -14.00 -25.07
CA PRO B 538 -4.84 -12.61 -24.75
C PRO B 538 -5.63 -11.96 -25.86
N ILE B 539 -6.75 -11.33 -25.51
CA ILE B 539 -7.65 -10.71 -26.48
C ILE B 539 -7.66 -9.21 -26.26
N ALA B 540 -7.09 -8.48 -27.20
CA ALA B 540 -6.82 -7.05 -27.02
C ALA B 540 -8.12 -6.28 -27.07
N PRO B 541 -8.35 -5.34 -26.19
CA PRO B 541 -9.61 -4.61 -26.18
C PRO B 541 -9.78 -3.70 -27.40
N ASP B 542 -10.25 -4.27 -28.48
CA ASP B 542 -10.73 -3.42 -29.55
C ASP B 542 -12.25 -3.34 -29.49
N PRO B 543 -12.85 -2.50 -30.32
CA PRO B 543 -14.31 -2.47 -30.36
C PRO B 543 -14.92 -3.69 -31.02
N GLU B 544 -14.41 -4.10 -32.16
CA GLU B 544 -15.07 -5.09 -33.01
C GLU B 544 -14.20 -6.33 -33.15
N ASP B 545 -14.72 -7.46 -32.68
CA ASP B 545 -14.03 -8.75 -32.77
C ASP B 545 -13.74 -9.02 -34.23
N LEU B 546 -12.46 -9.02 -34.59
CA LEU B 546 -12.02 -9.37 -35.93
C LEU B 546 -11.67 -10.83 -36.04
N LEU B 547 -11.63 -11.54 -34.92
CA LEU B 547 -11.28 -12.94 -34.87
C LEU B 547 -12.33 -13.84 -35.51
N VAL B 548 -13.59 -13.41 -35.54
CA VAL B 548 -14.69 -14.29 -35.92
C VAL B 548 -14.48 -14.80 -37.33
N ILE B 549 -14.70 -16.10 -37.51
CA ILE B 549 -14.56 -16.68 -38.83
C ILE B 549 -15.78 -16.25 -39.61
N GLU B 550 -15.65 -15.16 -40.35
CA GLU B 550 -16.79 -14.59 -41.03
C GLU B 550 -17.30 -15.51 -42.12
N GLU B 551 -16.52 -15.70 -43.17
CA GLU B 551 -16.89 -16.56 -44.26
C GLU B 551 -16.27 -17.92 -44.05
N VAL B 552 -17.02 -18.96 -44.38
CA VAL B 552 -16.45 -20.31 -44.37
C VAL B 552 -15.38 -20.37 -45.44
N PRO B 553 -14.14 -20.63 -45.07
CA PRO B 553 -13.05 -20.62 -46.03
C PRO B 553 -12.85 -22.00 -46.65
N ASP B 554 -11.82 -22.09 -47.49
CA ASP B 554 -11.47 -23.36 -48.09
C ASP B 554 -10.51 -24.17 -47.24
N LEU B 555 -9.55 -23.51 -46.60
CA LEU B 555 -8.48 -24.19 -45.90
C LEU B 555 -8.11 -23.41 -44.66
N VAL B 556 -7.63 -24.13 -43.64
CA VAL B 556 -7.29 -23.53 -42.37
C VAL B 556 -5.83 -23.86 -42.09
N GLN B 557 -5.00 -22.83 -41.95
CA GLN B 557 -3.62 -23.02 -41.52
C GLN B 557 -3.45 -22.49 -40.11
N MET B 558 -2.76 -23.26 -39.29
CA MET B 558 -2.35 -22.73 -38.00
C MET B 558 -0.95 -23.19 -37.67
N GLY B 559 -0.55 -22.93 -36.44
CA GLY B 559 0.73 -23.40 -35.95
C GLY B 559 0.84 -23.27 -34.46
N HIS B 560 2.04 -22.93 -34.00
CA HIS B 560 2.31 -22.49 -32.65
C HIS B 560 2.32 -23.61 -31.62
N VAL B 561 1.86 -24.81 -31.99
CA VAL B 561 2.09 -25.96 -31.13
C VAL B 561 3.04 -26.96 -31.76
N HIS B 562 3.33 -26.81 -33.04
CA HIS B 562 4.41 -27.50 -33.72
C HIS B 562 4.10 -28.97 -33.89
N VAL B 563 2.91 -29.42 -33.52
CA VAL B 563 2.50 -30.80 -33.71
C VAL B 563 1.82 -30.89 -35.06
N TYR B 564 2.46 -31.53 -36.02
CA TYR B 564 1.87 -31.56 -37.34
C TYR B 564 0.56 -32.31 -37.31
N ASP B 565 -0.37 -31.89 -38.17
CA ASP B 565 -1.63 -32.60 -38.33
C ASP B 565 -2.40 -31.98 -39.48
N ALA B 566 -3.27 -32.80 -40.08
CA ALA B 566 -4.16 -32.34 -41.15
C ALA B 566 -5.45 -33.13 -41.04
N VAL B 567 -6.58 -32.49 -41.34
CA VAL B 567 -7.86 -33.16 -41.29
C VAL B 567 -8.88 -32.31 -41.99
N VAL B 568 -9.74 -32.95 -42.79
CA VAL B 568 -10.83 -32.27 -43.47
C VAL B 568 -12.10 -32.47 -42.68
N TYR B 569 -12.86 -31.38 -42.52
CA TYR B 569 -14.14 -31.39 -41.84
C TYR B 569 -15.11 -30.69 -42.77
N ARG B 570 -16.05 -31.43 -43.32
CA ARG B 570 -17.12 -30.86 -44.14
C ARG B 570 -16.54 -30.07 -45.31
N GLY B 571 -15.56 -30.67 -45.97
CA GLY B 571 -14.91 -30.04 -47.09
C GLY B 571 -13.87 -29.04 -46.72
N VAL B 572 -13.44 -29.00 -45.46
CA VAL B 572 -12.44 -28.04 -45.01
C VAL B 572 -11.12 -28.78 -44.80
N GLN B 573 -10.03 -28.17 -45.25
CA GLN B 573 -8.70 -28.72 -45.01
C GLN B 573 -8.04 -27.99 -43.85
N LEU B 574 -8.34 -28.43 -42.63
CA LEU B 574 -7.60 -28.03 -41.45
C LEU B 574 -6.18 -28.56 -41.58
N VAL B 575 -5.20 -27.75 -41.18
CA VAL B 575 -3.80 -28.16 -41.24
C VAL B 575 -2.99 -27.29 -40.29
N ASN B 576 -1.97 -27.89 -39.68
CA ASN B 576 -1.18 -27.25 -38.64
C ASN B 576 0.28 -27.28 -39.05
N SER B 577 0.76 -26.24 -39.69
CA SER B 577 2.15 -26.32 -40.13
C SER B 577 3.14 -26.24 -38.98
N ALA B 578 3.70 -27.40 -38.61
CA ALA B 578 4.20 -27.66 -37.25
C ALA B 578 5.30 -26.67 -36.87
N THR B 579 6.51 -26.76 -37.43
CA THR B 579 7.60 -25.98 -36.84
C THR B 579 8.88 -26.12 -37.63
N TRP B 580 9.91 -25.47 -37.11
CA TRP B 580 11.29 -25.72 -37.49
C TRP B 580 12.20 -25.73 -36.28
N GLN B 581 11.65 -25.85 -35.08
CA GLN B 581 12.42 -25.77 -33.86
C GLN B 581 12.46 -27.12 -33.16
N ALA B 582 13.67 -27.59 -32.86
CA ALA B 582 13.79 -28.74 -31.99
C ALA B 582 13.24 -28.42 -30.62
N GLN B 583 12.98 -29.45 -29.82
CA GLN B 583 12.29 -29.24 -28.55
C GLN B 583 13.12 -28.38 -27.61
N THR B 584 12.52 -27.31 -27.11
CA THR B 584 13.18 -26.44 -26.16
C THR B 584 13.16 -27.07 -24.78
N GLU B 585 14.24 -26.81 -24.03
CA GLU B 585 14.26 -27.09 -22.60
C GLU B 585 12.99 -26.60 -21.93
N PHE B 586 12.61 -25.37 -22.24
CA PHE B 586 11.35 -24.84 -21.73
C PHE B 586 10.19 -25.68 -22.20
N GLN B 587 10.23 -26.11 -23.46
CA GLN B 587 9.17 -26.98 -23.96
C GLN B 587 9.25 -28.34 -23.28
N LYS B 588 10.44 -28.73 -22.82
CA LYS B 588 10.57 -29.97 -22.06
C LYS B 588 9.88 -29.85 -20.71
N MET B 589 10.05 -28.70 -20.05
CA MET B 589 9.51 -28.54 -18.70
C MET B 589 7.98 -28.49 -18.71
N VAL B 590 7.39 -28.32 -19.89
CA VAL B 590 5.94 -28.24 -20.02
C VAL B 590 5.43 -29.42 -20.81
N ASN B 591 6.27 -30.42 -21.04
CA ASN B 591 5.85 -31.67 -21.67
C ASN B 591 5.43 -31.46 -23.12
N ILE B 592 6.31 -30.87 -23.90
CA ILE B 592 6.03 -30.55 -25.29
C ILE B 592 6.93 -31.41 -26.17
N VAL B 593 6.41 -31.87 -27.30
CA VAL B 593 7.21 -32.70 -28.18
C VAL B 593 7.06 -32.24 -29.63
N PRO B 594 8.05 -31.57 -30.19
CA PRO B 594 7.92 -31.02 -31.53
C PRO B 594 7.95 -32.10 -32.59
N THR B 595 7.56 -31.70 -33.80
CA THR B 595 7.72 -32.52 -34.99
C THR B 595 8.39 -31.66 -36.05
N PRO B 596 9.63 -31.23 -35.79
CA PRO B 596 10.25 -30.20 -36.61
C PRO B 596 10.46 -30.63 -38.04
N ALA B 597 10.52 -29.64 -38.92
CA ALA B 597 10.87 -29.86 -40.31
C ALA B 597 9.89 -30.80 -41.00
N LYS B 598 8.61 -30.46 -40.91
CA LYS B 598 7.55 -31.18 -41.61
C LYS B 598 6.77 -30.14 -42.42
N VAL B 599 6.81 -30.28 -43.74
CA VAL B 599 6.34 -29.24 -44.64
C VAL B 599 5.10 -29.74 -45.36
N PRO B 600 3.92 -29.19 -45.08
CA PRO B 600 2.72 -29.57 -45.86
C PRO B 600 2.78 -28.95 -47.25
N VAL B 601 2.48 -29.78 -48.25
CA VAL B 601 2.44 -29.36 -49.64
C VAL B 601 0.99 -29.34 -50.09
N VAL B 602 0.55 -28.23 -50.67
CA VAL B 602 -0.84 -28.04 -51.00
C VAL B 602 -0.98 -27.66 -52.47
N ASP B 603 -1.91 -28.33 -53.15
CA ASP B 603 -2.40 -27.88 -54.45
C ASP B 603 -3.45 -26.79 -54.22
N VAL B 604 -3.48 -25.81 -55.10
CA VAL B 604 -4.46 -24.74 -54.98
C VAL B 604 -5.85 -25.25 -55.34
N GLU B 605 -5.93 -26.05 -56.42
CA GLU B 605 -7.21 -26.34 -57.06
C GLU B 605 -8.19 -27.03 -56.12
N SER B 606 -7.87 -28.24 -55.68
CA SER B 606 -8.76 -28.94 -54.77
C SER B 606 -8.72 -28.38 -53.36
N ALA B 607 -7.86 -27.40 -53.10
CA ALA B 607 -7.72 -26.81 -51.77
C ALA B 607 -7.39 -27.88 -50.74
N ARG B 608 -6.33 -28.64 -51.00
CA ARG B 608 -6.04 -29.82 -50.22
C ARG B 608 -4.54 -30.04 -50.08
N VAL B 609 -4.17 -30.67 -48.97
CA VAL B 609 -2.78 -31.03 -48.70
C VAL B 609 -2.47 -32.30 -49.47
N VAL B 610 -1.32 -32.31 -50.14
CA VAL B 610 -1.00 -33.37 -51.09
C VAL B 610 0.24 -34.17 -50.70
N LYS B 611 1.20 -33.55 -50.01
CA LYS B 611 2.50 -34.17 -49.81
C LYS B 611 3.13 -33.61 -48.55
N VAL B 612 3.25 -34.45 -47.53
CA VAL B 612 3.77 -34.04 -46.23
C VAL B 612 5.27 -34.31 -46.22
N LEU B 613 6.04 -33.33 -46.67
CA LEU B 613 7.49 -33.45 -46.59
C LEU B 613 7.93 -33.55 -45.13
N ASP B 614 9.06 -34.19 -44.93
CA ASP B 614 9.70 -34.29 -43.62
C ASP B 614 11.19 -34.13 -43.83
N PHE B 615 11.81 -33.21 -43.11
CA PHE B 615 13.23 -32.99 -43.22
C PHE B 615 13.96 -33.15 -41.90
N SER B 616 13.34 -33.82 -40.92
CA SER B 616 13.95 -33.89 -39.59
C SER B 616 15.27 -34.64 -39.60
N GLY B 617 15.56 -35.42 -40.64
CA GLY B 617 16.85 -36.07 -40.74
C GLY B 617 18.01 -35.12 -40.86
N TRP B 618 17.75 -33.88 -41.26
CA TRP B 618 18.80 -32.88 -41.33
C TRP B 618 18.86 -32.02 -40.08
N CYS B 619 18.37 -32.54 -38.97
CA CYS B 619 18.45 -31.86 -37.68
C CYS B 619 18.45 -32.89 -36.57
N PRO C 9 23.25 -17.16 42.45
CA PRO C 9 23.22 -17.47 43.88
C PRO C 9 21.97 -16.98 44.54
N LYS C 10 22.08 -15.87 45.27
CA LYS C 10 20.94 -15.37 46.02
C LYS C 10 20.35 -14.13 45.37
N GLU C 11 21.19 -13.27 44.76
CA GLU C 11 20.64 -12.10 44.09
C GLU C 11 19.63 -12.50 43.04
N MET C 12 19.99 -13.46 42.20
CA MET C 12 19.09 -13.86 41.14
C MET C 12 17.79 -14.42 41.68
N GLU C 13 17.87 -15.24 42.72
CA GLU C 13 16.66 -15.80 43.28
C GLU C 13 15.82 -14.73 43.95
N GLU C 14 16.46 -13.71 44.52
CA GLU C 14 15.71 -12.56 44.99
C GLU C 14 14.99 -11.90 43.84
N TYR C 15 15.63 -11.84 42.68
CA TYR C 15 15.01 -11.28 41.48
C TYR C 15 13.73 -12.01 41.14
N PHE C 16 13.83 -13.33 40.91
CA PHE C 16 12.64 -14.08 40.53
C PHE C 16 11.57 -14.06 41.61
N GLU C 17 11.97 -14.11 42.87
CA GLU C 17 10.98 -13.95 43.92
C GLU C 17 10.30 -12.59 43.82
N MET C 18 11.05 -11.57 43.41
CA MET C 18 10.46 -10.24 43.28
C MET C 18 9.39 -10.23 42.19
N LEU C 19 9.76 -10.65 40.97
CA LEU C 19 8.78 -10.68 39.89
C LEU C 19 7.57 -11.53 40.28
N GLN C 20 7.81 -12.63 41.00
CA GLN C 20 6.68 -13.46 41.38
C GLN C 20 5.74 -12.72 42.31
N ARG C 21 6.30 -11.92 43.22
CA ARG C 21 5.45 -11.12 44.07
C ARG C 21 4.60 -10.17 43.25
N GLU C 22 5.23 -9.38 42.37
CA GLU C 22 4.43 -8.35 41.69
C GLU C 22 3.43 -8.95 40.72
N ILE C 23 3.78 -10.04 40.05
CA ILE C 23 2.79 -10.74 39.24
C ILE C 23 1.63 -11.18 40.12
N ASP C 24 1.91 -11.67 41.33
CA ASP C 24 0.82 -12.04 42.22
C ASP C 24 -0.05 -10.85 42.56
N LYS C 25 0.55 -9.67 42.68
CA LYS C 25 -0.21 -8.45 42.83
C LYS C 25 -1.19 -8.24 41.68
N ALA C 26 -0.67 -8.27 40.45
CA ALA C 26 -1.52 -8.10 39.28
C ALA C 26 -2.66 -9.11 39.28
N TYR C 27 -2.37 -10.37 39.59
CA TYR C 27 -3.43 -11.36 39.64
C TYR C 27 -4.44 -11.06 40.75
N GLU C 28 -4.00 -10.46 41.85
CA GLU C 28 -4.99 -10.07 42.85
C GLU C 28 -5.98 -9.09 42.26
N ILE C 29 -5.48 -8.07 41.57
CA ILE C 29 -6.39 -7.09 40.97
C ILE C 29 -7.31 -7.77 39.98
N ALA C 30 -6.76 -8.57 39.08
CA ALA C 30 -7.58 -9.13 38.01
C ALA C 30 -8.60 -10.10 38.55
N LYS C 31 -8.30 -10.75 39.68
CA LYS C 31 -9.29 -11.66 40.26
C LYS C 31 -10.41 -10.90 40.94
N LYS C 32 -10.08 -9.81 41.64
CA LYS C 32 -11.16 -9.00 42.18
C LYS C 32 -12.02 -8.44 41.05
N ALA C 33 -11.41 -7.83 40.05
CA ALA C 33 -12.16 -7.19 38.99
C ALA C 33 -13.01 -8.19 38.23
N ARG C 34 -12.40 -9.26 37.75
CA ARG C 34 -13.18 -10.29 37.06
C ARG C 34 -14.22 -10.90 37.97
N ALA C 35 -14.02 -10.86 39.27
CA ALA C 35 -15.00 -11.46 40.18
C ALA C 35 -16.38 -10.82 40.07
N GLN C 36 -16.46 -9.61 39.54
CA GLN C 36 -17.73 -8.89 39.48
C GLN C 36 -18.66 -9.44 38.42
N GLY C 37 -18.30 -10.51 37.74
CA GLY C 37 -19.19 -11.11 36.78
C GLY C 37 -19.44 -10.28 35.54
N LYS C 38 -18.76 -9.15 35.38
CA LYS C 38 -18.99 -8.31 34.23
C LYS C 38 -18.38 -8.86 32.96
N ASP C 39 -17.38 -9.69 33.06
CA ASP C 39 -16.69 -10.15 31.86
C ASP C 39 -17.17 -11.53 31.43
N PRO C 40 -16.71 -12.03 30.29
CA PRO C 40 -17.16 -13.35 29.84
C PRO C 40 -16.87 -14.46 30.84
N SER C 41 -15.81 -14.35 31.61
CA SER C 41 -15.47 -15.35 32.60
C SER C 41 -15.70 -14.82 34.00
N LEU C 42 -15.61 -15.72 34.97
CA LEU C 42 -15.43 -15.27 36.34
C LEU C 42 -14.01 -15.52 36.84
N ASP C 43 -13.09 -15.88 35.96
CA ASP C 43 -11.70 -16.05 36.33
C ASP C 43 -10.81 -15.47 35.25
N VAL C 44 -9.58 -15.15 35.67
CA VAL C 44 -8.59 -14.65 34.74
C VAL C 44 -8.30 -15.73 33.73
N GLU C 45 -8.25 -15.37 32.46
CA GLU C 45 -8.06 -16.38 31.44
C GLU C 45 -6.67 -16.33 30.83
N ILE C 46 -5.65 -16.08 31.62
CA ILE C 46 -4.26 -16.27 31.22
C ILE C 46 -3.52 -16.92 32.38
N PRO C 47 -3.44 -18.23 32.42
CA PRO C 47 -2.73 -18.89 33.51
C PRO C 47 -1.24 -18.69 33.35
N GLN C 48 -0.57 -18.61 34.49
CA GLN C 48 0.87 -18.48 34.53
C GLN C 48 1.46 -19.86 34.75
N ALA C 49 2.66 -20.08 34.24
CA ALA C 49 3.36 -21.34 34.42
C ALA C 49 4.75 -20.99 34.92
N THR C 50 5.62 -21.99 34.98
CA THR C 50 6.98 -21.70 35.41
C THR C 50 8.02 -22.38 34.51
N ASP C 51 7.66 -23.50 33.91
CA ASP C 51 8.57 -24.29 33.11
C ASP C 51 7.89 -24.70 31.83
N MET C 52 8.54 -25.58 31.06
CA MET C 52 7.83 -26.20 29.95
C MET C 52 6.79 -27.19 30.43
N ALA C 53 7.00 -27.77 31.61
CA ALA C 53 5.98 -28.66 32.17
C ALA C 53 4.67 -27.94 32.35
N GLY C 54 4.70 -26.78 33.04
CA GLY C 54 3.50 -26.00 33.17
C GLY C 54 2.92 -25.60 31.83
N ARG C 55 3.77 -25.22 30.88
CA ARG C 55 3.28 -24.77 29.58
C ARG C 55 2.58 -25.89 28.85
N VAL C 56 2.99 -27.14 29.05
CA VAL C 56 2.33 -28.23 28.37
C VAL C 56 1.05 -28.61 29.09
N GLU C 57 1.09 -28.59 30.41
CA GLU C 57 -0.11 -28.94 31.17
C GLU C 57 -1.23 -27.95 30.90
N SER C 58 -0.88 -26.67 30.72
CA SER C 58 -1.93 -25.68 30.52
C SER C 58 -2.23 -25.47 29.04
N LEU C 59 -1.28 -25.72 28.16
CA LEU C 59 -1.66 -25.69 26.76
C LEU C 59 -2.57 -26.84 26.39
N VAL C 60 -2.11 -28.08 26.58
CA VAL C 60 -2.76 -29.24 25.98
C VAL C 60 -2.97 -30.38 26.95
N GLY C 61 -2.66 -30.19 28.23
CA GLY C 61 -2.92 -31.21 29.23
C GLY C 61 -2.17 -32.49 28.96
N PRO C 62 -2.61 -33.60 29.56
CA PRO C 62 -3.82 -33.72 30.37
C PRO C 62 -3.58 -33.16 31.76
N PRO C 63 -4.55 -33.23 32.66
CA PRO C 63 -4.32 -32.72 34.01
C PRO C 63 -3.21 -33.46 34.72
N GLY C 64 -2.44 -32.71 35.51
CA GLY C 64 -1.38 -33.27 36.34
C GLY C 64 -0.13 -33.69 35.60
N VAL C 65 -0.12 -33.63 34.27
CA VAL C 65 0.98 -34.19 33.50
C VAL C 65 2.29 -33.48 33.77
N ALA C 66 2.25 -32.22 34.18
CA ALA C 66 3.47 -31.48 34.40
C ALA C 66 4.32 -32.10 35.50
N LYS C 67 3.68 -32.48 36.60
CA LYS C 67 4.41 -33.07 37.72
C LYS C 67 5.22 -34.27 37.28
N ARG C 68 4.62 -35.14 36.48
CA ARG C 68 5.36 -36.28 35.96
C ARG C 68 6.45 -35.85 35.00
N ILE C 69 6.15 -34.91 34.10
CA ILE C 69 7.11 -34.57 33.06
C ILE C 69 8.35 -33.96 33.67
N ARG C 70 8.21 -33.24 34.78
CA ARG C 70 9.38 -32.66 35.42
C ARG C 70 10.31 -33.76 35.94
N GLU C 71 9.74 -34.77 36.58
CA GLU C 71 10.56 -35.89 37.05
C GLU C 71 11.23 -36.60 35.88
N LEU C 72 10.43 -37.02 34.89
CA LEU C 72 10.98 -37.83 33.81
C LEU C 72 12.05 -37.07 33.03
N VAL C 73 11.90 -35.76 32.91
CA VAL C 73 12.98 -34.98 32.32
C VAL C 73 14.14 -34.87 33.29
N LYS C 74 13.84 -34.94 34.59
CA LYS C 74 14.90 -34.91 35.59
C LYS C 74 15.81 -36.10 35.45
N GLU C 75 15.27 -37.23 34.98
CA GLU C 75 16.07 -38.45 34.91
C GLU C 75 16.62 -38.66 33.50
N TYR C 76 15.78 -38.51 32.49
CA TYR C 76 16.11 -38.92 31.14
C TYR C 76 16.41 -37.75 30.22
N GLY C 77 15.92 -36.55 30.53
CA GLY C 77 16.06 -35.42 29.65
C GLY C 77 14.72 -35.02 29.02
N LYS C 78 14.83 -34.30 27.92
CA LYS C 78 13.62 -33.87 27.21
C LYS C 78 13.04 -35.00 26.36
N GLU C 79 13.84 -35.49 25.42
CA GLU C 79 13.36 -36.43 24.42
C GLU C 79 12.81 -37.69 25.07
N ILE C 80 13.59 -38.30 25.95
CA ILE C 80 13.18 -39.58 26.56
C ILE C 80 11.90 -39.40 27.36
N ALA C 81 11.86 -38.36 28.20
CA ALA C 81 10.70 -38.13 29.04
C ALA C 81 9.46 -37.92 28.20
N ALA C 82 9.63 -37.39 26.98
CA ALA C 82 8.52 -37.34 26.04
C ALA C 82 7.89 -38.70 25.86
N LEU C 83 8.69 -39.69 25.50
CA LEU C 83 8.15 -41.00 25.17
C LEU C 83 7.62 -41.71 26.40
N LYS C 84 8.30 -41.55 27.54
CA LYS C 84 7.77 -42.10 28.79
C LYS C 84 6.38 -41.57 29.06
N ILE C 85 6.20 -40.25 28.97
CA ILE C 85 4.88 -39.67 29.16
C ILE C 85 3.89 -40.23 28.16
N VAL C 86 4.34 -40.45 26.93
CA VAL C 86 3.48 -41.11 25.95
C VAL C 86 2.96 -42.43 26.51
N ASP C 87 3.87 -43.22 27.09
CA ASP C 87 3.49 -44.51 27.64
C ASP C 87 2.43 -44.34 28.71
N GLU C 88 2.69 -43.49 29.71
CA GLU C 88 1.73 -43.37 30.80
C GLU C 88 0.40 -42.82 30.30
N ILE C 89 0.44 -42.06 29.20
CA ILE C 89 -0.79 -41.66 28.52
C ILE C 89 -1.56 -42.89 28.11
N ILE C 90 -0.98 -43.70 27.24
CA ILE C 90 -1.71 -44.85 26.72
C ILE C 90 -1.96 -45.88 27.82
N GLU C 91 -1.20 -45.83 28.90
CA GLU C 91 -1.46 -46.75 30.01
C GLU C 91 -2.53 -46.24 30.97
N GLY C 92 -3.09 -45.06 30.70
CA GLY C 92 -4.22 -44.60 31.49
C GLY C 92 -3.91 -44.10 32.87
N LYS C 93 -2.65 -43.75 33.16
CA LYS C 93 -2.32 -43.25 34.49
C LYS C 93 -3.00 -41.93 34.80
N PHE C 94 -3.43 -41.17 33.79
CA PHE C 94 -4.07 -39.89 34.00
C PHE C 94 -5.58 -39.98 33.81
N GLY C 95 -6.13 -41.19 33.78
CA GLY C 95 -7.55 -41.39 33.62
C GLY C 95 -7.90 -41.87 32.22
N ASP C 96 -9.17 -42.26 32.06
CA ASP C 96 -9.64 -42.79 30.79
C ASP C 96 -9.97 -41.64 29.84
N LEU C 97 -9.40 -41.69 28.64
CA LEU C 97 -9.75 -40.79 27.56
C LEU C 97 -10.95 -41.27 26.77
N GLY C 98 -11.22 -42.56 26.78
CA GLY C 98 -12.28 -43.11 25.97
C GLY C 98 -11.75 -43.86 24.77
N SER C 99 -12.25 -43.51 23.59
CA SER C 99 -11.95 -44.24 22.37
C SER C 99 -10.45 -44.27 22.13
N ARG C 100 -10.02 -45.16 21.23
CA ARG C 100 -8.61 -45.23 20.92
C ARG C 100 -8.11 -43.94 20.32
N GLU C 101 -8.94 -43.28 19.50
CA GLU C 101 -8.48 -42.04 18.84
C GLU C 101 -8.33 -40.90 19.83
N LYS C 102 -9.02 -40.97 20.97
CA LYS C 102 -8.81 -39.94 21.98
C LYS C 102 -7.48 -40.14 22.68
N TYR C 103 -7.12 -41.39 22.98
CA TYR C 103 -5.78 -41.63 23.52
C TYR C 103 -4.71 -41.25 22.50
N ALA C 104 -4.95 -41.53 21.22
CA ALA C 104 -4.03 -41.07 20.19
C ALA C 104 -3.90 -39.56 20.23
N GLU C 105 -5.03 -38.86 20.30
CA GLU C 105 -5.00 -37.40 20.31
C GLU C 105 -4.19 -36.88 21.48
N GLN C 106 -4.53 -37.34 22.68
CA GLN C 106 -3.88 -36.84 23.87
C GLN C 106 -2.39 -37.09 23.82
N ALA C 107 -1.99 -38.34 23.56
CA ALA C 107 -0.57 -38.67 23.61
C ALA C 107 0.19 -37.93 22.52
N VAL C 108 -0.42 -37.76 21.34
CA VAL C 108 0.29 -37.05 20.28
C VAL C 108 0.46 -35.59 20.65
N ARG C 109 -0.58 -34.97 21.19
CA ARG C 109 -0.49 -33.56 21.50
C ARG C 109 0.51 -33.32 22.62
N THR C 110 0.37 -34.04 23.74
CA THR C 110 1.31 -33.87 24.84
C THR C 110 2.72 -34.18 24.40
N ALA C 111 2.87 -35.17 23.53
CA ALA C 111 4.20 -35.53 23.06
C ALA C 111 4.84 -34.39 22.30
N LEU C 112 4.17 -33.94 21.24
CA LEU C 112 4.77 -32.88 20.43
C LEU C 112 4.93 -31.60 21.22
N ALA C 113 4.01 -31.36 22.16
CA ALA C 113 4.16 -30.22 23.06
C ALA C 113 5.47 -30.30 23.82
N ILE C 114 5.70 -31.40 24.53
CA ILE C 114 6.93 -31.52 25.31
C ILE C 114 8.13 -31.44 24.40
N LEU C 115 7.98 -31.85 23.15
CA LEU C 115 9.14 -31.91 22.29
C LEU C 115 9.55 -30.53 21.81
N THR C 116 8.59 -29.68 21.43
CA THR C 116 8.93 -28.31 21.06
C THR C 116 8.96 -27.38 22.24
N GLU C 117 8.80 -27.91 23.44
CA GLU C 117 8.93 -27.14 24.67
C GLU C 117 7.75 -26.22 24.88
N GLY C 118 6.68 -26.45 24.13
CA GLY C 118 5.43 -25.75 24.33
C GLY C 118 5.47 -24.29 24.01
N ILE C 119 6.46 -23.84 23.27
CA ILE C 119 6.55 -22.43 22.98
C ILE C 119 5.94 -22.11 21.62
N VAL C 120 5.51 -23.11 20.87
CA VAL C 120 4.89 -22.86 19.59
C VAL C 120 3.48 -23.41 19.62
N SER C 121 2.77 -23.20 18.51
CA SER C 121 1.37 -23.56 18.37
C SER C 121 1.15 -24.73 17.44
N ALA C 122 2.21 -25.40 16.99
CA ALA C 122 2.05 -26.66 16.28
C ALA C 122 1.17 -27.65 17.03
N PRO C 123 1.39 -27.93 18.31
CA PRO C 123 0.50 -28.85 19.02
C PRO C 123 -0.93 -28.41 19.06
N ILE C 124 -1.22 -27.15 18.79
CA ILE C 124 -2.57 -26.62 18.78
C ILE C 124 -2.95 -26.15 17.38
N GLU C 125 -2.32 -25.08 16.90
CA GLU C 125 -2.73 -24.49 15.64
C GLU C 125 -2.47 -25.40 14.44
N GLY C 126 -1.49 -26.30 14.54
CA GLY C 126 -1.02 -27.00 13.35
C GLY C 126 -1.72 -28.32 13.09
N ILE C 127 -1.63 -29.24 14.04
CA ILE C 127 -2.17 -30.59 13.90
C ILE C 127 -3.68 -30.50 13.94
N ALA C 128 -4.30 -30.54 12.76
CA ALA C 128 -5.74 -30.41 12.67
C ALA C 128 -6.45 -31.56 13.37
N ASN C 129 -6.10 -32.79 13.05
CA ASN C 129 -6.77 -33.95 13.61
C ASN C 129 -5.83 -35.14 13.62
N VAL C 130 -6.33 -36.24 14.20
CA VAL C 130 -5.65 -37.52 14.22
C VAL C 130 -6.72 -38.59 14.07
N LYS C 131 -6.52 -39.52 13.14
CA LYS C 131 -7.52 -40.53 12.84
C LYS C 131 -6.88 -41.90 12.67
N ILE C 132 -7.72 -42.93 12.77
CA ILE C 132 -7.29 -44.31 12.56
C ILE C 132 -8.02 -44.86 11.34
N LYS C 133 -7.25 -45.21 10.31
CA LYS C 133 -7.82 -45.59 9.03
C LYS C 133 -7.42 -47.02 8.70
N ARG C 134 -7.85 -47.49 7.54
CA ARG C 134 -7.57 -48.85 7.10
C ARG C 134 -7.03 -48.85 5.68
N ASN C 135 -6.07 -49.75 5.44
CA ASN C 135 -5.47 -49.91 4.12
C ASN C 135 -6.45 -50.61 3.18
N THR C 136 -7.56 -49.92 2.90
CA THR C 136 -8.67 -50.55 2.20
C THR C 136 -8.31 -50.88 0.77
N TRP C 137 -7.33 -50.16 0.21
CA TRP C 137 -6.80 -50.54 -1.09
C TRP C 137 -5.79 -51.68 -0.98
N ALA C 138 -5.05 -51.78 0.12
CA ALA C 138 -3.93 -52.71 0.19
C ALA C 138 -4.28 -54.00 0.94
N ASP C 139 -4.67 -53.87 2.20
CA ASP C 139 -5.09 -55.03 2.98
C ASP C 139 -6.10 -54.73 4.08
N ASN C 140 -6.61 -53.50 4.15
CA ASN C 140 -7.65 -53.10 5.10
C ASN C 140 -7.11 -53.02 6.54
N SER C 141 -5.79 -53.02 6.72
CA SER C 141 -5.20 -52.91 8.04
C SER C 141 -5.24 -51.48 8.54
N GLU C 142 -5.13 -51.32 9.86
CA GLU C 142 -5.24 -49.99 10.46
C GLU C 142 -3.92 -49.24 10.37
N TYR C 143 -4.04 -47.91 10.35
CA TYR C 143 -2.89 -47.04 10.42
C TYR C 143 -3.32 -45.71 11.01
N LEU C 144 -2.35 -44.82 11.15
CA LEU C 144 -2.56 -43.53 11.79
C LEU C 144 -2.42 -42.40 10.78
N ALA C 145 -3.41 -41.52 10.77
CA ALA C 145 -3.51 -40.43 9.80
C ALA C 145 -3.46 -39.10 10.52
N LEU C 146 -2.48 -38.27 10.17
CA LEU C 146 -2.31 -36.96 10.78
C LEU C 146 -2.83 -35.88 9.85
N TYR C 147 -3.68 -35.00 10.40
CA TYR C 147 -4.27 -33.89 9.66
C TYR C 147 -3.60 -32.61 10.15
N TYR C 148 -2.71 -32.05 9.35
CA TYR C 148 -2.04 -30.79 9.70
C TYR C 148 -2.89 -29.61 9.28
N ALA C 149 -2.32 -28.41 9.41
CA ALA C 149 -2.86 -27.20 8.83
C ALA C 149 -1.74 -26.23 8.52
N GLY C 150 -1.99 -25.36 7.54
CA GLY C 150 -1.03 -24.40 7.04
C GLY C 150 -0.17 -23.67 8.07
N PRO C 151 -0.77 -23.24 9.19
CA PRO C 151 0.02 -22.59 10.24
C PRO C 151 1.17 -23.42 10.80
N ILE C 152 1.20 -24.73 10.51
CA ILE C 152 2.34 -25.53 10.93
C ILE C 152 3.62 -24.99 10.32
N ARG C 153 3.54 -24.38 9.14
CA ARG C 153 4.71 -23.74 8.55
C ARG C 153 5.36 -22.76 9.51
N SER C 154 4.53 -22.03 10.25
CA SER C 154 5.02 -21.13 11.27
C SER C 154 6.00 -21.79 12.22
N SER C 155 5.69 -22.99 12.70
CA SER C 155 6.57 -23.62 13.67
C SER C 155 7.77 -24.33 13.03
N GLY C 156 8.02 -24.10 11.76
CA GLY C 156 9.26 -24.53 11.16
C GLY C 156 9.34 -26.03 10.98
N GLY C 157 10.38 -26.45 10.25
CA GLY C 157 10.48 -27.84 9.86
C GLY C 157 10.66 -28.79 11.02
N THR C 158 11.56 -28.43 11.96
CA THR C 158 11.94 -29.34 13.04
C THR C 158 10.74 -29.83 13.81
N ALA C 159 9.96 -28.91 14.38
CA ALA C 159 8.73 -29.29 15.07
C ALA C 159 7.80 -30.05 14.15
N GLN C 160 7.73 -29.66 12.89
CA GLN C 160 7.01 -30.45 11.90
C GLN C 160 7.54 -31.86 11.84
N ALA C 161 8.85 -32.01 11.69
CA ALA C 161 9.45 -33.33 11.56
C ALA C 161 9.18 -34.18 12.78
N LEU C 162 9.30 -33.59 13.97
CA LEU C 162 9.04 -34.37 15.17
C LEU C 162 7.60 -34.86 15.21
N SER C 163 6.68 -34.11 14.58
CA SER C 163 5.30 -34.56 14.50
C SER C 163 5.21 -35.92 13.84
N VAL C 164 6.07 -36.16 12.84
CA VAL C 164 6.17 -37.47 12.22
C VAL C 164 6.53 -38.51 13.26
N LEU C 165 7.60 -38.28 14.00
CA LEU C 165 8.12 -39.28 14.94
C LEU C 165 7.06 -39.74 15.91
N VAL C 166 6.38 -38.79 16.54
CA VAL C 166 5.33 -39.14 17.50
C VAL C 166 4.24 -39.90 16.77
N GLY C 167 3.86 -39.43 15.58
CA GLY C 167 2.87 -40.13 14.79
C GLY C 167 3.27 -41.57 14.51
N ASP C 168 4.58 -41.81 14.35
CA ASP C 168 5.02 -43.18 14.16
C ASP C 168 4.94 -43.95 15.48
N TYR C 169 5.34 -43.30 16.57
CA TYR C 169 5.45 -44.01 17.83
C TYR C 169 4.08 -44.38 18.38
N VAL C 170 3.14 -43.42 18.35
CA VAL C 170 1.84 -43.62 18.99
C VAL C 170 1.14 -44.84 18.41
N ARG C 171 1.04 -44.90 17.09
CA ARG C 171 0.38 -46.02 16.44
C ARG C 171 1.05 -47.34 16.80
N ARG C 172 2.38 -47.33 16.98
CA ARG C 172 3.03 -48.54 17.44
C ARG C 172 2.60 -48.88 18.85
N LYS C 173 2.56 -47.88 19.73
CA LYS C 173 2.07 -48.14 21.07
C LYS C 173 0.63 -48.59 21.05
N LEU C 174 -0.15 -48.11 20.10
CA LEU C 174 -1.54 -48.51 19.97
C LEU C 174 -1.69 -49.76 19.13
N GLY C 175 -0.62 -50.52 18.95
CA GLY C 175 -0.67 -51.76 18.19
C GLY C 175 -1.14 -51.62 16.77
N LEU C 176 -0.98 -50.44 16.18
CA LEU C 176 -1.53 -50.22 14.86
C LEU C 176 -0.53 -50.68 13.80
N ASP C 177 -0.98 -50.67 12.55
CA ASP C 177 -0.13 -51.11 11.46
C ASP C 177 0.50 -49.91 10.77
N ARG C 178 1.63 -50.15 10.12
CA ARG C 178 2.26 -49.24 9.20
C ARG C 178 1.27 -48.80 8.13
N PHE C 179 1.59 -47.70 7.46
CA PHE C 179 0.81 -47.27 6.31
C PHE C 179 1.42 -47.82 5.03
N LYS C 180 0.58 -48.08 4.04
CA LYS C 180 0.97 -48.76 2.81
C LYS C 180 0.27 -48.10 1.62
N PRO C 181 0.78 -46.96 1.15
CA PRO C 181 0.06 -46.21 0.10
C PRO C 181 0.11 -46.93 -1.24
N SER C 182 -0.94 -46.72 -2.04
CA SER C 182 -0.90 -47.15 -3.42
C SER C 182 -0.19 -46.10 -4.26
N GLU C 183 0.06 -46.44 -5.53
CA GLU C 183 0.85 -45.55 -6.38
C GLU C 183 0.08 -44.29 -6.75
N LYS C 184 -1.25 -44.33 -6.61
CA LYS C 184 -2.03 -43.12 -6.82
C LYS C 184 -1.90 -42.17 -5.64
N HIS C 185 -1.90 -42.70 -4.42
CA HIS C 185 -1.48 -41.92 -3.26
C HIS C 185 -0.13 -41.24 -3.53
N ILE C 186 0.87 -42.04 -3.89
CA ILE C 186 2.24 -41.54 -4.02
C ILE C 186 2.31 -40.46 -5.09
N GLU C 187 1.84 -40.78 -6.31
CA GLU C 187 1.98 -39.84 -7.40
C GLU C 187 1.14 -38.59 -7.20
N ARG C 188 -0.05 -38.71 -6.58
CA ARG C 188 -0.80 -37.51 -6.22
C ARG C 188 -0.02 -36.66 -5.24
N MET C 189 0.69 -37.31 -4.31
CA MET C 189 1.46 -36.56 -3.34
C MET C 189 2.60 -35.80 -4.01
N VAL C 190 3.37 -36.47 -4.87
CA VAL C 190 4.47 -35.79 -5.55
C VAL C 190 3.94 -34.65 -6.40
N GLU C 191 2.81 -34.89 -7.08
CA GLU C 191 2.11 -33.81 -7.79
C GLU C 191 1.85 -32.63 -6.88
N GLU C 192 1.36 -32.90 -5.67
CA GLU C 192 1.20 -31.85 -4.68
C GLU C 192 2.52 -31.15 -4.42
N VAL C 193 3.63 -31.89 -4.46
CA VAL C 193 4.94 -31.29 -4.26
C VAL C 193 5.23 -30.27 -5.35
N ASP C 194 5.15 -30.70 -6.61
CA ASP C 194 5.52 -29.80 -7.71
C ASP C 194 4.58 -28.61 -7.79
N LEU C 195 3.27 -28.85 -7.72
CA LEU C 195 2.34 -27.72 -7.82
C LEU C 195 2.51 -26.76 -6.65
N TYR C 196 2.51 -27.29 -5.42
CA TYR C 196 2.60 -26.43 -4.24
C TYR C 196 3.90 -25.64 -4.23
N HIS C 197 4.99 -26.26 -4.64
CA HIS C 197 6.24 -25.52 -4.75
C HIS C 197 6.19 -24.52 -5.88
N ARG C 198 5.47 -24.85 -6.94
CA ARG C 198 5.52 -24.06 -8.17
C ARG C 198 4.72 -22.78 -8.01
N ALA C 199 3.50 -22.88 -7.49
CA ALA C 199 2.57 -21.77 -7.52
C ALA C 199 2.21 -21.20 -6.16
N VAL C 200 2.16 -22.01 -5.09
CA VAL C 200 1.61 -21.55 -3.83
C VAL C 200 2.67 -20.83 -3.01
N THR C 201 3.71 -21.55 -2.62
CA THR C 201 4.79 -20.95 -1.84
C THR C 201 6.03 -21.81 -1.99
N ARG C 202 7.15 -21.17 -2.27
CA ARG C 202 8.38 -21.89 -2.52
C ARG C 202 8.87 -22.56 -1.25
N LEU C 203 8.97 -23.88 -1.27
CA LEU C 203 9.50 -24.63 -0.15
C LEU C 203 10.93 -24.19 0.15
N GLN C 204 11.33 -24.32 1.42
CA GLN C 204 12.71 -24.02 1.77
C GLN C 204 13.67 -25.01 1.13
N TYR C 205 13.34 -26.29 1.20
CA TYR C 205 14.07 -27.32 0.46
C TYR C 205 13.08 -27.97 -0.50
N HIS C 206 13.37 -27.88 -1.80
CA HIS C 206 12.52 -28.53 -2.79
C HIS C 206 13.08 -29.89 -3.12
N PRO C 207 12.45 -30.98 -2.65
CA PRO C 207 13.02 -32.31 -2.89
C PRO C 207 12.67 -32.82 -4.27
N SER C 208 13.50 -33.75 -4.75
CA SER C 208 13.20 -34.39 -6.01
C SER C 208 11.98 -35.30 -5.86
N PRO C 209 11.35 -35.66 -6.98
CA PRO C 209 10.19 -36.57 -6.90
C PRO C 209 10.54 -37.94 -6.36
N GLU C 210 11.70 -38.48 -6.76
CA GLU C 210 12.14 -39.77 -6.24
C GLU C 210 12.31 -39.76 -4.73
N GLU C 211 12.86 -38.66 -4.20
CA GLU C 211 12.92 -38.51 -2.75
C GLU C 211 11.52 -38.50 -2.15
N VAL C 212 10.58 -37.86 -2.84
CA VAL C 212 9.22 -37.76 -2.34
C VAL C 212 8.59 -39.14 -2.25
N ARG C 213 8.73 -39.95 -3.30
CA ARG C 213 8.19 -41.30 -3.27
C ARG C 213 8.93 -42.13 -2.22
N LEU C 214 10.23 -41.86 -2.05
CA LEU C 214 11.00 -42.49 -0.98
C LEU C 214 10.31 -42.32 0.36
N ALA C 215 10.06 -41.07 0.76
CA ALA C 215 9.34 -40.82 2.00
C ALA C 215 7.97 -41.47 1.97
N MET C 216 7.27 -41.36 0.82
CA MET C 216 5.91 -41.89 0.70
C MET C 216 5.89 -43.39 0.95
N ARG C 217 6.94 -44.09 0.59
CA ARG C 217 7.04 -45.51 0.84
C ARG C 217 7.55 -45.81 2.24
N ASN C 218 8.23 -44.84 2.85
CA ASN C 218 8.99 -45.11 4.06
C ASN C 218 8.50 -44.39 5.30
N ILE C 219 7.35 -43.71 5.25
CA ILE C 219 6.74 -43.14 6.45
C ILE C 219 5.54 -43.97 6.85
N PRO C 220 5.61 -44.74 7.93
CA PRO C 220 4.53 -45.67 8.28
C PRO C 220 3.22 -45.00 8.64
N ILE C 221 3.20 -43.68 8.81
CA ILE C 221 2.01 -42.93 9.16
C ILE C 221 1.68 -41.98 8.01
N GLU C 222 0.42 -41.59 7.93
CA GLU C 222 -0.08 -40.77 6.83
C GLU C 222 0.09 -39.29 7.12
N ILE C 223 0.68 -38.57 6.19
CA ILE C 223 0.87 -37.13 6.28
C ILE C 223 -0.20 -36.47 5.42
N THR C 224 -1.27 -35.99 6.06
CA THR C 224 -2.47 -35.55 5.35
C THR C 224 -3.11 -34.42 6.14
N GLY C 225 -4.38 -34.14 5.83
CA GLY C 225 -5.09 -33.05 6.43
C GLY C 225 -6.06 -32.44 5.44
N GLU C 226 -6.65 -31.32 5.82
CA GLU C 226 -7.56 -30.64 4.93
C GLU C 226 -6.79 -29.85 3.88
N ALA C 227 -7.33 -29.82 2.67
CA ALA C 227 -6.67 -29.12 1.58
C ALA C 227 -6.61 -27.62 1.88
N THR C 228 -5.52 -27.00 1.47
CA THR C 228 -5.21 -25.63 1.90
C THR C 228 -5.43 -24.60 0.81
N ASP C 229 -5.38 -24.98 -0.46
CA ASP C 229 -5.53 -24.05 -1.57
C ASP C 229 -6.57 -24.58 -2.54
N ASP C 230 -7.10 -23.70 -3.38
CA ASP C 230 -8.07 -24.12 -4.39
C ASP C 230 -7.36 -24.61 -5.64
N VAL C 231 -6.47 -25.60 -5.49
CA VAL C 231 -5.67 -26.11 -6.59
C VAL C 231 -6.04 -27.56 -6.80
N GLU C 232 -6.76 -27.85 -7.88
CA GLU C 232 -7.17 -29.22 -8.15
C GLU C 232 -5.97 -30.06 -8.57
N VAL C 233 -6.09 -31.37 -8.39
CA VAL C 233 -5.01 -32.29 -8.69
C VAL C 233 -5.46 -33.31 -9.72
N SER C 234 -4.51 -34.11 -10.21
CA SER C 234 -4.77 -35.07 -11.28
C SER C 234 -5.15 -36.44 -10.78
N HIS C 235 -4.52 -36.91 -9.70
CA HIS C 235 -4.84 -38.20 -9.11
C HIS C 235 -6.04 -38.04 -8.19
N ARG C 236 -7.15 -37.66 -8.80
CA ARG C 236 -8.33 -37.27 -8.04
C ARG C 236 -8.98 -38.47 -7.38
N ASP C 237 -9.60 -38.22 -6.24
CA ASP C 237 -10.45 -39.19 -5.56
C ASP C 237 -9.69 -40.47 -5.26
N VAL C 238 -8.53 -40.32 -4.63
CA VAL C 238 -7.78 -41.48 -4.15
C VAL C 238 -8.53 -42.06 -2.95
N PRO C 239 -8.46 -43.36 -2.70
CA PRO C 239 -9.17 -43.92 -1.55
C PRO C 239 -8.71 -43.31 -0.24
N GLY C 240 -9.63 -42.61 0.43
CA GLY C 240 -9.36 -42.04 1.73
C GLY C 240 -9.04 -40.57 1.76
N VAL C 241 -8.49 -40.02 0.67
CA VAL C 241 -8.16 -38.61 0.57
C VAL C 241 -9.42 -37.89 0.10
N GLU C 242 -10.14 -37.29 1.05
CA GLU C 242 -11.47 -36.76 0.81
C GLU C 242 -11.45 -35.41 0.10
N THR C 243 -10.37 -35.06 -0.59
CA THR C 243 -10.30 -33.81 -1.32
C THR C 243 -9.30 -33.96 -2.46
N ASN C 244 -9.56 -33.23 -3.55
CA ASN C 244 -8.70 -33.25 -4.72
C ASN C 244 -7.93 -31.95 -4.89
N GLN C 245 -7.61 -31.28 -3.80
CA GLN C 245 -6.86 -30.03 -3.82
C GLN C 245 -5.51 -30.23 -3.15
N LEU C 246 -4.65 -29.22 -3.28
CA LEU C 246 -3.34 -29.28 -2.65
C LEU C 246 -3.46 -29.15 -1.14
N ARG C 247 -2.78 -30.04 -0.42
CA ARG C 247 -2.77 -30.03 1.04
C ARG C 247 -1.41 -29.50 1.48
N GLY C 248 -1.34 -28.18 1.63
CA GLY C 248 -0.09 -27.54 2.01
C GLY C 248 0.42 -28.00 3.37
N GLY C 249 -0.48 -28.44 4.24
CA GLY C 249 -0.05 -28.99 5.52
C GLY C 249 0.73 -30.28 5.34
N ALA C 250 0.11 -31.27 4.70
CA ALA C 250 0.81 -32.51 4.41
C ALA C 250 2.05 -32.27 3.58
N ILE C 251 1.97 -31.33 2.64
CA ILE C 251 3.10 -31.06 1.75
C ILE C 251 4.28 -30.52 2.54
N LEU C 252 4.05 -29.46 3.32
CA LEU C 252 5.14 -28.85 4.07
C LEU C 252 5.72 -29.83 5.08
N VAL C 253 4.85 -30.55 5.79
CA VAL C 253 5.33 -31.54 6.75
C VAL C 253 6.20 -32.56 6.05
N LEU C 254 5.82 -32.91 4.83
CA LEU C 254 6.60 -33.81 4.02
C LEU C 254 7.98 -33.24 3.70
N ALA C 255 8.00 -32.13 2.97
CA ALA C 255 9.22 -31.62 2.34
C ALA C 255 10.12 -30.88 3.32
N GLU C 256 9.61 -29.80 3.90
CA GLU C 256 10.43 -28.98 4.79
C GLU C 256 10.68 -29.65 6.13
N GLY C 257 10.05 -30.78 6.39
CA GLY C 257 10.16 -31.41 7.69
C GLY C 257 11.17 -32.52 7.72
N VAL C 258 10.65 -33.76 7.61
CA VAL C 258 11.52 -34.94 7.67
C VAL C 258 12.61 -34.86 6.61
N LEU C 259 12.25 -34.41 5.41
CA LEU C 259 13.28 -34.19 4.39
C LEU C 259 14.26 -33.10 4.81
N GLN C 260 13.78 -31.87 4.97
CA GLN C 260 14.68 -30.72 5.13
C GLN C 260 15.54 -30.86 6.38
N LYS C 261 15.05 -31.59 7.39
CA LYS C 261 15.80 -31.79 8.63
C LYS C 261 15.94 -33.25 9.01
N ALA C 262 16.21 -34.13 8.05
CA ALA C 262 16.32 -35.56 8.35
C ALA C 262 17.50 -35.85 9.27
N LYS C 263 18.57 -35.07 9.13
CA LYS C 263 19.74 -35.23 10.00
C LYS C 263 19.37 -35.11 11.46
N LYS C 264 18.85 -33.94 11.86
CA LYS C 264 18.42 -33.74 13.23
C LYS C 264 17.36 -34.77 13.62
N LEU C 265 16.50 -35.13 12.68
CA LEU C 265 15.44 -36.11 12.96
C LEU C 265 16.02 -37.44 13.41
N VAL C 266 16.94 -38.00 12.64
CA VAL C 266 17.57 -39.25 13.06
C VAL C 266 18.44 -39.02 14.28
N LYS C 267 18.82 -37.76 14.54
CA LYS C 267 19.42 -37.47 15.83
C LYS C 267 18.44 -37.77 16.95
N TYR C 268 17.16 -37.43 16.76
CA TYR C 268 16.17 -37.73 17.80
C TYR C 268 15.82 -39.22 17.80
N ILE C 269 15.86 -39.86 16.64
CA ILE C 269 15.71 -41.31 16.62
C ILE C 269 16.80 -41.97 17.44
N ASP C 270 18.05 -41.52 17.24
CA ASP C 270 19.17 -42.03 18.03
C ASP C 270 19.01 -41.73 19.50
N LYS C 271 18.52 -40.53 19.83
CA LYS C 271 18.35 -40.19 21.22
C LYS C 271 17.20 -40.97 21.84
N MET C 272 16.32 -41.51 21.00
CA MET C 272 15.17 -42.26 21.45
C MET C 272 15.24 -43.72 21.06
N GLY C 273 16.19 -44.09 20.19
CA GLY C 273 16.35 -45.48 19.81
C GLY C 273 15.09 -46.09 19.21
N ILE C 274 14.41 -45.36 18.35
CA ILE C 274 13.17 -45.83 17.76
C ILE C 274 13.45 -46.42 16.39
N GLU C 275 13.17 -47.71 16.25
CA GLU C 275 13.51 -48.46 15.05
C GLU C 275 12.58 -48.09 13.90
N GLY C 276 12.99 -48.48 12.70
CA GLY C 276 12.22 -48.21 11.52
C GLY C 276 12.55 -46.92 10.81
N TRP C 277 13.79 -46.44 10.91
CA TRP C 277 14.15 -45.18 10.27
C TRP C 277 15.51 -45.23 9.59
N GLU C 278 16.03 -46.43 9.34
CA GLU C 278 17.37 -46.52 8.77
C GLU C 278 17.43 -45.91 7.38
N TRP C 279 16.34 -46.04 6.62
CA TRP C 279 16.27 -45.46 5.29
C TRP C 279 16.53 -43.95 5.33
N LEU C 280 16.13 -43.32 6.43
CA LEU C 280 16.34 -41.90 6.60
C LEU C 280 17.81 -41.60 6.89
N LYS C 281 18.48 -42.48 7.63
CA LYS C 281 19.93 -42.36 7.78
C LYS C 281 20.61 -42.45 6.44
N GLU C 282 20.22 -43.44 5.62
CA GLU C 282 20.78 -43.59 4.29
C GLU C 282 20.47 -42.39 3.41
N PHE C 283 19.32 -41.76 3.62
CA PHE C 283 19.03 -40.52 2.93
C PHE C 283 19.97 -39.41 3.38
N VAL C 284 20.26 -39.38 4.68
CA VAL C 284 21.16 -38.37 5.23
C VAL C 284 22.56 -38.52 4.63
N GLU C 285 23.20 -39.66 4.86
CA GLU C 285 24.54 -39.88 4.33
C GLU C 285 24.56 -39.81 2.82
N ALA C 286 23.49 -40.29 2.18
CA ALA C 286 23.36 -40.15 0.74
C ALA C 286 23.43 -38.69 0.33
N LYS C 287 22.90 -37.79 1.15
CA LYS C 287 23.00 -36.38 0.82
C LYS C 287 24.37 -35.80 1.14
N GLU C 288 25.04 -36.32 2.17
CA GLU C 288 26.40 -35.89 2.47
C GLU C 288 27.42 -36.59 1.57
N ASP C 314 58.72 -20.34 -5.48
CA ASP C 314 58.08 -20.15 -4.19
C ASP C 314 56.85 -19.27 -4.35
N MET C 315 56.43 -18.63 -3.26
CA MET C 315 55.19 -17.88 -3.25
C MET C 315 54.99 -17.23 -1.89
N GLY C 316 54.57 -15.97 -1.90
CA GLY C 316 54.51 -15.21 -0.67
C GLY C 316 53.43 -15.70 0.26
N PHE C 317 53.46 -15.21 1.49
CA PHE C 317 52.50 -15.70 2.47
C PHE C 317 51.09 -15.23 2.15
N TYR C 318 50.86 -13.93 2.18
CA TYR C 318 49.50 -13.46 1.99
C TYR C 318 48.99 -13.76 0.60
N TYR C 319 49.88 -13.90 -0.37
CA TYR C 319 49.42 -14.32 -1.70
C TYR C 319 48.76 -15.68 -1.60
N SER C 320 49.47 -16.64 -1.02
CA SER C 320 48.90 -17.95 -0.75
C SER C 320 47.61 -17.84 0.05
N LEU C 321 47.59 -16.94 1.03
CA LEU C 321 46.43 -16.87 1.89
C LEU C 321 45.20 -16.43 1.13
N TYR C 322 45.31 -15.36 0.34
CA TYR C 322 44.20 -14.95 -0.50
C TYR C 322 43.81 -16.07 -1.44
N GLN C 323 44.77 -16.89 -1.83
CA GLN C 323 44.47 -17.95 -2.78
C GLN C 323 43.55 -18.99 -2.15
N LYS C 324 44.04 -19.63 -1.07
CA LYS C 324 43.21 -20.59 -0.36
C LYS C 324 41.90 -19.98 0.08
N PHE C 325 41.95 -18.72 0.48
CA PHE C 325 40.73 -18.02 0.87
C PHE C 325 39.74 -17.98 -0.27
N LYS C 326 40.21 -17.72 -1.49
CA LYS C 326 39.28 -17.67 -2.61
C LYS C 326 38.76 -19.05 -2.97
N GLU C 327 39.48 -20.10 -2.59
CA GLU C 327 39.03 -21.42 -3.01
C GLU C 327 38.10 -22.06 -1.98
N GLU C 328 38.46 -22.02 -0.70
CA GLU C 328 37.66 -22.73 0.29
C GLU C 328 36.38 -21.97 0.60
N ILE C 329 36.39 -20.65 0.49
CA ILE C 329 35.28 -19.80 0.88
C ILE C 329 34.70 -19.19 -0.40
N ALA C 330 33.54 -19.67 -0.80
CA ALA C 330 32.94 -19.19 -2.03
C ALA C 330 32.13 -17.93 -1.77
N PRO C 331 32.31 -16.89 -2.58
CA PRO C 331 31.54 -15.66 -2.37
C PRO C 331 30.08 -15.90 -2.71
N SER C 332 29.27 -16.06 -1.69
CA SER C 332 27.86 -16.31 -1.91
C SER C 332 27.22 -15.14 -2.63
N ASP C 333 26.04 -15.36 -3.19
CA ASP C 333 25.36 -14.33 -3.96
C ASP C 333 23.86 -14.42 -3.73
N LYS C 334 23.46 -14.80 -2.52
CA LYS C 334 22.03 -14.91 -2.28
C LYS C 334 21.41 -13.55 -2.06
N TYR C 335 22.02 -12.74 -1.22
CA TYR C 335 21.38 -11.50 -0.80
C TYR C 335 21.15 -10.58 -1.98
N ALA C 336 22.01 -10.64 -2.99
CA ALA C 336 21.85 -9.78 -4.15
C ALA C 336 20.93 -10.38 -5.19
N LYS C 337 20.28 -11.49 -4.88
CA LYS C 337 19.39 -12.14 -5.82
C LYS C 337 18.24 -11.22 -6.19
N GLU C 338 17.57 -10.68 -5.20
CA GLU C 338 16.42 -9.80 -5.34
C GLU C 338 16.84 -8.42 -4.92
N VAL C 339 16.41 -7.40 -5.66
CA VAL C 339 16.57 -6.03 -5.22
C VAL C 339 15.26 -5.30 -5.44
N ILE C 340 14.42 -5.28 -4.41
CA ILE C 340 13.24 -4.42 -4.40
C ILE C 340 13.67 -2.97 -4.63
N GLY C 341 12.76 -2.18 -5.19
CA GLY C 341 13.05 -0.77 -5.34
C GLY C 341 13.10 -0.11 -3.98
N GLY C 342 14.06 0.78 -3.80
CA GLY C 342 14.25 1.47 -2.55
C GLY C 342 15.20 0.79 -1.59
N ARG C 343 15.42 -0.49 -1.78
CA ARG C 343 16.34 -1.25 -0.97
C ARG C 343 17.76 -1.09 -1.50
N PRO C 344 18.60 -0.40 -0.83
CA PRO C 344 19.93 -0.16 -1.37
C PRO C 344 20.77 -1.41 -1.38
N LEU C 345 21.77 -1.48 -2.24
CA LEU C 345 22.79 -2.51 -2.10
C LEU C 345 24.06 -1.86 -1.58
N PHE C 346 24.64 -2.45 -0.52
CA PHE C 346 25.72 -1.79 0.19
C PHE C 346 27.09 -2.30 -0.21
N SER C 347 27.21 -3.53 -0.69
CA SER C 347 28.50 -4.02 -1.16
C SER C 347 28.31 -5.32 -1.89
N ASP C 348 28.99 -5.46 -3.02
CA ASP C 348 28.92 -6.68 -3.78
C ASP C 348 29.51 -7.82 -2.95
N PRO C 349 29.25 -9.04 -3.29
CA PRO C 349 29.62 -10.14 -2.40
C PRO C 349 31.12 -10.30 -2.30
N SER C 350 31.60 -10.30 -1.07
CA SER C 350 33.02 -10.45 -0.79
C SER C 350 33.87 -9.47 -1.59
N LYS C 351 33.48 -8.22 -1.62
CA LYS C 351 34.26 -7.27 -2.37
C LYS C 351 34.97 -6.31 -1.45
N PRO C 352 36.27 -6.10 -1.63
CA PRO C 352 37.03 -5.29 -0.68
C PRO C 352 36.66 -3.82 -0.78
N GLY C 353 36.11 -3.30 0.29
CA GLY C 353 35.41 -2.03 0.30
C GLY C 353 34.08 -2.13 0.99
N GLY C 354 33.52 -3.30 1.10
CA GLY C 354 32.32 -3.54 1.85
C GLY C 354 32.64 -3.65 3.31
N PHE C 355 31.70 -4.18 4.08
CA PHE C 355 31.83 -4.15 5.53
C PHE C 355 33.02 -5.01 5.92
N ARG C 356 34.13 -4.35 6.17
CA ARG C 356 35.30 -4.98 6.78
C ARG C 356 34.85 -5.71 8.03
N LEU C 357 35.35 -6.90 8.28
CA LEU C 357 34.79 -7.77 9.30
C LEU C 357 35.64 -7.80 10.56
N ARG C 358 34.98 -7.79 11.71
CA ARG C 358 35.67 -7.87 12.99
C ARG C 358 34.89 -8.79 13.91
N TYR C 359 35.45 -9.98 14.17
CA TYR C 359 34.85 -10.88 15.13
C TYR C 359 34.69 -10.16 16.44
N GLY C 360 33.64 -10.45 17.13
CA GLY C 360 33.41 -9.79 18.40
C GLY C 360 31.94 -9.78 18.69
N ARG C 361 31.60 -9.25 19.85
CA ARG C 361 30.21 -9.25 20.26
C ARG C 361 29.98 -8.10 21.20
N SER C 362 29.50 -6.99 20.69
CA SER C 362 29.34 -5.81 21.52
C SER C 362 28.27 -6.01 22.57
N ARG C 363 28.00 -5.00 23.38
CA ARG C 363 26.94 -5.15 24.36
C ARG C 363 25.63 -5.47 23.67
N ALA C 364 25.27 -4.69 22.67
CA ALA C 364 23.99 -4.88 22.01
C ALA C 364 23.99 -6.15 21.18
N SER C 365 24.90 -6.25 20.22
CA SER C 365 24.82 -7.32 19.24
C SER C 365 25.06 -8.68 19.86
N GLY C 366 25.12 -9.67 19.00
CA GLY C 366 25.61 -10.95 19.46
C GLY C 366 24.65 -12.10 19.29
N PHE C 367 23.37 -11.91 19.59
CA PHE C 367 22.45 -13.01 19.41
C PHE C 367 22.32 -13.35 17.94
N ALA C 368 21.85 -12.42 17.16
CA ALA C 368 21.94 -12.61 15.72
C ALA C 368 22.18 -11.31 14.98
N THR C 369 22.43 -10.22 15.66
CA THR C 369 22.48 -8.90 15.05
C THR C 369 23.91 -8.59 14.67
N TRP C 370 24.12 -7.43 14.10
CA TRP C 370 25.47 -6.95 13.94
C TRP C 370 25.67 -5.72 14.80
N GLY C 371 26.87 -5.23 14.79
CA GLY C 371 27.12 -3.88 15.23
C GLY C 371 27.57 -3.10 14.05
N ILE C 372 27.63 -1.80 14.22
CA ILE C 372 28.13 -1.01 13.11
C ILE C 372 28.41 0.41 13.54
N ASN C 373 29.45 0.97 13.03
CA ASN C 373 29.82 2.31 13.41
C ASN C 373 28.76 3.28 12.91
N PRO C 374 28.16 4.11 13.76
CA PRO C 374 27.07 4.96 13.28
C PRO C 374 27.50 5.88 12.15
N ALA C 375 28.78 6.19 12.06
CA ALA C 375 29.26 6.97 10.93
C ALA C 375 28.87 6.32 9.63
N THR C 376 28.99 5.01 9.53
CA THR C 376 28.63 4.37 8.29
C THR C 376 27.12 4.32 8.14
N MET C 377 26.37 4.57 9.22
CA MET C 377 24.93 4.67 9.06
C MET C 377 24.54 6.03 8.52
N ILE C 378 25.36 7.05 8.77
CA ILE C 378 25.03 8.36 8.24
C ILE C 378 25.54 8.55 6.83
N LEU C 379 26.78 8.17 6.55
CA LEU C 379 27.30 8.43 5.23
C LEU C 379 26.60 7.65 4.13
N VAL C 380 25.69 6.75 4.46
CA VAL C 380 24.90 6.04 3.47
C VAL C 380 23.56 6.76 3.40
N ASP C 381 23.58 8.04 3.71
CA ASP C 381 22.43 8.92 3.59
C ASP C 381 21.28 8.47 4.48
N GLU C 382 21.57 7.81 5.58
CA GLU C 382 20.63 7.59 6.62
C GLU C 382 19.62 6.51 6.25
N PHE C 383 19.89 5.71 5.22
CA PHE C 383 19.07 4.53 4.99
C PHE C 383 19.07 3.64 6.22
N LEU C 384 20.23 3.13 6.60
CA LEU C 384 20.32 2.30 7.80
C LEU C 384 19.91 3.09 9.03
N ALA C 385 19.38 2.38 10.01
CA ALA C 385 18.88 2.99 11.22
C ALA C 385 19.35 2.15 12.37
N ILE C 386 18.65 2.23 13.49
CA ILE C 386 18.94 1.32 14.57
C ILE C 386 17.98 0.14 14.50
N GLY C 387 18.24 -0.79 13.61
CA GLY C 387 17.41 -1.95 13.49
C GLY C 387 17.02 -2.34 12.08
N THR C 388 17.44 -1.62 11.06
CA THR C 388 17.06 -1.99 9.71
C THR C 388 17.73 -3.28 9.34
N GLN C 389 16.95 -4.32 9.11
CA GLN C 389 17.51 -5.62 8.84
C GLN C 389 18.24 -5.66 7.51
N LEU C 390 19.54 -5.47 7.53
CA LEU C 390 20.29 -5.62 6.30
C LEU C 390 20.60 -7.09 6.11
N LYS C 391 20.27 -7.61 4.93
CA LYS C 391 20.49 -9.00 4.56
C LYS C 391 21.97 -9.20 4.26
N THR C 392 22.54 -10.16 4.97
CA THR C 392 23.96 -10.38 4.94
C THR C 392 24.30 -11.40 3.91
N GLU C 393 25.55 -11.80 3.86
CA GLU C 393 25.81 -12.97 3.05
C GLU C 393 26.66 -14.00 3.77
N ARG C 394 27.73 -13.59 4.44
CA ARG C 394 28.57 -14.60 5.07
C ARG C 394 27.93 -15.30 6.26
N PRO C 395 27.73 -14.66 7.40
CA PRO C 395 27.46 -15.44 8.60
C PRO C 395 26.09 -16.04 8.60
N GLY C 396 25.16 -15.44 7.85
CA GLY C 396 23.80 -15.94 7.81
C GLY C 396 22.88 -14.82 7.43
N LYS C 397 21.83 -15.16 6.72
CA LYS C 397 20.89 -14.19 6.18
C LYS C 397 20.15 -13.53 7.33
N GLY C 398 20.10 -12.21 7.33
CA GLY C 398 19.20 -11.56 8.27
C GLY C 398 19.83 -10.88 9.46
N ALA C 399 20.82 -10.05 9.26
CA ALA C 399 21.40 -9.37 10.40
C ALA C 399 20.75 -8.02 10.65
N VAL C 400 20.29 -7.83 11.88
CA VAL C 400 19.83 -6.54 12.36
C VAL C 400 21.08 -5.69 12.57
N VAL C 401 20.93 -4.38 12.58
CA VAL C 401 22.04 -3.46 12.82
C VAL C 401 21.84 -2.74 14.14
N THR C 402 22.93 -2.47 14.84
CA THR C 402 22.91 -1.85 16.14
C THR C 402 24.23 -1.14 16.40
N PRO C 403 24.21 0.08 16.94
CA PRO C 403 25.42 0.89 16.91
C PRO C 403 26.48 0.36 17.84
N VAL C 404 27.74 0.49 17.40
CA VAL C 404 28.91 0.15 18.19
C VAL C 404 29.97 1.17 17.86
N THR C 405 30.23 2.09 18.78
CA THR C 405 30.96 3.29 18.41
C THR C 405 32.45 3.07 18.37
N THR C 406 32.94 1.97 18.95
CA THR C 406 34.37 1.79 19.10
C THR C 406 35.03 1.27 17.82
N ILE C 407 34.32 0.45 17.05
CA ILE C 407 34.87 -0.03 15.80
C ILE C 407 34.98 1.13 14.83
N GLU C 408 35.63 0.88 13.70
CA GLU C 408 36.07 1.96 12.86
C GLU C 408 35.15 2.15 11.66
N GLY C 409 34.57 3.35 11.56
CA GLY C 409 33.67 3.65 10.49
C GLY C 409 34.37 4.02 9.21
N PRO C 410 33.63 4.65 8.31
CA PRO C 410 34.03 4.68 6.91
C PRO C 410 35.30 5.47 6.68
N ILE C 411 35.81 5.31 5.47
CA ILE C 411 36.80 6.23 4.89
C ILE C 411 36.15 6.82 3.66
N VAL C 412 36.11 8.14 3.59
CA VAL C 412 35.42 8.85 2.54
C VAL C 412 36.40 9.72 1.78
N LYS C 413 35.96 10.19 0.62
CA LYS C 413 36.73 11.12 -0.17
C LYS C 413 35.92 12.38 -0.38
N LEU C 414 36.35 13.46 0.24
CA LEU C 414 35.62 14.71 0.17
C LEU C 414 35.63 15.21 -1.28
N LYS C 415 34.73 16.15 -1.56
CA LYS C 415 34.61 16.61 -2.94
C LYS C 415 35.89 17.31 -3.40
N ASP C 416 36.56 18.01 -2.50
CA ASP C 416 37.77 18.71 -2.89
C ASP C 416 38.98 17.81 -2.98
N GLY C 417 38.80 16.50 -3.00
CA GLY C 417 39.89 15.57 -3.18
C GLY C 417 40.52 15.08 -1.89
N SER C 418 40.32 15.77 -0.78
CA SER C 418 40.88 15.31 0.47
C SER C 418 40.26 13.98 0.85
N VAL C 419 41.05 13.13 1.49
CA VAL C 419 40.61 11.83 1.97
C VAL C 419 40.48 11.89 3.46
N LEU C 420 39.33 11.48 3.98
CA LEU C 420 39.11 11.68 5.40
C LEU C 420 38.66 10.37 6.01
N ARG C 421 39.28 10.02 7.12
CA ARG C 421 38.79 8.95 7.97
C ARG C 421 37.72 9.51 8.90
N VAL C 422 36.57 8.88 8.93
CA VAL C 422 35.43 9.43 9.62
C VAL C 422 34.99 8.41 10.64
N ASP C 423 35.53 8.46 11.85
CA ASP C 423 35.21 7.39 12.79
C ASP C 423 33.99 7.68 13.64
N ASP C 424 33.69 8.92 13.94
CA ASP C 424 32.67 9.17 14.93
C ASP C 424 31.44 9.79 14.27
N TYR C 425 30.35 9.75 15.01
CA TYR C 425 29.07 10.23 14.54
C TYR C 425 29.13 11.68 14.11
N ASN C 426 29.51 12.56 15.05
CA ASN C 426 29.32 13.98 14.88
C ASN C 426 30.13 14.51 13.71
N LEU C 427 31.35 14.02 13.55
CA LEU C 427 32.10 14.31 12.34
C LEU C 427 31.37 13.87 11.09
N ALA C 428 30.61 12.79 11.18
CA ALA C 428 29.85 12.35 10.02
C ALA C 428 28.74 13.33 9.69
N LEU C 429 28.03 13.82 10.70
CA LEU C 429 27.07 14.89 10.43
C LEU C 429 27.75 16.10 9.83
N LYS C 430 28.96 16.41 10.28
CA LYS C 430 29.63 17.60 9.77
C LYS C 430 29.97 17.47 8.30
N VAL C 431 30.43 16.30 7.87
CA VAL C 431 30.91 16.17 6.50
C VAL C 431 30.04 15.30 5.62
N ARG C 432 28.80 15.06 5.98
CA ARG C 432 27.95 14.24 5.12
C ARG C 432 27.71 14.90 3.77
N GLU C 433 27.77 16.22 3.72
CA GLU C 433 27.38 16.92 2.52
C GLU C 433 28.45 16.91 1.45
N ASP C 434 29.71 16.81 1.83
CA ASP C 434 30.79 16.88 0.85
C ASP C 434 31.31 15.51 0.44
N VAL C 435 30.63 14.45 0.83
CA VAL C 435 31.12 13.10 0.58
C VAL C 435 31.06 12.81 -0.91
N GLU C 436 32.20 12.86 -1.56
CA GLU C 436 32.26 12.62 -2.99
C GLU C 436 32.38 11.14 -3.33
N GLU C 437 32.84 10.33 -2.40
CA GLU C 437 33.01 8.90 -2.62
C GLU C 437 33.28 8.24 -1.29
N ILE C 438 32.58 7.16 -1.01
CA ILE C 438 32.81 6.40 0.21
C ILE C 438 33.68 5.22 -0.16
N LEU C 439 34.98 5.35 0.06
CA LEU C 439 35.89 4.28 -0.27
C LEU C 439 35.61 3.03 0.56
N TYR C 440 35.47 3.18 1.87
CA TYR C 440 35.45 2.03 2.76
C TYR C 440 34.30 2.14 3.73
N LEU C 441 33.36 1.20 3.67
CA LEU C 441 32.23 1.26 4.57
C LEU C 441 32.64 1.01 6.01
N GLY C 442 33.80 0.40 6.23
CA GLY C 442 34.26 0.19 7.59
C GLY C 442 33.47 -0.90 8.28
N ASP C 443 33.73 -1.00 9.57
CA ASP C 443 33.62 -2.25 10.32
C ASP C 443 32.22 -2.78 10.38
N ALA C 444 32.11 -4.02 10.87
CA ALA C 444 30.84 -4.69 11.09
C ALA C 444 31.10 -5.83 12.05
N VAL C 445 30.66 -5.71 13.29
CA VAL C 445 31.05 -6.60 14.37
C VAL C 445 30.19 -7.85 14.37
N ILE C 446 30.67 -8.90 13.72
CA ILE C 446 30.01 -10.20 13.70
C ILE C 446 30.30 -10.91 15.00
N ALA C 447 29.28 -11.50 15.60
CA ALA C 447 29.57 -12.38 16.72
C ALA C 447 30.25 -13.64 16.22
N PHE C 448 30.89 -14.36 17.13
CA PHE C 448 31.44 -15.68 16.80
C PHE C 448 30.37 -16.76 16.75
N GLY C 449 29.53 -16.82 17.77
CA GLY C 449 28.49 -17.82 17.78
C GLY C 449 27.60 -17.71 16.57
N ASP C 450 27.49 -16.51 16.02
CA ASP C 450 26.83 -16.31 14.75
C ASP C 450 27.61 -16.97 13.61
N PHE C 451 28.85 -17.38 13.85
CA PHE C 451 29.47 -18.33 12.94
C PHE C 451 29.17 -19.76 13.34
N VAL C 452 29.20 -20.06 14.64
CA VAL C 452 29.03 -21.44 15.07
C VAL C 452 27.71 -22.01 14.60
N GLU C 453 26.62 -21.26 14.78
CA GLU C 453 25.31 -21.80 14.47
C GLU C 453 25.14 -21.99 12.98
N ASN C 454 25.33 -20.94 12.20
CA ASN C 454 25.23 -21.10 10.77
C ASN C 454 26.34 -21.95 10.19
N ASN C 455 27.32 -22.33 10.99
CA ASN C 455 28.32 -23.32 10.59
C ASN C 455 29.19 -22.80 9.45
N GLN C 456 29.31 -21.49 9.36
CA GLN C 456 30.23 -20.88 8.42
C GLN C 456 31.67 -21.26 8.75
N THR C 457 32.50 -21.39 7.71
CA THR C 457 33.93 -21.52 7.92
C THR C 457 34.50 -20.17 8.30
N LEU C 458 35.34 -20.14 9.32
CA LEU C 458 35.81 -18.87 9.85
C LEU C 458 36.58 -18.12 8.78
N LEU C 459 36.31 -16.86 8.62
CA LEU C 459 37.10 -16.14 7.67
C LEU C 459 38.35 -15.61 8.36
N PRO C 460 39.43 -15.37 7.64
CA PRO C 460 40.63 -14.85 8.28
C PRO C 460 40.35 -13.51 8.92
N ALA C 461 40.78 -13.35 10.16
CA ALA C 461 40.39 -12.18 10.93
C ALA C 461 41.18 -10.95 10.50
N ASN C 462 40.47 -9.86 10.26
CA ASN C 462 41.15 -8.60 10.02
C ASN C 462 41.96 -8.24 11.25
N TYR C 463 43.07 -7.55 11.04
CA TYR C 463 43.98 -7.30 12.14
C TYR C 463 43.43 -6.22 13.05
N CYS C 464 42.80 -6.62 14.14
CA CYS C 464 42.11 -5.68 15.00
C CYS C 464 42.78 -5.62 16.38
N GLU C 465 42.69 -4.45 17.04
CA GLU C 465 43.44 -4.21 18.28
C GLU C 465 43.23 -5.31 19.30
N GLU C 466 42.07 -5.94 19.30
CA GLU C 466 41.83 -7.06 20.20
C GLU C 466 42.86 -8.15 19.99
N TRP C 467 43.49 -8.18 18.82
CA TRP C 467 44.52 -9.17 18.58
C TRP C 467 45.91 -8.58 18.76
N TRP C 468 46.07 -7.31 18.41
CA TRP C 468 47.33 -6.63 18.68
C TRP C 468 47.71 -6.74 20.14
N ILE C 469 46.84 -6.25 21.02
CA ILE C 469 47.16 -6.17 22.43
C ILE C 469 47.47 -7.54 22.98
N LEU C 470 46.87 -8.59 22.42
CA LEU C 470 47.23 -9.92 22.87
C LEU C 470 48.66 -10.24 22.49
N GLU C 471 49.06 -9.93 21.25
CA GLU C 471 50.48 -10.12 20.94
C GLU C 471 51.35 -9.22 21.80
N PHE C 472 50.82 -8.09 22.24
CA PHE C 472 51.55 -7.23 23.15
C PHE C 472 51.87 -7.96 24.44
N VAL C 473 50.84 -8.32 25.20
CA VAL C 473 51.06 -8.93 26.51
C VAL C 473 51.84 -10.21 26.37
N LYS C 474 51.62 -10.97 25.30
CA LYS C 474 52.39 -12.19 25.13
C LYS C 474 53.86 -11.88 24.91
N ALA C 475 54.16 -10.85 24.14
CA ALA C 475 55.56 -10.48 23.97
C ALA C 475 56.17 -10.05 25.29
N LEU C 476 55.43 -9.30 26.09
CA LEU C 476 55.99 -8.88 27.37
C LEU C 476 56.19 -10.05 28.31
N LYS C 477 55.40 -11.10 28.15
CA LYS C 477 55.62 -12.25 29.02
C LYS C 477 56.81 -13.07 28.55
N GLU C 478 56.83 -13.44 27.27
CA GLU C 478 57.94 -14.26 26.79
C GLU C 478 59.26 -13.52 26.89
N ILE C 479 59.24 -12.19 26.78
CA ILE C 479 60.48 -11.46 26.94
C ILE C 479 60.75 -11.16 28.40
N TYR C 480 59.91 -10.34 29.02
CA TYR C 480 60.23 -9.77 30.32
C TYR C 480 59.54 -10.47 31.46
N GLU C 481 58.81 -11.54 31.22
CA GLU C 481 58.26 -12.38 32.28
C GLU C 481 57.35 -11.61 33.23
N VAL C 482 56.69 -10.59 32.74
CA VAL C 482 55.66 -9.89 33.49
C VAL C 482 54.31 -10.34 32.96
N HIS C 483 53.38 -10.60 33.87
CA HIS C 483 52.06 -11.10 33.50
C HIS C 483 50.95 -10.06 33.57
N LEU C 484 50.53 -9.58 32.41
CA LEU C 484 49.45 -8.61 32.33
C LEU C 484 48.23 -9.33 31.77
N GLU C 485 47.14 -8.59 31.62
CA GLU C 485 45.97 -9.18 31.03
C GLU C 485 45.04 -8.07 30.56
N PRO C 486 44.70 -8.02 29.29
CA PRO C 486 43.91 -6.91 28.78
C PRO C 486 42.49 -6.95 29.32
N PHE C 487 41.82 -5.81 29.21
CA PHE C 487 40.38 -5.73 29.44
C PHE C 487 40.04 -5.95 30.91
N THR C 488 41.04 -5.92 31.77
CA THR C 488 40.82 -6.00 33.20
C THR C 488 41.72 -4.99 33.88
N GLU C 489 41.87 -5.14 35.18
CA GLU C 489 42.83 -4.30 35.89
C GLU C 489 43.93 -5.15 36.50
N ASN C 490 45.16 -4.87 36.11
CA ASN C 490 46.29 -5.69 36.46
C ASN C 490 46.82 -5.28 37.83
N GLU C 491 47.84 -5.98 38.29
CA GLU C 491 48.50 -5.62 39.54
C GLU C 491 49.44 -4.46 39.30
N GLU C 492 49.60 -3.61 40.31
CA GLU C 492 50.37 -2.39 40.12
C GLU C 492 51.83 -2.70 39.81
N GLU C 493 52.35 -3.77 40.41
CA GLU C 493 53.76 -4.09 40.26
C GLU C 493 54.11 -4.35 38.81
N SER C 494 53.35 -5.25 38.17
CA SER C 494 53.58 -5.57 36.77
C SER C 494 53.48 -4.32 35.91
N ILE C 495 52.46 -3.50 36.16
CA ILE C 495 52.24 -2.31 35.35
C ILE C 495 53.47 -1.43 35.40
N GLU C 496 53.99 -1.20 36.59
CA GLU C 496 55.13 -0.29 36.70
C GLU C 496 56.38 -0.90 36.10
N GLU C 497 56.58 -2.20 36.30
CA GLU C 497 57.77 -2.86 35.76
C GLU C 497 57.81 -2.75 34.25
N ALA C 498 56.74 -3.20 33.60
CA ALA C 498 56.66 -3.09 32.15
C ALA C 498 56.76 -1.64 31.71
N SER C 499 56.20 -0.73 32.51
CA SER C 499 56.41 0.69 32.29
C SER C 499 57.90 1.00 32.19
N ASP C 500 58.69 0.32 33.01
CA ASP C 500 60.13 0.58 33.05
C ASP C 500 60.82 -0.01 31.84
N TYR C 501 60.53 -1.27 31.51
CA TYR C 501 61.20 -1.88 30.36
C TYR C 501 60.82 -1.19 29.07
N LEU C 502 59.66 -0.53 29.06
CA LEU C 502 59.20 0.18 27.88
C LEU C 502 59.53 1.66 27.93
N GLU C 503 59.70 2.23 29.12
CA GLU C 503 59.81 3.67 29.27
C GLU C 503 58.53 4.37 28.81
N ILE C 504 57.45 4.10 29.53
CA ILE C 504 56.14 4.66 29.24
C ILE C 504 55.41 4.92 30.54
N ASP C 505 54.42 5.80 30.48
CA ASP C 505 53.66 6.17 31.67
C ASP C 505 52.95 4.95 32.24
N PRO C 506 53.09 4.67 33.53
CA PRO C 506 52.27 3.60 34.12
C PRO C 506 50.78 3.88 34.06
N GLU C 507 50.37 5.13 34.23
CA GLU C 507 48.97 5.48 33.98
C GLU C 507 48.55 5.07 32.57
N PHE C 508 49.30 5.54 31.58
CA PHE C 508 48.98 5.25 30.18
C PHE C 508 48.91 3.77 29.91
N LEU C 509 49.86 3.01 30.44
CA LEU C 509 49.84 1.57 30.23
C LEU C 509 48.62 0.96 30.91
N LYS C 510 48.20 1.52 32.04
CA LYS C 510 46.94 1.07 32.62
C LYS C 510 45.80 1.27 31.65
N GLU C 511 45.67 2.48 31.10
CA GLU C 511 44.53 2.75 30.23
C GLU C 511 44.55 1.88 29.00
N MET C 512 45.72 1.72 28.38
CA MET C 512 45.77 0.90 27.20
C MET C 512 45.46 -0.55 27.53
N LEU C 513 45.88 -1.01 28.70
CA LEU C 513 45.61 -2.41 29.02
C LEU C 513 44.15 -2.61 29.39
N ARG C 514 43.47 -1.56 29.81
CA ARG C 514 42.07 -1.70 30.19
C ARG C 514 41.17 -1.70 28.96
N ASP C 515 41.18 -0.61 28.22
CA ASP C 515 40.31 -0.43 27.07
C ASP C 515 41.15 -0.19 25.84
N PRO C 516 41.72 -1.25 25.27
CA PRO C 516 42.64 -1.05 24.15
C PRO C 516 41.97 -0.49 22.94
N LEU C 517 40.67 -0.71 22.79
CA LEU C 517 39.95 -0.20 21.63
C LEU C 517 39.90 1.31 21.62
N ARG C 518 39.71 1.89 22.79
CA ARG C 518 39.34 3.28 22.90
C ARG C 518 40.54 4.16 23.22
N VAL C 519 41.73 3.57 23.28
CA VAL C 519 42.96 4.27 23.65
C VAL C 519 44.07 3.79 22.73
N LYS C 520 44.58 4.65 21.93
CA LYS C 520 45.56 4.27 20.94
C LYS C 520 46.88 4.98 21.17
N PRO C 521 47.97 4.26 21.38
CA PRO C 521 49.25 4.91 21.53
C PRO C 521 49.60 5.66 20.26
N PRO C 522 50.16 6.86 20.38
CA PRO C 522 50.55 7.61 19.18
C PRO C 522 51.59 6.86 18.38
N VAL C 523 51.72 7.28 17.13
CA VAL C 523 52.44 6.48 16.13
C VAL C 523 53.85 6.16 16.58
N GLU C 524 54.51 7.10 17.24
CA GLU C 524 55.89 6.85 17.63
C GLU C 524 55.96 5.82 18.75
N LEU C 525 54.99 5.80 19.65
CA LEU C 525 54.93 4.69 20.58
C LEU C 525 54.67 3.39 19.86
N ALA C 526 53.90 3.42 18.78
CA ALA C 526 53.61 2.17 18.10
C ALA C 526 54.87 1.63 17.43
N ILE C 527 55.56 2.48 16.68
CA ILE C 527 56.84 2.10 16.11
C ILE C 527 57.77 1.57 17.20
N HIS C 528 57.81 2.24 18.34
CA HIS C 528 58.75 1.82 19.36
C HIS C 528 58.37 0.47 19.94
N PHE C 529 57.08 0.24 20.19
CA PHE C 529 56.68 -1.07 20.69
C PHE C 529 57.02 -2.16 19.71
N SER C 530 56.69 -1.97 18.43
CA SER C 530 57.00 -2.99 17.44
C SER C 530 58.50 -3.19 17.37
N GLU C 531 59.25 -2.14 17.62
CA GLU C 531 60.70 -2.26 17.57
C GLU C 531 61.21 -3.12 18.72
N VAL C 532 61.00 -2.66 19.95
CA VAL C 532 61.50 -3.38 21.11
C VAL C 532 60.90 -4.76 21.21
N LEU C 533 59.59 -4.83 21.35
CA LEU C 533 58.93 -6.10 21.55
C LEU C 533 58.93 -6.97 20.30
N GLY C 534 59.02 -6.40 19.11
CA GLY C 534 59.04 -7.20 17.91
C GLY C 534 57.68 -7.59 17.37
N ILE C 535 56.60 -7.16 18.00
CA ILE C 535 55.26 -7.46 17.51
C ILE C 535 54.93 -6.53 16.36
N PRO C 536 53.95 -6.86 15.54
CA PRO C 536 53.70 -6.07 14.34
C PRO C 536 53.23 -4.67 14.68
N LEU C 537 53.13 -3.84 13.64
CA LEU C 537 52.71 -2.48 13.84
C LEU C 537 51.27 -2.45 14.34
N HIS C 538 50.94 -1.42 15.08
CA HIS C 538 49.59 -1.31 15.62
C HIS C 538 48.60 -1.31 14.47
N PRO C 539 47.40 -1.88 14.64
CA PRO C 539 46.48 -1.90 13.51
C PRO C 539 46.02 -0.54 13.08
N TYR C 540 45.64 0.32 14.03
CA TYR C 540 45.09 1.64 13.70
C TYR C 540 46.01 2.45 12.82
N TYR C 541 47.30 2.16 12.82
CA TYR C 541 48.20 2.86 11.93
C TYR C 541 48.66 1.97 10.79
N THR C 542 47.94 0.90 10.51
CA THR C 542 48.22 0.02 9.39
C THR C 542 47.35 0.43 8.21
N LEU C 543 47.98 0.78 7.10
CA LEU C 543 47.18 1.11 5.95
C LEU C 543 46.54 -0.15 5.40
N TYR C 544 45.75 0.01 4.34
CA TYR C 544 45.17 -1.18 3.72
C TYR C 544 46.05 -1.60 2.55
N TRP C 545 47.25 -2.03 2.90
CA TRP C 545 48.29 -2.25 1.91
C TRP C 545 47.91 -3.33 0.90
N ASN C 546 46.99 -4.18 1.22
CA ASN C 546 46.79 -5.14 0.14
C ASN C 546 45.78 -4.72 -0.82
N SER C 547 45.08 -3.61 -0.77
CA SER C 547 44.21 -3.27 -1.87
C SER C 547 44.95 -2.60 -3.01
N VAL C 548 46.25 -2.78 -3.11
CA VAL C 548 47.06 -2.18 -4.16
C VAL C 548 48.05 -3.20 -4.67
N GLU C 549 48.08 -3.39 -5.97
CA GLU C 549 49.00 -4.36 -6.51
C GLU C 549 50.42 -3.79 -6.47
N PRO C 550 51.42 -4.65 -6.38
CA PRO C 550 52.78 -4.18 -6.07
C PRO C 550 53.31 -3.17 -7.06
N LYS C 551 52.88 -3.25 -8.31
CA LYS C 551 53.29 -2.26 -9.28
C LYS C 551 52.90 -0.86 -8.84
N ASP C 552 51.68 -0.69 -8.39
CA ASP C 552 51.22 0.63 -8.01
C ASP C 552 52.03 1.21 -6.88
N VAL C 553 52.22 0.44 -5.81
CA VAL C 553 53.01 0.92 -4.70
C VAL C 553 54.45 1.16 -5.11
N GLU C 554 54.93 0.40 -6.09
CA GLU C 554 56.28 0.67 -6.59
C GLU C 554 56.34 2.06 -7.19
N LYS C 555 55.45 2.33 -8.14
CA LYS C 555 55.35 3.64 -8.75
C LYS C 555 55.30 4.74 -7.69
N LEU C 556 54.44 4.55 -6.69
CA LEU C 556 54.36 5.53 -5.61
C LEU C 556 55.68 5.65 -4.88
N TRP C 557 56.41 4.55 -4.76
CA TRP C 557 57.71 4.60 -4.11
C TRP C 557 58.62 5.53 -4.88
N ARG C 558 58.67 5.38 -6.20
CA ARG C 558 59.56 6.21 -6.99
C ARG C 558 59.16 7.68 -6.91
N LEU C 559 57.85 7.96 -6.98
CA LEU C 559 57.41 9.34 -6.85
C LEU C 559 57.86 9.94 -5.54
N LEU C 560 57.62 9.22 -4.44
CA LEU C 560 58.01 9.74 -3.14
C LEU C 560 59.51 9.98 -3.08
N LYS C 561 60.29 9.03 -3.58
CA LYS C 561 61.74 9.15 -3.46
C LYS C 561 62.27 10.31 -4.28
N ASN C 562 61.62 10.62 -5.39
CA ASN C 562 62.20 11.59 -6.30
C ASN C 562 61.62 12.99 -6.19
N TYR C 563 60.43 13.16 -5.61
CA TYR C 563 59.81 14.48 -5.65
C TYR C 563 59.22 14.97 -4.34
N ALA C 564 58.90 14.09 -3.41
CA ALA C 564 58.26 14.53 -2.17
C ALA C 564 59.18 15.44 -1.39
N GLU C 565 58.59 16.26 -0.52
CA GLU C 565 59.33 16.97 0.51
C GLU C 565 58.92 16.41 1.85
N ILE C 566 59.89 15.83 2.56
CA ILE C 566 59.63 15.03 3.74
C ILE C 566 60.36 15.66 4.90
N GLU C 567 59.61 16.24 5.83
CA GLU C 567 60.16 16.67 7.09
C GLU C 567 60.28 15.45 7.98
N TRP C 568 61.38 15.32 8.68
CA TRP C 568 61.62 14.13 9.48
C TRP C 568 61.39 14.41 10.95
N SER C 569 61.60 13.38 11.75
CA SER C 569 61.52 13.48 13.19
C SER C 569 62.19 12.25 13.79
N ASN C 570 62.44 12.32 15.09
CA ASN C 570 63.12 11.23 15.78
C ASN C 570 62.54 11.12 17.17
N PHE C 571 62.03 9.93 17.50
CA PHE C 571 61.51 9.60 18.82
C PHE C 571 62.31 8.42 19.32
N ARG C 572 63.10 8.64 20.37
CA ARG C 572 63.85 7.55 21.01
C ARG C 572 64.75 6.84 20.02
N GLY C 573 65.47 7.62 19.22
CA GLY C 573 66.36 7.06 18.23
C GLY C 573 65.68 6.51 17.00
N ILE C 574 64.36 6.52 16.95
CA ILE C 574 63.62 6.04 15.79
C ILE C 574 63.35 7.21 14.86
N LYS C 575 63.70 7.03 13.61
CA LYS C 575 63.58 8.08 12.62
C LYS C 575 62.30 7.88 11.81
N PHE C 576 61.38 8.82 11.93
CA PHE C 576 60.11 8.69 11.23
C PHE C 576 59.70 10.04 10.67
N ALA C 577 59.11 10.00 9.48
CA ALA C 577 58.66 11.20 8.82
C ALA C 577 57.53 11.83 9.60
N LYS C 578 57.27 13.11 9.34
CA LYS C 578 56.27 13.84 10.10
C LYS C 578 55.35 14.65 9.23
N LYS C 579 55.69 14.82 7.96
CA LYS C 579 54.82 15.54 7.04
C LYS C 579 55.34 15.34 5.63
N ILE C 580 54.44 15.11 4.69
CA ILE C 580 54.81 14.92 3.31
C ILE C 580 54.01 15.89 2.46
N VAL C 581 54.61 16.40 1.41
CA VAL C 581 53.95 17.28 0.47
C VAL C 581 54.51 16.98 -0.90
N ILE C 582 53.64 16.79 -1.89
CA ILE C 582 54.09 16.58 -3.25
C ILE C 582 53.06 17.15 -4.20
N SER C 583 53.51 17.86 -5.22
CA SER C 583 52.59 18.47 -6.17
C SER C 583 51.84 17.40 -6.95
N GLN C 584 50.57 17.68 -7.23
CA GLN C 584 49.74 16.70 -7.92
C GLN C 584 50.22 16.46 -9.34
N GLU C 585 51.03 17.37 -9.88
CA GLU C 585 51.53 17.16 -11.22
C GLU C 585 52.51 15.99 -11.26
N LYS C 586 53.46 15.96 -10.33
CA LYS C 586 54.34 14.82 -10.25
C LYS C 586 53.58 13.56 -9.89
N LEU C 587 52.73 13.65 -8.88
CA LEU C 587 52.00 12.49 -8.38
C LEU C 587 51.10 11.88 -9.44
N GLY C 588 50.09 12.62 -9.85
CA GLY C 588 49.26 12.14 -10.93
C GLY C 588 48.46 10.93 -10.54
N ASP C 589 48.68 9.83 -11.27
CA ASP C 589 47.79 8.69 -11.16
C ASP C 589 47.90 8.01 -9.81
N SER C 590 49.03 8.19 -9.13
CA SER C 590 49.17 7.55 -7.83
C SER C 590 48.20 8.09 -6.81
N LYS C 591 47.66 9.29 -7.02
CA LYS C 591 46.63 9.83 -6.14
C LYS C 591 45.52 8.83 -5.91
N ARG C 592 45.16 8.07 -6.95
CA ARG C 592 44.23 6.99 -6.73
C ARG C 592 44.82 5.95 -5.80
N THR C 593 46.14 5.70 -5.90
CA THR C 593 46.74 4.73 -5.01
C THR C 593 46.59 5.14 -3.57
N LEU C 594 46.96 6.37 -3.26
CA LEU C 594 46.76 6.87 -1.90
C LEU C 594 45.31 6.76 -1.50
N GLU C 595 44.40 7.02 -2.42
CA GLU C 595 42.99 6.91 -2.09
C GLU C 595 42.63 5.49 -1.70
N LEU C 596 43.18 4.50 -2.39
CA LEU C 596 42.85 3.13 -2.04
C LEU C 596 43.54 2.68 -0.76
N LEU C 597 44.66 3.29 -0.40
CA LEU C 597 45.30 2.89 0.83
C LEU C 597 44.63 3.45 2.07
N GLY C 598 43.50 4.12 1.94
CA GLY C 598 42.89 4.72 3.10
C GLY C 598 43.80 5.72 3.77
N LEU C 599 44.58 6.44 3.01
CA LEU C 599 45.54 7.36 3.57
C LEU C 599 44.93 8.75 3.71
N PRO C 600 44.62 9.20 4.92
CA PRO C 600 44.02 10.52 5.07
C PRO C 600 45.00 11.61 4.67
N HIS C 601 44.62 12.40 3.68
CA HIS C 601 45.48 13.47 3.21
C HIS C 601 44.62 14.55 2.59
N THR C 602 45.18 15.74 2.49
CA THR C 602 44.43 16.89 2.04
C THR C 602 45.09 17.51 0.81
N VAL C 603 44.36 18.36 0.11
CA VAL C 603 44.84 19.01 -1.10
C VAL C 603 44.80 20.51 -0.91
N ARG C 604 45.93 21.17 -1.19
CA ARG C 604 46.03 22.62 -1.07
C ARG C 604 47.02 23.12 -2.11
N ASP C 605 46.59 24.06 -2.93
CA ASP C 605 47.50 24.73 -3.86
C ASP C 605 48.11 23.74 -4.83
N GLY C 606 47.30 22.81 -5.32
CA GLY C 606 47.79 21.77 -6.19
C GLY C 606 48.79 20.84 -5.53
N ASN C 607 48.84 20.81 -4.21
CA ASN C 607 49.79 19.99 -3.49
C ASN C 607 49.06 19.00 -2.62
N VAL C 608 49.47 17.75 -2.70
CA VAL C 608 49.00 16.72 -1.79
C VAL C 608 49.79 16.82 -0.50
N ILE C 609 49.06 16.87 0.61
CA ILE C 609 49.62 17.06 1.93
C ILE C 609 49.27 15.86 2.77
N VAL C 610 50.28 15.23 3.33
CA VAL C 610 50.12 14.16 4.29
C VAL C 610 50.55 14.69 5.65
N ASP C 611 49.58 14.91 6.52
CA ASP C 611 49.81 15.47 7.83
C ASP C 611 50.50 14.47 8.73
N TYR C 612 50.59 14.81 10.02
CA TYR C 612 51.41 14.01 10.92
C TYR C 612 50.98 12.58 11.10
N PRO C 613 49.85 12.27 11.74
CA PRO C 613 49.69 10.93 12.31
C PRO C 613 49.71 9.82 11.29
N TRP C 614 49.64 10.14 10.00
CA TRP C 614 49.67 9.13 8.96
C TRP C 614 50.87 9.22 8.05
N ALA C 615 51.58 10.34 8.03
CA ALA C 615 52.79 10.39 7.23
C ALA C 615 53.83 9.43 7.75
N ALA C 616 53.82 9.17 9.05
CA ALA C 616 54.67 8.12 9.58
C ALA C 616 54.21 6.75 9.09
N ALA C 617 52.91 6.55 8.94
CA ALA C 617 52.41 5.24 8.55
C ALA C 617 52.66 4.99 7.07
N LEU C 618 52.81 6.04 6.28
CA LEU C 618 53.01 5.83 4.86
C LEU C 618 54.46 5.55 4.54
N LEU C 619 55.35 5.75 5.49
CA LEU C 619 56.77 5.56 5.19
C LEU C 619 57.48 4.60 6.10
N THR C 620 57.06 4.50 7.36
CA THR C 620 57.63 3.49 8.23
C THR C 620 57.55 2.11 7.61
N PRO C 621 56.40 1.63 7.16
CA PRO C 621 56.38 0.36 6.43
C PRO C 621 57.25 0.38 5.20
N LEU C 622 57.37 1.52 4.54
CA LEU C 622 58.27 1.64 3.41
C LEU C 622 59.70 1.88 3.83
N GLY C 623 60.02 1.61 5.09
CA GLY C 623 61.39 1.68 5.55
C GLY C 623 62.03 3.03 5.34
N ASN C 624 61.24 4.09 5.33
CA ASN C 624 61.75 5.43 5.20
C ASN C 624 62.53 5.60 3.92
N LEU C 625 62.15 4.85 2.89
CA LEU C 625 62.69 5.05 1.55
C LEU C 625 64.16 4.67 1.47
N ASN C 626 64.62 3.81 2.39
CA ASN C 626 66.00 3.35 2.34
C ASN C 626 66.18 2.05 1.59
N TRP C 627 65.18 1.17 1.61
CA TRP C 627 65.23 -0.06 0.85
C TRP C 627 64.19 -0.02 -0.26
N GLU C 628 64.63 -0.36 -1.46
CA GLU C 628 63.82 -0.18 -2.66
C GLU C 628 62.69 -1.19 -2.69
N PHE C 629 61.56 -0.78 -3.27
CA PHE C 629 60.38 -1.62 -3.33
C PHE C 629 60.15 -2.09 -4.76
N MET C 630 60.50 -3.34 -5.05
CA MET C 630 60.37 -3.87 -6.41
C MET C 630 59.28 -4.91 -6.45
N ALA C 631 58.28 -4.68 -7.29
CA ALA C 631 57.16 -5.58 -7.39
C ALA C 631 57.63 -6.95 -7.84
N LYS C 632 57.47 -7.93 -6.97
CA LYS C 632 57.97 -9.26 -7.20
C LYS C 632 56.81 -10.20 -7.41
N PRO C 633 56.82 -11.02 -8.45
CA PRO C 633 55.63 -11.83 -8.76
C PRO C 633 55.36 -12.82 -7.65
N LEU C 634 54.08 -13.17 -7.51
CA LEU C 634 53.61 -14.13 -6.51
C LEU C 634 53.58 -13.55 -5.11
N TYR C 635 53.99 -12.29 -4.93
CA TYR C 635 53.94 -11.65 -3.64
C TYR C 635 52.84 -10.59 -3.59
N ALA C 636 52.13 -10.56 -2.48
CA ALA C 636 51.29 -9.42 -2.16
C ALA C 636 52.11 -8.40 -1.40
N THR C 637 51.67 -7.15 -1.45
CA THR C 637 52.50 -6.03 -1.03
C THR C 637 52.99 -6.20 0.39
N ILE C 638 52.09 -6.63 1.27
CA ILE C 638 52.51 -6.88 2.64
C ILE C 638 53.56 -7.96 2.70
N ASP C 639 53.54 -8.92 1.78
CA ASP C 639 54.57 -9.94 1.80
C ASP C 639 55.93 -9.34 1.54
N ILE C 640 56.00 -8.39 0.62
CA ILE C 640 57.26 -7.70 0.39
C ILE C 640 57.66 -6.92 1.62
N ILE C 641 56.74 -6.14 2.16
CA ILE C 641 57.05 -5.26 3.28
C ILE C 641 57.52 -6.08 4.47
N ASN C 642 56.84 -7.18 4.75
CA ASN C 642 57.32 -8.09 5.77
C ASN C 642 58.63 -8.73 5.37
N GLU C 643 58.97 -8.75 4.08
CA GLU C 643 60.21 -9.38 3.70
C GLU C 643 61.40 -8.46 3.85
N ASN C 644 61.19 -7.16 3.78
CA ASN C 644 62.31 -6.23 3.80
C ASN C 644 62.28 -5.20 4.91
N ASN C 645 61.32 -5.29 5.82
CA ASN C 645 61.20 -4.25 6.83
C ASN C 645 61.52 -4.82 8.20
N GLU C 646 62.28 -4.06 8.98
CA GLU C 646 62.46 -4.38 10.39
C GLU C 646 61.14 -4.34 11.13
N ILE C 647 60.20 -3.53 10.65
CA ILE C 647 58.85 -3.46 11.22
C ILE C 647 57.90 -4.29 10.38
N LYS C 648 57.35 -5.34 10.97
CA LYS C 648 56.48 -6.24 10.26
C LYS C 648 55.02 -5.87 10.45
N LEU C 649 54.24 -6.03 9.38
CA LEU C 649 52.82 -5.71 9.37
C LEU C 649 52.01 -6.98 9.40
N ARG C 650 50.72 -6.83 9.65
CA ARG C 650 49.77 -7.86 9.29
C ARG C 650 48.63 -7.19 8.55
N ASP C 651 48.00 -7.93 7.66
CA ASP C 651 46.98 -7.31 6.83
C ASP C 651 45.83 -6.85 7.70
N ARG C 652 45.28 -5.70 7.33
CA ARG C 652 44.16 -5.13 8.05
C ARG C 652 42.87 -5.41 7.33
N GLY C 653 42.89 -5.40 6.02
CA GLY C 653 41.69 -5.77 5.30
C GLY C 653 41.88 -7.05 4.54
N ILE C 654 41.25 -8.12 4.98
CA ILE C 654 41.23 -9.36 4.23
C ILE C 654 39.85 -9.97 4.09
N SER C 655 38.99 -9.86 5.09
CA SER C 655 37.64 -10.39 5.03
C SER C 655 36.73 -9.24 4.70
N TRP C 656 35.83 -9.42 3.76
CA TRP C 656 34.91 -8.37 3.40
C TRP C 656 33.53 -8.98 3.21
N ILE C 657 32.62 -8.70 4.12
CA ILE C 657 31.24 -9.15 4.08
C ILE C 657 30.49 -8.30 3.07
N GLY C 658 29.28 -8.70 2.72
CA GLY C 658 28.39 -7.88 1.90
C GLY C 658 27.09 -7.68 2.63
N ALA C 659 26.18 -6.92 2.02
CA ALA C 659 24.89 -6.64 2.66
C ALA C 659 23.98 -5.84 1.74
N ARG C 660 22.69 -5.96 1.97
CA ARG C 660 21.66 -5.24 1.21
C ARG C 660 20.49 -4.94 2.11
N MET C 661 20.08 -3.68 2.19
CA MET C 661 19.17 -3.24 3.26
C MET C 661 17.86 -3.98 3.16
N GLY C 662 17.10 -4.04 4.24
CA GLY C 662 15.82 -4.74 4.16
C GLY C 662 14.98 -4.60 5.40
N ARG C 663 13.68 -4.49 5.17
CA ARG C 663 12.66 -4.63 6.21
C ARG C 663 12.91 -3.67 7.36
N PRO C 664 12.88 -2.36 7.10
CA PRO C 664 13.36 -1.40 8.08
C PRO C 664 12.60 -1.46 9.40
N GLU C 665 13.11 -0.73 10.37
CA GLU C 665 12.67 -0.83 11.75
C GLU C 665 11.20 -0.53 11.89
N LYS C 666 10.61 -0.95 13.01
CA LYS C 666 9.24 -0.58 13.33
C LYS C 666 9.12 -0.37 14.83
N ALA C 667 8.22 0.52 15.22
CA ALA C 667 7.68 0.52 16.57
C ALA C 667 6.22 0.93 16.58
N LYS C 668 5.48 0.64 15.52
CA LYS C 668 4.11 1.09 15.41
C LYS C 668 3.23 0.50 16.50
N GLU C 669 1.97 0.86 16.44
CA GLU C 669 0.95 0.22 17.24
C GLU C 669 0.52 -1.03 16.50
N ARG C 670 -0.38 -1.80 17.10
CA ARG C 670 -1.00 -2.87 16.34
C ARG C 670 -2.46 -2.52 16.13
N LYS C 671 -2.76 -1.98 14.96
CA LYS C 671 -4.10 -1.61 14.52
C LYS C 671 -4.60 -2.70 13.60
N MET C 672 -5.79 -3.22 13.84
CA MET C 672 -6.36 -4.12 12.85
C MET C 672 -6.51 -3.39 11.51
N LYS C 673 -6.69 -4.16 10.45
CA LYS C 673 -6.71 -3.56 9.12
C LYS C 673 -7.78 -2.49 8.97
N PRO C 674 -9.06 -2.75 9.27
CA PRO C 674 -9.92 -1.68 9.69
C PRO C 674 -9.66 -1.43 11.16
N PRO C 675 -9.23 -0.24 11.53
CA PRO C 675 -8.93 0.01 12.95
C PRO C 675 -10.14 -0.27 13.80
N VAL C 676 -9.91 -0.91 14.92
CA VAL C 676 -10.98 -1.32 15.80
C VAL C 676 -10.77 -0.62 17.12
N GLN C 677 -11.85 -0.39 17.85
CA GLN C 677 -11.74 0.08 19.21
C GLN C 677 -12.70 -0.59 20.15
N VAL C 678 -13.46 -1.57 19.70
CA VAL C 678 -14.33 -2.30 20.60
C VAL C 678 -14.88 -3.50 19.87
N LEU C 679 -15.03 -4.60 20.59
CA LEU C 679 -15.45 -5.86 19.98
C LEU C 679 -16.96 -6.01 20.16
N PHE C 680 -17.68 -5.43 19.21
CA PHE C 680 -19.13 -5.43 19.25
C PHE C 680 -19.64 -5.42 17.81
N PRO C 681 -20.28 -6.50 17.37
CA PRO C 681 -20.64 -6.61 15.95
C PRO C 681 -21.67 -5.55 15.61
N ILE C 682 -21.51 -4.91 14.46
CA ILE C 682 -22.41 -3.85 14.05
C ILE C 682 -22.95 -4.07 12.65
N GLY C 683 -22.42 -5.00 11.90
CA GLY C 683 -22.87 -5.20 10.53
C GLY C 683 -22.58 -3.97 9.71
N LEU C 684 -23.42 -3.72 8.71
CA LEU C 684 -23.31 -2.55 7.86
C LEU C 684 -23.82 -1.30 8.52
N ALA C 685 -24.43 -1.41 9.70
CA ALA C 685 -25.19 -0.31 10.26
C ALA C 685 -24.32 0.89 10.62
N GLY C 686 -23.00 0.74 10.55
CA GLY C 686 -22.15 1.87 10.84
C GLY C 686 -21.56 2.48 9.59
N GLY C 687 -21.82 1.86 8.46
CA GLY C 687 -21.16 2.42 7.31
C GLY C 687 -19.91 1.64 6.96
N SER C 688 -19.00 2.31 6.25
CA SER C 688 -17.76 1.69 5.81
C SER C 688 -16.86 1.31 6.96
N SER C 689 -16.49 2.30 7.76
CA SER C 689 -15.62 2.05 8.90
C SER C 689 -16.35 1.46 10.09
N ARG C 690 -17.59 1.04 9.89
CA ARG C 690 -18.38 0.43 10.97
C ARG C 690 -18.34 1.24 12.26
N ASP C 691 -18.38 2.56 12.14
CA ASP C 691 -18.36 3.45 13.28
C ASP C 691 -19.69 3.32 14.02
N ILE C 692 -19.68 2.72 15.22
CA ILE C 692 -20.93 2.48 15.94
C ILE C 692 -21.63 3.78 16.26
N LYS C 693 -20.89 4.84 16.56
CA LYS C 693 -21.57 6.04 17.03
C LYS C 693 -22.41 6.67 15.92
N LYS C 694 -21.99 6.54 14.67
CA LYS C 694 -22.87 6.96 13.57
C LYS C 694 -24.17 6.18 13.60
N ALA C 695 -24.09 4.85 13.72
CA ALA C 695 -25.30 4.05 13.77
C ALA C 695 -26.16 4.45 14.96
N ALA C 696 -25.54 4.89 16.04
CA ALA C 696 -26.34 5.36 17.17
C ALA C 696 -27.06 6.66 16.84
N GLU C 697 -26.31 7.71 16.50
CA GLU C 697 -26.93 9.00 16.26
C GLU C 697 -27.84 8.97 15.05
N GLU C 698 -27.48 8.20 14.03
CA GLU C 698 -28.38 7.94 12.93
C GLU C 698 -29.54 7.04 13.34
N GLY C 699 -29.47 6.42 14.52
CA GLY C 699 -30.61 5.71 15.06
C GLY C 699 -31.02 4.48 14.30
N LYS C 700 -30.17 3.99 13.39
CA LYS C 700 -30.49 2.81 12.61
C LYS C 700 -30.67 1.60 13.51
N VAL C 701 -31.07 0.50 12.93
CA VAL C 701 -31.24 -0.75 13.67
C VAL C 701 -30.54 -1.86 12.91
N ALA C 702 -29.88 -2.74 13.67
CA ALA C 702 -28.91 -3.67 13.13
C ALA C 702 -29.46 -5.09 13.13
N GLU C 703 -28.88 -5.91 12.26
CA GLU C 703 -29.19 -7.33 12.17
C GLU C 703 -27.87 -8.08 12.15
N VAL C 704 -27.41 -8.50 13.33
CA VAL C 704 -26.09 -9.07 13.49
C VAL C 704 -26.18 -10.25 14.44
N GLU C 705 -25.45 -11.31 14.12
CA GLU C 705 -25.41 -12.49 14.98
C GLU C 705 -24.77 -12.09 16.30
N ILE C 706 -25.43 -12.38 17.40
CA ILE C 706 -24.93 -11.97 18.70
C ILE C 706 -25.45 -12.97 19.72
N ALA C 707 -24.98 -12.82 20.96
CA ALA C 707 -25.52 -13.61 22.05
C ALA C 707 -26.26 -12.73 23.04
N PHE C 708 -27.44 -13.18 23.46
CA PHE C 708 -28.25 -12.49 24.46
C PHE C 708 -28.25 -13.25 25.76
N PHE C 709 -28.33 -12.50 26.85
CA PHE C 709 -28.43 -13.11 28.17
C PHE C 709 -29.76 -12.68 28.75
N LYS C 710 -30.27 -13.42 29.72
CA LYS C 710 -31.58 -13.12 30.29
C LYS C 710 -31.51 -12.98 31.81
N CYS C 711 -31.93 -11.81 32.30
CA CYS C 711 -31.97 -11.55 33.72
C CYS C 711 -32.93 -12.52 34.39
N PRO C 712 -32.44 -13.46 35.20
CA PRO C 712 -33.35 -14.40 35.85
C PRO C 712 -34.28 -13.73 36.83
N LYS C 713 -33.77 -12.78 37.60
CA LYS C 713 -34.61 -12.03 38.54
C LYS C 713 -35.75 -11.34 37.81
N CYS C 714 -35.40 -10.42 36.91
CA CYS C 714 -36.34 -9.53 36.26
C CYS C 714 -36.90 -10.08 34.95
N GLY C 715 -36.07 -10.71 34.13
CA GLY C 715 -36.54 -11.18 32.85
C GLY C 715 -36.14 -10.26 31.72
N HIS C 716 -35.27 -9.30 32.03
CA HIS C 716 -34.70 -8.46 30.99
C HIS C 716 -33.92 -9.33 30.02
N VAL C 717 -33.83 -8.87 28.77
CA VAL C 717 -33.03 -9.54 27.75
C VAL C 717 -32.17 -8.50 27.05
N GLY C 718 -30.91 -8.84 26.81
CA GLY C 718 -30.01 -7.96 26.12
C GLY C 718 -28.64 -8.57 26.02
N PRO C 719 -27.81 -8.05 25.11
CA PRO C 719 -26.49 -8.63 24.88
C PRO C 719 -25.44 -8.29 25.93
N GLU C 720 -25.82 -7.80 27.10
CA GLU C 720 -24.85 -7.44 28.12
C GLU C 720 -24.77 -8.54 29.17
N HIS C 721 -23.89 -8.34 30.15
CA HIS C 721 -23.64 -9.39 31.13
C HIS C 721 -24.42 -9.18 32.42
N LEU C 722 -24.50 -7.96 32.92
CA LEU C 722 -25.24 -7.68 34.14
C LEU C 722 -26.59 -7.04 33.85
N CYS C 723 -27.52 -7.22 34.79
CA CYS C 723 -28.90 -6.81 34.56
C CYS C 723 -29.05 -5.30 34.63
N PRO C 724 -29.89 -4.70 33.80
CA PRO C 724 -30.28 -3.30 34.00
C PRO C 724 -31.27 -3.14 35.11
N ASN C 725 -32.17 -4.11 35.27
CA ASN C 725 -33.20 -4.03 36.28
C ASN C 725 -32.61 -4.16 37.67
N CYS C 726 -31.88 -5.24 37.91
CA CYS C 726 -31.48 -5.62 39.25
C CYS C 726 -29.98 -5.81 39.43
N GLY C 727 -29.22 -5.95 38.34
CA GLY C 727 -27.78 -6.01 38.48
C GLY C 727 -27.20 -7.34 38.89
N THR C 728 -27.83 -8.45 38.55
CA THR C 728 -27.19 -9.75 38.74
C THR C 728 -26.72 -10.30 37.41
N ARG C 729 -25.88 -11.33 37.48
CA ARG C 729 -25.32 -11.91 36.27
C ARG C 729 -26.41 -12.59 35.45
N LYS C 730 -26.33 -12.45 34.14
CA LYS C 730 -27.39 -12.93 33.27
C LYS C 730 -26.97 -14.20 32.54
N GLU C 731 -27.89 -15.15 32.44
CA GLU C 731 -27.58 -16.49 31.95
C GLU C 731 -27.61 -16.49 30.43
N LEU C 732 -26.68 -17.22 29.82
CA LEU C 732 -26.58 -17.23 28.38
C LEU C 732 -27.84 -17.82 27.77
N LEU C 733 -28.21 -17.34 26.58
CA LEU C 733 -29.39 -17.85 25.88
C LEU C 733 -28.98 -18.61 24.63
N TRP C 734 -29.48 -19.83 24.52
CA TRP C 734 -29.19 -20.74 23.43
C TRP C 734 -30.33 -20.79 22.44
N VAL C 735 -29.99 -21.09 21.19
CA VAL C 735 -30.94 -21.00 20.09
C VAL C 735 -30.84 -22.23 19.20
N CYS C 736 -31.99 -22.82 18.89
CA CYS C 736 -32.12 -23.79 17.80
C CYS C 736 -32.20 -23.05 16.47
N PRO C 737 -31.34 -23.38 15.51
CA PRO C 737 -31.45 -22.73 14.19
C PRO C 737 -32.65 -23.18 13.40
N ARG C 738 -33.30 -24.29 13.78
CA ARG C 738 -34.51 -24.70 13.10
C ARG C 738 -35.75 -24.10 13.74
N CYS C 739 -36.01 -24.48 14.99
CA CYS C 739 -37.21 -24.04 15.67
C CYS C 739 -37.05 -22.70 16.35
N ASN C 740 -35.87 -22.09 16.26
CA ASN C 740 -35.57 -20.80 16.89
C ASN C 740 -35.91 -20.80 18.38
N ALA C 741 -35.67 -21.94 19.03
CA ALA C 741 -36.01 -22.06 20.44
C ALA C 741 -34.90 -21.47 21.30
N GLU C 742 -35.31 -20.73 22.34
CA GLU C 742 -34.39 -20.07 23.25
C GLU C 742 -34.42 -20.75 24.61
N TYR C 743 -33.25 -21.13 25.11
CA TYR C 743 -33.16 -21.85 26.36
C TYR C 743 -32.07 -21.22 27.21
N PRO C 744 -32.34 -20.89 28.47
CA PRO C 744 -31.25 -20.50 29.37
C PRO C 744 -30.23 -21.60 29.50
N GLU C 745 -29.04 -21.22 29.99
CA GLU C 745 -27.86 -22.07 29.97
C GLU C 745 -28.07 -23.41 30.62
N SER C 746 -28.57 -23.44 31.87
CA SER C 746 -28.71 -24.71 32.57
C SER C 746 -29.62 -25.67 31.80
N GLN C 747 -30.69 -25.13 31.23
CA GLN C 747 -31.60 -25.97 30.44
C GLN C 747 -30.88 -26.57 29.25
N ALA C 748 -30.21 -25.75 28.44
CA ALA C 748 -29.49 -26.29 27.29
C ALA C 748 -28.33 -27.17 27.73
N GLU C 749 -27.92 -27.03 29.00
CA GLU C 749 -26.99 -27.98 29.58
C GLU C 749 -27.62 -29.35 29.71
N GLY C 750 -28.85 -29.40 30.24
CA GLY C 750 -29.56 -30.68 30.26
C GLY C 750 -29.73 -31.26 28.88
N TYR C 751 -30.29 -30.49 27.94
CA TYR C 751 -30.55 -30.92 26.59
C TYR C 751 -29.28 -31.19 25.78
N ASN C 752 -28.11 -31.05 26.39
CA ASN C 752 -26.83 -31.22 25.72
C ASN C 752 -26.73 -30.32 24.50
N TYR C 753 -27.47 -29.22 24.55
CA TYR C 753 -27.33 -28.16 23.57
C TYR C 753 -27.77 -28.65 22.20
N THR C 754 -28.81 -29.50 22.21
CA THR C 754 -29.52 -29.99 21.04
C THR C 754 -31.00 -29.91 21.33
N CYS C 755 -31.79 -29.54 20.32
CA CYS C 755 -33.19 -29.18 20.55
C CYS C 755 -33.99 -30.40 21.02
N PRO C 756 -35.02 -30.21 21.84
CA PRO C 756 -35.90 -31.34 22.16
C PRO C 756 -36.76 -31.78 21.00
N LYS C 757 -37.32 -30.85 20.24
CA LYS C 757 -38.14 -31.17 19.08
C LYS C 757 -37.37 -30.94 17.77
N CYS C 758 -36.10 -30.63 17.87
CA CYS C 758 -35.26 -30.59 16.68
C CYS C 758 -33.98 -31.35 17.03
N ASN C 759 -33.49 -32.16 16.10
CA ASN C 759 -32.33 -32.98 16.41
C ASN C 759 -31.02 -32.24 16.20
N VAL C 760 -31.04 -30.91 16.31
CA VAL C 760 -29.95 -30.04 15.90
C VAL C 760 -29.23 -29.50 17.14
N LYS C 761 -27.95 -29.17 16.99
CA LYS C 761 -27.21 -28.56 18.09
C LYS C 761 -27.67 -27.14 18.36
N LEU C 762 -27.73 -26.79 19.64
CA LEU C 762 -28.20 -25.46 20.04
C LEU C 762 -27.11 -24.41 19.85
N ARG C 763 -27.39 -23.47 18.99
CA ARG C 763 -26.38 -22.45 18.80
C ARG C 763 -26.39 -21.51 20.00
N PRO C 764 -25.27 -20.82 20.23
CA PRO C 764 -25.21 -19.83 21.31
C PRO C 764 -25.69 -18.45 20.91
N TYR C 765 -25.81 -18.21 19.61
CA TYR C 765 -26.01 -16.87 19.10
C TYR C 765 -27.11 -16.92 18.05
N ALA C 766 -27.40 -15.77 17.46
CA ALA C 766 -28.40 -15.72 16.41
C ALA C 766 -28.36 -14.34 15.76
N LYS C 767 -28.68 -14.32 14.47
CA LYS C 767 -28.73 -13.08 13.75
C LYS C 767 -29.88 -12.24 14.27
N ARG C 768 -29.58 -11.12 14.92
CA ARG C 768 -30.56 -10.45 15.74
C ARG C 768 -30.70 -8.97 15.40
N LYS C 769 -31.60 -8.31 16.14
CA LYS C 769 -31.94 -6.90 15.95
C LYS C 769 -31.36 -6.08 17.08
N ILE C 770 -30.37 -5.25 16.78
CA ILE C 770 -29.68 -4.46 17.78
C ILE C 770 -30.07 -3.01 17.64
N ARG C 771 -30.41 -2.40 18.76
CA ARG C 771 -30.68 -0.97 18.81
C ARG C 771 -29.43 -0.27 19.31
N PRO C 772 -28.52 0.15 18.42
CA PRO C 772 -27.25 0.75 18.89
C PRO C 772 -27.48 1.98 19.74
N SER C 773 -28.58 2.67 19.50
CA SER C 773 -28.88 3.87 20.25
C SER C 773 -28.99 3.59 21.74
N GLU C 774 -29.97 2.78 22.15
CA GLU C 774 -30.20 2.61 23.58
C GLU C 774 -29.03 1.91 24.26
N LEU C 775 -28.35 1.02 23.54
CA LEU C 775 -27.17 0.38 24.12
C LEU C 775 -26.09 1.41 24.42
N LEU C 776 -25.67 2.14 23.38
CA LEU C 776 -24.61 3.11 23.57
C LEU C 776 -25.00 4.16 24.59
N ASN C 777 -26.29 4.46 24.69
CA ASN C 777 -26.77 5.32 25.76
C ASN C 777 -26.54 4.69 27.12
N ARG C 778 -26.85 3.40 27.26
CA ARG C 778 -26.60 2.73 28.53
C ARG C 778 -25.13 2.72 28.86
N ALA C 779 -24.28 2.64 27.83
CA ALA C 779 -22.84 2.65 28.06
C ALA C 779 -22.39 3.99 28.63
N MET C 780 -22.71 5.07 27.92
CA MET C 780 -22.36 6.39 28.41
C MET C 780 -22.95 6.63 29.78
N GLU C 781 -24.15 6.10 30.04
CA GLU C 781 -24.72 6.21 31.37
C GLU C 781 -23.87 5.48 32.40
N ASN C 782 -23.32 4.33 32.02
CA ASN C 782 -22.61 3.52 33.01
C ASN C 782 -21.27 4.12 33.36
N VAL C 783 -20.44 4.45 32.35
CA VAL C 783 -19.07 4.82 32.63
C VAL C 783 -18.86 6.31 32.74
N LYS C 784 -19.88 7.12 32.44
CA LYS C 784 -19.74 8.57 32.53
C LYS C 784 -18.71 9.11 31.55
N VAL C 785 -18.88 8.81 30.27
CA VAL C 785 -18.07 9.39 29.21
C VAL C 785 -18.97 9.62 28.00
N TYR C 786 -18.87 10.80 27.41
CA TYR C 786 -19.78 11.24 26.37
C TYR C 786 -19.05 11.77 25.16
N GLY C 787 -17.84 12.28 25.35
CA GLY C 787 -17.11 12.96 24.30
C GLY C 787 -16.26 12.07 23.42
N VAL C 788 -16.88 11.06 22.81
CA VAL C 788 -16.16 10.19 21.90
C VAL C 788 -16.37 10.67 20.47
N ASP C 789 -15.27 10.91 19.76
CA ASP C 789 -15.38 11.31 18.36
C ASP C 789 -16.07 10.25 17.54
N LYS C 790 -15.70 8.99 17.76
CA LYS C 790 -16.22 7.85 17.04
C LYS C 790 -16.03 6.64 17.93
N LEU C 791 -16.56 5.52 17.51
CA LEU C 791 -16.34 4.28 18.24
C LEU C 791 -16.37 3.17 17.20
N LYS C 792 -15.21 2.84 16.65
CA LYS C 792 -15.17 1.93 15.53
C LYS C 792 -15.44 0.52 16.06
N GLY C 793 -16.37 -0.17 15.46
CA GLY C 793 -16.77 -1.48 15.92
C GLY C 793 -16.23 -2.57 15.04
N VAL C 794 -16.79 -3.76 15.19
CA VAL C 794 -16.43 -4.89 14.37
C VAL C 794 -17.61 -5.25 13.49
N MET C 795 -17.31 -5.39 12.21
CA MET C 795 -18.31 -5.72 11.19
C MET C 795 -19.07 -6.99 11.54
N GLY C 796 -18.39 -7.92 12.20
CA GLY C 796 -19.03 -9.17 12.56
C GLY C 796 -18.12 -9.97 13.46
N MET C 797 -18.70 -10.44 14.56
CA MET C 797 -17.99 -11.33 15.46
C MET C 797 -17.54 -12.55 14.70
N THR C 798 -16.25 -12.86 14.79
CA THR C 798 -15.72 -14.07 14.19
C THR C 798 -15.43 -15.15 15.21
N SER C 799 -15.53 -14.83 16.49
CA SER C 799 -15.33 -15.84 17.50
C SER C 799 -16.42 -16.90 17.40
N GLY C 800 -16.16 -18.05 18.01
CA GLY C 800 -17.15 -19.10 17.96
C GLY C 800 -18.42 -18.78 18.68
N TRP C 801 -18.33 -18.37 19.92
CA TRP C 801 -19.47 -17.94 20.71
C TRP C 801 -20.11 -16.70 20.11
N LYS C 802 -19.31 -15.87 19.44
CA LYS C 802 -19.73 -14.54 19.04
C LYS C 802 -20.34 -13.78 20.20
N MET C 803 -19.67 -13.83 21.34
CA MET C 803 -20.05 -13.02 22.49
C MET C 803 -19.39 -11.66 22.34
N PRO C 804 -20.12 -10.57 22.50
CA PRO C 804 -19.54 -9.26 22.22
C PRO C 804 -18.93 -8.63 23.46
N GLU C 805 -17.92 -7.82 23.24
CA GLU C 805 -17.31 -7.13 24.35
C GLU C 805 -18.28 -6.10 24.91
N PRO C 806 -18.22 -5.80 26.20
CA PRO C 806 -19.06 -4.74 26.73
C PRO C 806 -18.66 -3.40 26.14
N LEU C 807 -19.66 -2.57 25.85
CA LEU C 807 -19.41 -1.32 25.14
C LEU C 807 -18.58 -0.36 25.96
N GLU C 808 -18.70 -0.42 27.28
CA GLU C 808 -17.99 0.51 28.15
C GLU C 808 -16.51 0.50 27.84
N LYS C 809 -15.94 -0.69 27.71
CA LYS C 809 -14.53 -0.79 27.40
C LYS C 809 -14.21 -0.13 26.07
N GLY C 810 -15.11 -0.24 25.10
CA GLY C 810 -14.90 0.47 23.86
C GLY C 810 -14.87 1.96 24.05
N LEU C 811 -15.76 2.47 24.90
CA LEU C 811 -15.78 3.89 25.15
C LEU C 811 -14.48 4.34 25.78
N LEU C 812 -13.98 3.59 26.75
CA LEU C 812 -12.72 3.96 27.37
C LEU C 812 -11.55 3.89 26.41
N ARG C 813 -11.50 2.86 25.57
CA ARG C 813 -10.46 2.84 24.54
C ARG C 813 -10.52 4.10 23.70
N ALA C 814 -11.70 4.43 23.19
CA ALA C 814 -11.81 5.58 22.30
C ALA C 814 -11.42 6.86 23.03
N LYS C 815 -11.83 6.99 24.28
CA LYS C 815 -11.57 8.19 25.06
C LYS C 815 -10.08 8.45 25.19
N ASN C 816 -9.29 7.39 25.30
CA ASN C 816 -7.84 7.53 25.37
C ASN C 816 -7.17 7.33 24.04
N ASP C 817 -7.92 6.87 23.04
CA ASP C 817 -7.37 6.58 21.73
C ASP C 817 -6.32 5.48 21.78
N VAL C 818 -6.76 4.29 22.17
CA VAL C 818 -5.93 3.08 22.07
C VAL C 818 -6.75 2.03 21.35
N TYR C 819 -6.06 1.22 20.57
CA TYR C 819 -6.69 0.30 19.66
C TYR C 819 -6.65 -1.10 20.24
N VAL C 820 -7.42 -2.00 19.68
CA VAL C 820 -7.57 -3.32 20.26
C VAL C 820 -7.16 -4.36 19.25
N PHE C 821 -6.88 -5.57 19.71
CA PHE C 821 -6.57 -6.68 18.82
C PHE C 821 -7.47 -7.87 19.20
N LYS C 822 -7.46 -8.90 18.35
CA LYS C 822 -8.57 -9.84 18.24
C LYS C 822 -8.92 -10.52 19.55
N ASP C 823 -8.03 -10.54 20.51
CA ASP C 823 -8.33 -11.20 21.76
C ASP C 823 -8.92 -10.27 22.79
N GLY C 824 -8.79 -8.97 22.58
CA GLY C 824 -9.15 -7.99 23.58
C GLY C 824 -7.97 -7.33 24.26
N THR C 825 -6.76 -7.63 23.82
CA THR C 825 -5.56 -7.05 24.39
C THR C 825 -5.00 -6.03 23.44
N ILE C 826 -4.18 -5.13 23.96
CA ILE C 826 -3.64 -4.04 23.17
C ILE C 826 -2.16 -4.29 22.94
N ARG C 827 -1.75 -4.43 21.69
CA ARG C 827 -0.40 -4.87 21.38
C ARG C 827 0.41 -3.77 20.74
N PHE C 828 1.71 -3.97 20.67
CA PHE C 828 2.62 -2.94 20.20
C PHE C 828 3.86 -3.56 19.57
N ASP C 829 3.84 -3.75 18.26
CA ASP C 829 4.94 -4.36 17.52
C ASP C 829 6.19 -3.54 17.68
N ALA C 830 7.33 -4.19 17.89
CA ALA C 830 8.60 -3.50 17.82
C ALA C 830 9.71 -4.45 17.45
N THR C 831 10.52 -4.08 16.46
CA THR C 831 11.70 -4.83 16.07
C THR C 831 12.58 -5.02 17.28
N ASP C 832 12.86 -6.25 17.65
CA ASP C 832 13.56 -6.49 18.89
C ASP C 832 15.04 -6.71 18.62
N ALA C 833 15.86 -6.19 19.50
CA ALA C 833 17.29 -6.37 19.43
C ALA C 833 17.84 -6.73 20.80
N PRO C 834 19.00 -7.35 20.86
CA PRO C 834 19.49 -7.85 22.14
C PRO C 834 20.37 -6.86 22.84
N ILE C 835 20.44 -6.96 24.17
CA ILE C 835 21.52 -6.36 24.93
C ILE C 835 21.78 -7.26 26.11
N THR C 836 22.92 -7.04 26.72
CA THR C 836 23.23 -7.74 27.93
C THR C 836 23.93 -6.89 28.96
N HIS C 837 24.34 -5.68 28.64
CA HIS C 837 24.89 -4.76 29.63
C HIS C 837 24.58 -3.34 29.22
N PHE C 838 24.28 -2.51 30.20
CA PHE C 838 23.79 -1.18 29.87
C PHE C 838 24.35 -0.16 30.82
N ARG C 839 24.67 1.01 30.30
CA ARG C 839 25.16 2.11 31.09
C ARG C 839 23.99 3.01 31.43
N PRO C 840 23.64 3.19 32.70
CA PRO C 840 22.40 3.91 33.04
C PRO C 840 22.30 5.32 32.49
N ARG C 841 23.40 5.90 32.03
CA ARG C 841 23.31 7.08 31.20
C ARG C 841 22.41 6.83 30.00
N GLU C 842 22.62 5.72 29.30
CA GLU C 842 21.94 5.46 28.04
C GLU C 842 20.44 5.47 28.16
N ILE C 843 19.90 4.85 29.21
CA ILE C 843 18.49 4.57 29.30
C ILE C 843 17.75 5.60 30.11
N GLY C 844 18.43 6.62 30.62
CA GLY C 844 17.71 7.61 31.39
C GLY C 844 17.10 7.09 32.66
N VAL C 845 17.92 6.72 33.63
CA VAL C 845 17.45 6.17 34.89
C VAL C 845 18.37 6.62 36.00
N SER C 846 17.80 6.94 37.14
CA SER C 846 18.61 7.38 38.27
C SER C 846 19.24 6.18 38.96
N VAL C 847 20.50 6.35 39.36
CA VAL C 847 21.23 5.25 39.97
C VAL C 847 20.55 4.80 41.25
N GLU C 848 19.87 5.73 41.92
CA GLU C 848 19.09 5.31 43.07
C GLU C 848 17.92 4.44 42.66
N LYS C 849 17.23 4.81 41.57
CA LYS C 849 16.16 3.97 41.08
C LYS C 849 16.66 2.56 40.78
N LEU C 850 17.73 2.46 40.00
CA LEU C 850 18.32 1.15 39.73
C LEU C 850 18.67 0.43 41.00
N ARG C 851 19.08 1.16 42.04
CA ARG C 851 19.24 0.51 43.33
C ARG C 851 17.91 0.02 43.87
N GLU C 852 16.81 0.61 43.42
CA GLU C 852 15.51 0.14 43.90
C GLU C 852 15.03 -1.07 43.13
N LEU C 853 15.50 -1.26 41.91
CA LEU C 853 15.08 -2.42 41.15
C LEU C 853 15.87 -3.65 41.53
N GLY C 854 16.97 -3.49 42.24
CA GLY C 854 17.79 -4.60 42.66
C GLY C 854 19.21 -4.55 42.18
N TYR C 855 19.53 -3.68 41.22
CA TYR C 855 20.84 -3.70 40.59
C TYR C 855 21.87 -3.16 41.56
N THR C 856 22.59 -4.05 42.22
CA THR C 856 23.56 -3.65 43.22
C THR C 856 24.89 -3.22 42.63
N HIS C 857 25.48 -4.05 41.78
CA HIS C 857 26.87 -3.88 41.39
C HIS C 857 27.02 -4.11 39.90
N ASP C 858 27.93 -3.36 39.31
CA ASP C 858 28.12 -3.40 37.88
C ASP C 858 28.84 -4.69 37.51
N PHE C 859 29.22 -4.85 36.25
CA PHE C 859 29.50 -6.18 35.77
C PHE C 859 30.83 -6.70 36.28
N GLU C 860 31.73 -5.83 36.72
CA GLU C 860 32.96 -6.29 37.31
C GLU C 860 32.85 -6.50 38.80
N GLY C 861 31.64 -6.50 39.34
CA GLY C 861 31.43 -6.73 40.75
C GLY C 861 31.50 -5.51 41.64
N LYS C 862 32.14 -4.44 41.19
CA LYS C 862 32.29 -3.20 41.94
C LYS C 862 30.94 -2.64 42.34
N PRO C 863 30.87 -1.86 43.41
CA PRO C 863 29.58 -1.32 43.83
C PRO C 863 29.11 -0.25 42.86
N LEU C 864 27.82 -0.31 42.53
CA LEU C 864 27.23 0.67 41.64
C LEU C 864 27.14 2.01 42.33
N VAL C 865 27.89 2.99 41.83
CA VAL C 865 27.80 4.33 42.40
C VAL C 865 27.54 5.40 41.37
N SER C 866 27.91 5.21 40.11
CA SER C 866 27.86 6.29 39.14
C SER C 866 27.06 5.87 37.93
N GLU C 867 26.56 6.86 37.19
CA GLU C 867 25.70 6.60 36.05
C GLU C 867 26.48 6.27 34.79
N ASP C 868 27.74 5.85 34.91
CA ASP C 868 28.53 5.46 33.76
C ASP C 868 29.20 4.11 33.95
N GLN C 869 28.75 3.32 34.92
CA GLN C 869 29.26 1.97 35.03
C GLN C 869 28.34 1.00 34.32
N ILE C 870 28.94 0.06 33.58
CA ILE C 870 28.16 -0.89 32.80
C ILE C 870 27.54 -1.89 33.74
N VAL C 871 26.24 -1.84 33.89
CA VAL C 871 25.54 -2.80 34.72
C VAL C 871 25.21 -3.99 33.85
N GLU C 872 24.95 -5.14 34.48
CA GLU C 872 24.49 -6.29 33.74
C GLU C 872 22.98 -6.39 33.80
N LEU C 873 22.35 -6.32 32.64
CA LEU C 873 20.92 -6.51 32.54
C LEU C 873 20.53 -7.86 33.09
N LYS C 874 19.65 -7.87 34.07
CA LYS C 874 19.13 -9.14 34.53
C LYS C 874 18.22 -9.72 33.46
N PRO C 875 17.91 -11.01 33.52
CA PRO C 875 17.32 -11.70 32.36
C PRO C 875 16.04 -11.12 31.84
N GLN C 876 15.04 -10.95 32.68
CA GLN C 876 13.75 -10.48 32.20
C GLN C 876 13.54 -8.99 32.32
N ASP C 877 14.56 -8.18 32.18
CA ASP C 877 14.28 -6.77 32.05
C ASP C 877 14.34 -6.35 30.60
N ILE C 878 13.59 -5.31 30.25
CA ILE C 878 13.53 -4.85 28.87
C ILE C 878 13.57 -3.34 28.84
N ILE C 879 14.33 -2.80 27.91
CA ILE C 879 14.43 -1.37 27.70
C ILE C 879 13.59 -1.00 26.49
N LEU C 880 12.41 -0.44 26.74
CA LEU C 880 11.47 -0.10 25.69
C LEU C 880 11.90 1.13 24.92
N SER C 881 11.48 1.21 23.67
CA SER C 881 11.66 2.43 22.91
C SER C 881 10.62 3.46 23.30
N LYS C 882 11.01 4.74 23.24
CA LYS C 882 10.12 5.80 23.73
C LYS C 882 8.83 5.86 22.96
N GLU C 883 8.79 5.27 21.77
CA GLU C 883 7.50 4.99 21.20
C GLU C 883 6.67 4.19 22.17
N ALA C 884 7.20 3.04 22.59
CA ALA C 884 6.45 2.17 23.48
C ALA C 884 6.11 2.88 24.77
N GLY C 885 6.95 3.80 25.21
CA GLY C 885 6.55 4.61 26.34
C GLY C 885 5.34 5.44 26.00
N ARG C 886 5.36 6.06 24.82
CA ARG C 886 4.36 7.06 24.51
C ARG C 886 3.01 6.42 24.24
N TYR C 887 3.02 5.13 23.93
CA TYR C 887 1.76 4.43 23.69
C TYR C 887 1.32 3.69 24.92
N LEU C 888 2.24 2.96 25.54
CA LEU C 888 1.87 2.21 26.72
C LEU C 888 1.44 3.13 27.84
N LEU C 889 1.89 4.37 27.81
CA LEU C 889 1.32 5.38 28.69
C LEU C 889 -0.19 5.47 28.50
N LYS C 890 -0.63 5.62 27.25
CA LYS C 890 -2.06 5.63 27.00
C LYS C 890 -2.71 4.37 27.51
N VAL C 891 -2.04 3.24 27.35
CA VAL C 891 -2.63 2.02 27.89
C VAL C 891 -2.73 2.09 29.41
N ALA C 892 -1.83 2.82 30.05
CA ALA C 892 -1.92 2.94 31.50
C ALA C 892 -3.13 3.75 31.89
N LYS C 893 -3.33 4.89 31.24
CA LYS C 893 -4.52 5.68 31.54
C LYS C 893 -5.78 4.89 31.24
N PHE C 894 -5.77 4.09 30.19
CA PHE C 894 -6.89 3.20 29.95
C PHE C 894 -7.13 2.29 31.13
N VAL C 895 -6.11 1.58 31.57
CA VAL C 895 -6.33 0.57 32.60
C VAL C 895 -6.77 1.20 33.90
N ASP C 896 -6.28 2.40 34.20
CA ASP C 896 -6.81 3.12 35.35
C ASP C 896 -8.29 3.39 35.17
N ASP C 897 -8.65 4.05 34.07
CA ASP C 897 -10.04 4.46 33.91
C ASP C 897 -10.95 3.26 33.83
N LEU C 898 -10.42 2.11 33.45
CA LEU C 898 -11.21 0.89 33.44
C LEU C 898 -11.36 0.34 34.84
N LEU C 899 -10.29 0.40 35.63
CA LEU C 899 -10.41 -0.05 37.01
C LEU C 899 -11.44 0.77 37.75
N GLU C 900 -11.35 2.09 37.63
CA GLU C 900 -12.21 2.96 38.42
C GLU C 900 -13.59 3.06 37.81
N LYS C 901 -13.68 3.62 36.60
CA LYS C 901 -14.98 3.99 36.08
C LYS C 901 -15.86 2.78 35.81
N PHE C 902 -15.28 1.65 35.46
CA PHE C 902 -16.10 0.53 35.04
C PHE C 902 -16.13 -0.61 36.05
N TYR C 903 -15.00 -1.00 36.61
CA TYR C 903 -15.01 -2.01 37.65
C TYR C 903 -15.17 -1.42 39.03
N GLY C 904 -14.99 -0.11 39.17
CA GLY C 904 -15.04 0.50 40.48
C GLY C 904 -13.92 0.04 41.40
N LEU C 905 -12.68 0.28 41.03
CA LEU C 905 -11.56 -0.09 41.86
C LEU C 905 -10.54 1.03 41.97
N PRO C 906 -9.58 0.90 42.87
CA PRO C 906 -8.51 1.90 42.95
C PRO C 906 -7.71 1.92 41.67
N ARG C 907 -7.14 3.08 41.36
CA ARG C 907 -6.24 3.18 40.24
C ARG C 907 -5.03 2.29 40.48
N PHE C 908 -4.32 1.95 39.40
CA PHE C 908 -3.21 1.03 39.56
C PHE C 908 -1.89 1.54 39.02
N TYR C 909 -1.88 2.24 37.89
CA TYR C 909 -0.59 2.71 37.42
C TYR C 909 -0.27 4.10 37.93
N ASN C 910 -1.23 5.01 37.86
CA ASN C 910 -0.99 6.41 38.18
C ASN C 910 0.09 7.00 37.29
N ALA C 911 0.22 6.48 36.08
CA ALA C 911 1.22 6.99 35.16
C ALA C 911 0.85 8.38 34.72
N GLU C 912 1.83 9.26 34.74
CA GLU C 912 1.66 10.60 34.19
C GLU C 912 2.71 10.94 33.15
N LYS C 913 3.96 10.64 33.40
CA LYS C 913 4.97 10.59 32.37
C LYS C 913 5.26 9.14 32.06
N MET C 914 5.99 8.90 30.99
CA MET C 914 6.37 7.52 30.70
C MET C 914 7.25 6.94 31.79
N GLU C 915 8.09 7.77 32.41
CA GLU C 915 8.97 7.25 33.44
C GLU C 915 8.24 6.82 34.71
N ASP C 916 6.91 6.87 34.73
CA ASP C 916 6.17 6.24 35.81
C ASP C 916 6.05 4.75 35.62
N LEU C 917 6.16 4.26 34.40
CA LEU C 917 5.96 2.85 34.14
C LEU C 917 7.09 1.97 34.67
N ILE C 918 8.25 2.56 34.97
CA ILE C 918 9.42 1.78 35.34
C ILE C 918 9.12 0.84 36.49
N GLY C 919 9.24 -0.45 36.22
CA GLY C 919 8.93 -1.45 37.20
C GLY C 919 7.67 -2.24 36.93
N HIS C 920 6.82 -1.80 36.01
CA HIS C 920 5.57 -2.48 35.74
C HIS C 920 5.75 -3.48 34.62
N LEU C 921 5.15 -4.66 34.79
CA LEU C 921 5.44 -5.81 33.94
C LEU C 921 4.74 -5.68 32.61
N VAL C 922 5.40 -6.15 31.55
CA VAL C 922 4.79 -6.23 30.24
C VAL C 922 4.99 -7.63 29.72
N ILE C 923 3.95 -8.17 29.11
CA ILE C 923 4.02 -9.49 28.52
C ILE C 923 4.52 -9.34 27.11
N GLY C 924 5.73 -9.84 26.86
CA GLY C 924 6.26 -9.91 25.52
C GLY C 924 5.73 -11.16 24.88
N LEU C 925 5.18 -11.02 23.68
CA LEU C 925 4.55 -12.14 22.99
C LEU C 925 5.01 -12.14 21.55
N ALA C 926 5.22 -13.30 20.99
CA ALA C 926 5.65 -13.34 19.62
C ALA C 926 4.43 -13.35 18.72
N PRO C 927 4.63 -13.36 17.40
CA PRO C 927 3.59 -13.92 16.53
C PRO C 927 3.74 -15.42 16.57
N HIS C 928 2.79 -16.11 15.99
CA HIS C 928 2.96 -17.52 15.68
C HIS C 928 3.03 -18.40 16.93
N THR C 929 2.92 -17.80 18.10
CA THR C 929 3.07 -18.62 19.29
C THR C 929 1.92 -18.32 20.21
N SER C 930 1.89 -19.04 21.30
CA SER C 930 0.81 -18.81 22.25
C SER C 930 1.31 -18.92 23.67
N ALA C 931 2.51 -18.46 23.97
CA ALA C 931 3.01 -18.45 25.33
C ALA C 931 3.87 -17.20 25.49
N GLY C 932 3.39 -16.23 26.23
CA GLY C 932 4.13 -15.01 26.37
C GLY C 932 5.01 -15.03 27.59
N ILE C 933 6.00 -14.17 27.61
CA ILE C 933 6.96 -14.12 28.70
C ILE C 933 6.73 -12.85 29.49
N VAL C 934 6.56 -12.99 30.80
CA VAL C 934 6.47 -11.83 31.65
C VAL C 934 7.82 -11.13 31.66
N GLY C 935 7.80 -9.82 31.50
CA GLY C 935 9.01 -9.03 31.58
C GLY C 935 8.77 -7.82 32.46
N ARG C 936 9.85 -7.14 32.80
CA ARG C 936 9.79 -5.93 33.58
C ARG C 936 10.43 -4.81 32.78
N ILE C 937 9.88 -3.61 32.89
CA ILE C 937 10.47 -2.48 32.18
C ILE C 937 11.51 -1.86 33.09
N ILE C 938 12.65 -1.49 32.53
CA ILE C 938 13.66 -0.80 33.32
C ILE C 938 14.21 0.43 32.64
N GLY C 939 13.50 1.07 31.73
CA GLY C 939 14.05 2.29 31.19
C GLY C 939 13.54 2.50 29.79
N PHE C 940 14.14 3.46 29.12
CA PHE C 940 13.73 3.79 27.76
C PHE C 940 14.95 4.23 26.98
N VAL C 941 14.89 4.06 25.68
CA VAL C 941 15.89 4.62 24.80
C VAL C 941 15.15 5.39 23.74
N ASP C 942 15.88 5.88 22.74
CA ASP C 942 15.24 6.75 21.77
C ASP C 942 14.96 6.05 20.45
N ALA C 943 15.66 4.98 20.14
CA ALA C 943 15.49 4.33 18.85
C ALA C 943 14.15 3.62 18.79
N LEU C 944 13.91 2.94 17.68
CA LEU C 944 12.65 2.25 17.48
C LEU C 944 12.76 0.75 17.67
N VAL C 945 13.49 0.30 18.67
CA VAL C 945 13.81 -1.12 18.84
C VAL C 945 13.77 -1.48 20.31
N GLY C 946 12.97 -2.44 20.66
CA GLY C 946 12.82 -2.78 22.06
C GLY C 946 13.81 -3.81 22.52
N TYR C 947 14.75 -3.38 23.33
CA TYR C 947 15.86 -4.22 23.76
C TYR C 947 15.41 -5.19 24.83
N ALA C 948 16.24 -6.20 25.07
CA ALA C 948 15.90 -7.26 25.99
C ALA C 948 17.07 -8.21 26.09
N HIS C 949 17.13 -8.95 27.19
CA HIS C 949 18.19 -9.92 27.31
C HIS C 949 17.92 -11.09 26.38
N PRO C 950 18.93 -11.58 25.67
CA PRO C 950 18.65 -12.56 24.62
C PRO C 950 17.98 -13.82 25.12
N TYR C 951 18.05 -14.14 26.39
CA TYR C 951 17.25 -15.24 26.90
C TYR C 951 15.77 -14.93 26.72
N PHE C 952 15.40 -13.67 26.93
CA PHE C 952 14.03 -13.23 26.73
C PHE C 952 13.66 -13.41 25.26
N HIS C 953 14.42 -12.79 24.37
CA HIS C 953 14.09 -12.83 22.95
C HIS C 953 14.14 -14.23 22.40
N ALA C 954 14.81 -15.15 23.07
CA ALA C 954 14.81 -16.51 22.57
C ALA C 954 13.61 -17.26 23.09
N ALA C 955 13.35 -17.15 24.39
CA ALA C 955 12.25 -17.91 24.97
C ALA C 955 10.94 -17.47 24.38
N LYS C 956 10.91 -16.27 23.85
CA LYS C 956 9.78 -15.83 23.05
C LYS C 956 9.82 -16.40 21.63
N ARG C 957 10.81 -17.24 21.32
CA ARG C 957 10.95 -18.02 20.07
C ARG C 957 11.51 -17.21 18.91
N ARG C 958 11.98 -16.01 19.16
CA ARG C 958 12.49 -15.16 18.08
C ARG C 958 13.73 -15.74 17.41
N ASN C 959 14.00 -15.24 16.20
CA ASN C 959 15.23 -15.57 15.50
C ASN C 959 16.25 -14.45 15.67
N CYS C 960 15.78 -13.27 16.09
CA CYS C 960 16.44 -11.96 16.04
C CYS C 960 17.25 -11.75 14.77
N ASP C 961 16.72 -12.19 13.63
CA ASP C 961 17.24 -11.85 12.32
C ASP C 961 16.26 -10.85 11.70
N GLY C 962 15.77 -9.93 12.55
CA GLY C 962 14.84 -8.91 12.14
C GLY C 962 13.40 -9.13 12.55
N ASP C 963 13.13 -10.14 13.37
CA ASP C 963 11.75 -10.47 13.69
C ASP C 963 11.11 -9.38 14.55
N GLU C 964 9.78 -9.31 14.52
CA GLU C 964 9.02 -8.23 15.18
C GLU C 964 8.11 -8.85 16.22
N ASP C 965 7.95 -8.19 17.34
CA ASP C 965 7.27 -8.82 18.45
C ASP C 965 6.27 -7.89 19.10
N ALA C 966 5.37 -8.46 19.88
CA ALA C 966 4.29 -7.74 20.51
C ALA C 966 4.62 -7.51 21.97
N VAL C 967 4.14 -6.43 22.55
CA VAL C 967 4.45 -6.09 23.93
C VAL C 967 3.23 -5.45 24.58
N MET C 968 2.50 -6.22 25.34
CA MET C 968 1.28 -5.68 25.94
C MET C 968 1.54 -5.47 27.43
N LEU C 969 0.75 -4.66 28.09
CA LEU C 969 0.94 -4.48 29.52
C LEU C 969 0.29 -5.63 30.24
N LEU C 970 0.81 -5.96 31.42
CA LEU C 970 0.32 -7.12 32.14
C LEU C 970 -1.13 -6.94 32.54
N LEU C 971 -1.41 -5.92 33.33
CA LEU C 971 -2.74 -5.85 33.93
C LEU C 971 -3.79 -5.63 32.87
N ASP C 972 -3.40 -5.06 31.74
CA ASP C 972 -4.29 -4.99 30.60
C ASP C 972 -4.67 -6.38 30.11
N ALA C 973 -3.68 -7.19 29.76
CA ALA C 973 -3.98 -8.50 29.21
C ALA C 973 -4.77 -9.33 30.19
N LEU C 974 -4.54 -9.14 31.49
CA LEU C 974 -5.40 -9.83 32.44
C LEU C 974 -6.83 -9.33 32.36
N LEU C 975 -7.04 -8.03 32.42
CA LEU C 975 -8.40 -7.54 32.53
C LEU C 975 -9.19 -7.70 31.25
N ASN C 976 -8.51 -7.73 30.11
CA ASN C 976 -9.22 -7.57 28.86
C ASN C 976 -9.15 -8.78 27.97
N PHE C 977 -8.56 -9.87 28.42
CA PHE C 977 -8.43 -11.04 27.58
C PHE C 977 -9.50 -12.06 27.91
N SER C 978 -10.00 -12.74 26.89
CA SER C 978 -10.83 -13.90 27.12
C SER C 978 -10.93 -14.74 25.88
N ARG C 979 -10.78 -16.07 26.05
CA ARG C 979 -10.68 -16.98 24.90
C ARG C 979 -11.89 -16.88 24.00
N TYR C 980 -13.02 -16.50 24.57
CA TYR C 980 -14.29 -16.37 23.88
C TYR C 980 -14.21 -15.41 22.71
N TYR C 981 -13.24 -14.49 22.70
CA TYR C 981 -13.09 -13.53 21.63
C TYR C 981 -12.19 -14.07 20.54
N LEU C 982 -11.42 -15.09 20.85
CA LEU C 982 -10.49 -15.67 19.91
C LEU C 982 -11.24 -16.15 18.69
N PRO C 983 -10.82 -15.77 17.48
CA PRO C 983 -11.50 -16.27 16.28
C PRO C 983 -11.45 -17.78 16.26
N GLU C 984 -12.42 -18.37 15.56
CA GLU C 984 -12.63 -19.79 15.75
C GLU C 984 -11.78 -20.63 14.81
N LYS C 985 -11.52 -20.13 13.61
CA LYS C 985 -10.92 -21.00 12.60
C LYS C 985 -9.49 -20.65 12.24
N ARG C 986 -9.24 -19.43 11.77
CA ARG C 986 -7.94 -19.07 11.22
C ARG C 986 -6.95 -18.71 12.33
N GLY C 987 -6.27 -19.71 12.86
CA GLY C 987 -5.19 -19.35 13.75
C GLY C 987 -4.04 -18.93 12.87
N GLY C 988 -3.81 -17.62 12.76
CA GLY C 988 -2.91 -17.07 11.77
C GLY C 988 -1.47 -16.96 12.24
N LYS C 989 -0.84 -15.84 11.83
CA LYS C 989 0.55 -15.59 12.14
C LYS C 989 0.71 -15.00 13.54
N MET C 990 -0.33 -14.34 14.05
CA MET C 990 -0.40 -13.85 15.42
C MET C 990 -1.26 -14.77 16.27
N ASP C 991 -0.95 -14.87 17.55
CA ASP C 991 -1.87 -15.55 18.43
C ASP C 991 -1.69 -14.96 19.83
N ALA C 992 -2.49 -15.42 20.76
CA ALA C 992 -2.72 -14.71 22.01
C ALA C 992 -2.12 -15.43 23.19
N PRO C 993 -1.87 -14.73 24.26
CA PRO C 993 -1.13 -15.32 25.37
C PRO C 993 -1.94 -16.38 26.11
N LEU C 994 -2.06 -17.55 25.49
CA LEU C 994 -2.80 -18.65 26.12
C LEU C 994 -2.22 -19.03 27.46
N VAL C 995 -0.93 -18.73 27.68
CA VAL C 995 -0.28 -18.96 28.96
C VAL C 995 0.97 -18.11 29.02
N ILE C 996 1.33 -17.68 30.23
CA ILE C 996 2.47 -16.79 30.38
C ILE C 996 3.51 -17.43 31.30
N THR C 997 4.75 -17.42 30.84
CA THR C 997 5.88 -17.89 31.62
C THR C 997 6.34 -16.78 32.54
N THR C 998 6.83 -17.14 33.71
CA THR C 998 7.25 -16.15 34.68
C THR C 998 8.68 -16.33 35.15
N ARG C 999 9.46 -17.15 34.47
CA ARG C 999 10.82 -17.47 34.89
C ARG C 999 11.56 -18.04 33.70
N LEU C 1000 12.59 -17.36 33.24
CA LEU C 1000 13.39 -17.93 32.18
C LEU C 1000 14.16 -19.12 32.72
N ASP C 1001 14.28 -20.15 31.89
CA ASP C 1001 15.27 -21.18 32.05
C ASP C 1001 15.91 -21.35 30.69
N PRO C 1002 17.15 -20.95 30.51
CA PRO C 1002 17.74 -21.01 29.16
C PRO C 1002 17.89 -22.42 28.64
N ARG C 1003 17.63 -23.43 29.46
CA ARG C 1003 17.61 -24.79 28.94
C ARG C 1003 16.49 -24.96 27.91
N GLU C 1004 15.26 -24.80 28.34
CA GLU C 1004 14.13 -25.04 27.46
C GLU C 1004 13.73 -23.78 26.70
N VAL C 1005 14.62 -22.82 26.59
CA VAL C 1005 14.32 -21.62 25.82
C VAL C 1005 14.28 -21.94 24.35
N ASP C 1006 15.42 -22.25 23.79
CA ASP C 1006 15.62 -22.18 22.35
C ASP C 1006 16.92 -22.93 22.08
N SER C 1007 17.38 -22.89 20.85
CA SER C 1007 18.73 -23.36 20.54
C SER C 1007 19.66 -22.21 20.26
N GLU C 1008 19.20 -21.25 19.50
CA GLU C 1008 20.10 -20.29 18.88
C GLU C 1008 20.80 -19.42 19.92
N VAL C 1009 20.25 -19.34 21.13
CA VAL C 1009 20.99 -18.69 22.20
C VAL C 1009 22.22 -19.48 22.54
N HIS C 1010 22.14 -20.82 22.46
CA HIS C 1010 23.18 -21.64 23.06
C HIS C 1010 24.53 -21.48 22.36
N ASN C 1011 24.61 -20.62 21.35
CA ASN C 1011 25.88 -20.48 20.67
C ASN C 1011 26.54 -19.14 20.93
N MET C 1012 25.97 -18.28 21.78
CA MET C 1012 26.54 -16.96 21.95
C MET C 1012 27.96 -17.04 22.50
N ASP C 1013 28.79 -16.07 22.11
CA ASP C 1013 30.16 -15.98 22.62
C ASP C 1013 30.08 -15.04 23.81
N ILE C 1014 30.33 -15.56 25.02
CA ILE C 1014 30.21 -14.74 26.20
C ILE C 1014 31.57 -14.54 26.86
N VAL C 1015 32.60 -14.49 26.04
CA VAL C 1015 33.97 -14.33 26.50
C VAL C 1015 34.27 -12.85 26.58
N ARG C 1016 35.10 -12.45 27.53
CA ARG C 1016 35.45 -11.04 27.60
C ARG C 1016 36.33 -10.62 26.43
N TYR C 1017 37.16 -11.52 25.93
CA TYR C 1017 37.99 -11.19 24.78
C TYR C 1017 38.38 -12.48 24.10
N TYR C 1018 38.32 -12.50 22.78
CA TYR C 1018 38.63 -13.73 22.08
C TYR C 1018 40.10 -14.09 22.25
N PRO C 1019 40.40 -15.32 22.61
CA PRO C 1019 41.78 -15.67 22.95
C PRO C 1019 42.67 -15.74 21.72
N LEU C 1020 43.96 -15.51 21.98
CA LEU C 1020 44.97 -15.44 20.93
C LEU C 1020 44.92 -16.66 20.03
N GLU C 1021 44.73 -17.83 20.63
CA GLU C 1021 44.70 -19.09 19.92
C GLU C 1021 43.66 -19.12 18.81
N PHE C 1022 42.55 -18.44 19.03
CA PHE C 1022 41.51 -18.30 18.01
C PHE C 1022 41.96 -17.49 16.82
N TYR C 1023 42.25 -16.22 17.04
CA TYR C 1023 42.70 -15.33 15.99
C TYR C 1023 43.79 -15.96 15.16
N GLU C 1024 44.76 -16.60 15.79
CA GLU C 1024 45.68 -17.38 14.96
C GLU C 1024 45.00 -18.58 14.34
N ALA C 1025 43.93 -19.07 14.93
CA ALA C 1025 43.29 -20.27 14.43
C ALA C 1025 42.39 -20.02 13.25
N THR C 1026 42.16 -18.78 12.86
CA THR C 1026 41.29 -18.56 11.71
C THR C 1026 42.06 -18.77 10.42
N TYR C 1027 43.27 -18.20 10.33
CA TYR C 1027 44.09 -18.20 9.13
C TYR C 1027 44.08 -19.46 8.29
N GLU C 1028 44.07 -20.64 8.90
CA GLU C 1028 43.91 -21.85 8.12
C GLU C 1028 42.45 -22.29 8.04
N LEU C 1029 41.53 -21.34 8.19
CA LEU C 1029 40.13 -21.50 7.79
C LEU C 1029 39.48 -22.69 8.46
N LYS C 1030 39.89 -22.96 9.68
CA LYS C 1030 39.27 -24.05 10.42
C LYS C 1030 37.79 -23.80 10.55
N SER C 1031 37.02 -24.85 10.38
CA SER C 1031 35.60 -24.71 10.61
C SER C 1031 35.39 -24.38 12.07
N PRO C 1032 34.27 -23.77 12.43
CA PRO C 1032 34.14 -23.24 13.79
C PRO C 1032 34.17 -24.30 14.85
N LYS C 1033 33.50 -25.43 14.62
CA LYS C 1033 33.51 -26.48 15.62
C LYS C 1033 34.89 -27.05 15.89
N GLU C 1034 35.86 -26.80 15.05
CA GLU C 1034 37.18 -27.28 15.41
C GLU C 1034 37.75 -26.56 16.58
N LEU C 1035 37.15 -25.47 17.06
CA LEU C 1035 37.70 -24.78 18.21
C LEU C 1035 36.63 -24.34 19.19
N VAL C 1036 35.48 -25.01 19.23
CA VAL C 1036 34.41 -24.61 20.13
C VAL C 1036 34.86 -24.72 21.57
N GLY C 1037 35.75 -25.67 21.86
CA GLY C 1037 36.20 -25.86 23.22
C GLY C 1037 36.97 -24.69 23.78
N VAL C 1038 37.54 -23.86 22.92
CA VAL C 1038 38.31 -22.73 23.40
C VAL C 1038 37.39 -21.66 23.96
N ILE C 1039 36.47 -21.18 23.14
CA ILE C 1039 35.67 -20.00 23.45
C ILE C 1039 34.44 -20.42 24.21
N GLU C 1040 34.18 -19.74 25.31
CA GLU C 1040 33.04 -20.09 26.15
C GLU C 1040 31.75 -19.83 25.38
N ARG C 1041 30.66 -20.41 25.84
CA ARG C 1041 29.37 -20.26 25.19
C ARG C 1041 28.27 -20.38 26.24
N VAL C 1042 27.06 -20.63 25.74
CA VAL C 1042 25.93 -20.77 26.64
C VAL C 1042 25.67 -22.24 26.95
N GLU C 1043 25.82 -23.12 25.96
CA GLU C 1043 25.82 -24.54 26.25
C GLU C 1043 26.85 -24.93 27.28
N ASP C 1044 27.93 -24.17 27.39
CA ASP C 1044 28.94 -24.45 28.40
C ASP C 1044 28.62 -23.82 29.73
N ARG C 1045 27.37 -23.48 30.00
CA ARG C 1045 26.98 -23.11 31.35
C ARG C 1045 25.61 -23.61 31.75
N LEU C 1046 24.95 -24.40 30.92
CA LEU C 1046 23.62 -24.87 31.27
C LEU C 1046 23.68 -25.72 32.54
N GLY C 1047 22.55 -25.84 33.22
CA GLY C 1047 22.51 -26.61 34.43
C GLY C 1047 23.08 -25.88 35.63
N LYS C 1048 24.26 -25.32 35.49
CA LYS C 1048 24.87 -24.59 36.59
C LYS C 1048 24.03 -23.37 36.92
N PRO C 1049 24.16 -22.83 38.13
CA PRO C 1049 23.40 -21.62 38.46
C PRO C 1049 23.93 -20.42 37.74
N GLU C 1050 25.19 -20.49 37.31
CA GLU C 1050 25.84 -19.34 36.68
C GLU C 1050 25.61 -19.35 35.18
N MET C 1051 24.33 -19.51 34.82
CA MET C 1051 23.80 -19.13 33.53
C MET C 1051 23.39 -17.67 33.53
N TYR C 1052 22.85 -17.23 34.66
CA TYR C 1052 22.33 -15.88 34.74
C TYR C 1052 23.39 -14.94 35.27
N TYR C 1053 24.33 -15.48 36.02
CA TYR C 1053 25.19 -14.67 36.88
C TYR C 1053 26.03 -13.71 36.06
N GLY C 1054 26.93 -14.24 35.25
CA GLY C 1054 27.81 -13.35 34.53
C GLY C 1054 28.09 -13.73 33.09
N LEU C 1055 27.72 -12.84 32.18
CA LEU C 1055 28.13 -12.94 30.80
C LEU C 1055 29.13 -11.83 30.55
N LYS C 1056 29.65 -11.74 29.34
CA LYS C 1056 30.46 -10.60 28.98
C LYS C 1056 30.30 -10.27 27.51
N PHE C 1057 31.16 -9.39 27.03
CA PHE C 1057 31.02 -8.79 25.72
C PHE C 1057 32.35 -8.17 25.35
N THR C 1058 32.72 -8.23 24.08
CA THR C 1058 34.04 -7.72 23.76
C THR C 1058 34.05 -6.22 23.60
N HIS C 1059 33.12 -5.67 22.84
CA HIS C 1059 33.19 -4.27 22.42
C HIS C 1059 32.17 -3.41 23.13
N ASP C 1060 32.65 -2.32 23.71
CA ASP C 1060 31.81 -1.25 24.24
C ASP C 1060 31.18 -0.50 23.09
N THR C 1061 29.99 0.01 23.33
CA THR C 1061 29.45 1.11 22.59
C THR C 1061 29.48 2.33 23.49
N ASP C 1062 29.22 3.49 22.94
CA ASP C 1062 28.97 4.63 23.82
C ASP C 1062 27.49 4.70 24.17
N ASP C 1063 26.64 4.75 23.17
CA ASP C 1063 25.21 4.71 23.38
C ASP C 1063 24.63 3.52 22.66
N ILE C 1064 23.58 2.98 23.25
CA ILE C 1064 22.82 1.95 22.59
C ILE C 1064 21.89 2.59 21.58
N ALA C 1065 21.68 3.88 21.68
CA ALA C 1065 20.70 4.54 20.84
C ALA C 1065 21.31 5.55 19.89
N LEU C 1066 22.59 5.86 20.03
CA LEU C 1066 23.17 6.90 19.21
C LEU C 1066 23.18 6.48 17.76
N GLY C 1067 22.59 7.30 16.91
CA GLY C 1067 22.56 7.04 15.49
C GLY C 1067 21.20 7.34 14.90
N PRO C 1068 21.15 7.53 13.59
CA PRO C 1068 19.91 7.98 12.95
C PRO C 1068 18.76 7.07 13.22
N LYS C 1069 17.74 7.62 13.86
CA LYS C 1069 16.71 6.86 14.52
C LYS C 1069 15.52 6.60 13.64
N MET C 1070 15.63 6.76 12.33
CA MET C 1070 14.49 6.45 11.49
C MET C 1070 14.97 6.36 10.05
N SER C 1071 14.77 5.22 9.42
CA SER C 1071 15.41 4.96 8.15
C SER C 1071 14.93 5.93 7.11
N LEU C 1072 15.83 6.35 6.24
CA LEU C 1072 15.50 7.23 5.13
C LEU C 1072 14.55 6.58 4.15
N TYR C 1073 14.30 5.29 4.26
CA TYR C 1073 13.38 4.66 3.35
C TYR C 1073 11.97 5.19 3.48
N LYS C 1074 11.53 5.55 4.68
CA LYS C 1074 10.14 5.90 4.84
C LYS C 1074 9.82 7.34 4.47
N GLN C 1075 10.81 8.23 4.41
CA GLN C 1075 10.60 9.60 3.94
C GLN C 1075 10.83 9.75 2.45
N LEU C 1076 10.58 8.69 1.69
CA LEU C 1076 10.74 8.70 0.24
C LEU C 1076 9.41 8.28 -0.38
N GLY C 1077 8.80 9.17 -1.14
CA GLY C 1077 7.47 8.94 -1.62
C GLY C 1077 7.34 8.31 -2.99
N ASP C 1078 8.07 8.81 -3.98
CA ASP C 1078 7.81 8.43 -5.36
C ASP C 1078 8.87 7.47 -5.85
N MET C 1079 8.41 6.38 -6.47
CA MET C 1079 9.31 5.36 -7.01
C MET C 1079 10.33 5.97 -7.94
N GLU C 1080 9.87 6.90 -8.79
CA GLU C 1080 10.68 7.71 -9.69
C GLU C 1080 11.98 8.20 -9.08
N GLU C 1081 11.91 8.66 -7.83
CA GLU C 1081 13.07 9.13 -7.12
C GLU C 1081 13.43 8.24 -5.95
N LYS C 1082 12.56 7.30 -5.60
CA LYS C 1082 12.98 6.19 -4.76
C LYS C 1082 14.23 5.56 -5.35
N VAL C 1083 14.13 5.10 -6.59
CA VAL C 1083 15.28 4.54 -7.29
C VAL C 1083 16.39 5.56 -7.44
N ARG C 1084 16.03 6.84 -7.48
CA ARG C 1084 17.11 7.80 -7.58
C ARG C 1084 17.90 7.92 -6.30
N ARG C 1085 17.30 7.60 -5.15
CA ARG C 1085 18.11 7.57 -3.93
C ARG C 1085 18.84 6.25 -3.84
N GLN C 1086 18.09 5.15 -3.83
CA GLN C 1086 18.61 3.77 -3.87
C GLN C 1086 19.79 3.56 -4.78
N LEU C 1087 19.77 4.22 -5.91
CA LEU C 1087 20.87 4.13 -6.83
C LEU C 1087 21.66 5.42 -6.85
N GLU C 1088 21.22 6.43 -6.12
CA GLU C 1088 22.08 7.58 -5.86
C GLU C 1088 23.27 7.15 -5.05
N VAL C 1089 23.04 6.33 -4.02
CA VAL C 1089 24.11 5.86 -3.14
C VAL C 1089 25.18 5.15 -3.95
N ALA C 1090 24.78 4.17 -4.75
CA ALA C 1090 25.72 3.21 -5.32
C ALA C 1090 26.75 3.86 -6.22
N LYS C 1091 26.54 5.10 -6.64
CA LYS C 1091 27.64 5.81 -7.26
C LYS C 1091 28.66 6.19 -6.22
N ARG C 1092 28.24 6.32 -4.97
CA ARG C 1092 29.12 6.87 -3.96
C ARG C 1092 30.16 5.85 -3.54
N ILE C 1093 29.74 4.62 -3.30
CA ILE C 1093 30.58 3.59 -2.71
C ILE C 1093 31.50 3.01 -3.78
N ARG C 1094 32.64 2.47 -3.36
CA ARG C 1094 33.45 1.66 -4.27
C ARG C 1094 32.80 0.33 -4.52
N ALA C 1095 32.11 -0.20 -3.52
CA ALA C 1095 31.88 -1.64 -3.48
C ALA C 1095 30.78 -2.06 -4.43
N VAL C 1096 29.77 -1.22 -4.63
CA VAL C 1096 28.53 -1.73 -5.21
C VAL C 1096 28.64 -1.88 -6.72
N ASP C 1097 29.27 -0.94 -7.41
CA ASP C 1097 29.32 -0.96 -8.87
C ASP C 1097 27.92 -0.95 -9.46
N GLU C 1098 27.21 0.15 -9.25
CA GLU C 1098 25.86 0.22 -9.80
C GLU C 1098 25.90 0.09 -11.31
N HIS C 1099 26.85 0.76 -11.93
CA HIS C 1099 26.79 1.23 -13.31
C HIS C 1099 26.84 0.02 -14.23
N GLY C 1100 25.80 -0.78 -14.14
CA GLY C 1100 25.85 -2.08 -14.72
C GLY C 1100 25.16 -3.13 -13.89
N VAL C 1101 25.09 -3.00 -12.57
CA VAL C 1101 24.41 -4.09 -11.87
C VAL C 1101 23.45 -3.66 -10.78
N ALA C 1102 23.61 -2.47 -10.20
CA ALA C 1102 22.51 -2.06 -9.36
C ALA C 1102 21.26 -1.85 -10.20
N GLU C 1103 21.43 -1.21 -11.37
CA GLU C 1103 20.34 -1.14 -12.31
C GLU C 1103 19.89 -2.53 -12.69
N LYS C 1104 20.72 -3.26 -13.44
CA LYS C 1104 20.30 -4.50 -14.06
C LYS C 1104 19.66 -5.46 -13.06
N ILE C 1105 20.13 -5.54 -11.83
CA ILE C 1105 19.40 -6.38 -10.88
C ILE C 1105 18.01 -5.74 -10.69
N LEU C 1106 18.05 -4.49 -10.22
CA LEU C 1106 16.84 -3.69 -9.97
C LEU C 1106 16.07 -3.45 -11.26
N ASN C 1107 16.81 -3.26 -12.35
CA ASN C 1107 16.21 -3.08 -13.67
C ASN C 1107 15.49 -4.36 -14.09
N SER C 1108 16.03 -5.52 -13.75
CA SER C 1108 15.38 -6.78 -14.05
C SER C 1108 14.06 -6.82 -13.29
N HIS C 1109 14.08 -6.42 -12.02
CA HIS C 1109 12.81 -6.36 -11.28
C HIS C 1109 11.78 -5.45 -12.00
N LEU C 1110 12.19 -4.29 -12.48
CA LEU C 1110 11.22 -3.41 -13.16
C LEU C 1110 10.60 -4.09 -14.38
N ILE C 1111 11.44 -4.81 -15.12
CA ILE C 1111 10.99 -5.50 -16.33
C ILE C 1111 9.92 -6.52 -16.01
N PRO C 1112 10.13 -7.30 -14.95
CA PRO C 1112 9.18 -8.34 -14.59
C PRO C 1112 7.80 -7.85 -14.19
N ASP C 1113 7.70 -6.80 -13.39
CA ASP C 1113 6.38 -6.31 -13.00
C ASP C 1113 5.57 -5.78 -14.17
N LEU C 1114 6.21 -4.95 -15.01
CA LEU C 1114 5.49 -4.37 -16.12
C LEU C 1114 5.03 -5.45 -17.09
N ARG C 1115 5.92 -6.37 -17.40
CA ARG C 1115 5.59 -7.44 -18.32
C ARG C 1115 4.48 -8.30 -17.75
N GLY C 1116 4.56 -8.60 -16.46
CA GLY C 1116 3.53 -9.42 -15.87
C GLY C 1116 2.18 -8.75 -15.96
N ASN C 1117 2.15 -7.45 -15.66
CA ASN C 1117 0.88 -6.74 -15.71
C ASN C 1117 0.34 -6.72 -17.12
N LEU C 1118 1.21 -6.49 -18.09
CA LEU C 1118 0.77 -6.42 -19.47
C LEU C 1118 0.19 -7.75 -19.91
N ARG C 1119 0.84 -8.85 -19.53
CA ARG C 1119 0.34 -10.17 -19.90
C ARG C 1119 -1.02 -10.42 -19.27
N SER C 1120 -1.13 -10.07 -17.99
CA SER C 1120 -2.36 -10.25 -17.23
C SER C 1120 -3.56 -9.42 -17.66
N PHE C 1121 -3.27 -8.16 -18.03
CA PHE C 1121 -4.29 -7.18 -18.35
C PHE C 1121 -5.29 -7.76 -19.34
N THR C 1122 -4.79 -8.31 -20.43
CA THR C 1122 -5.64 -8.91 -21.44
C THR C 1122 -6.39 -10.11 -20.90
N ARG C 1123 -5.96 -10.65 -19.77
CA ARG C 1123 -6.72 -11.67 -19.08
C ARG C 1123 -6.99 -11.19 -17.65
N GLN C 1124 -8.03 -10.40 -17.47
CA GLN C 1124 -8.36 -9.91 -16.14
C GLN C 1124 -9.79 -10.26 -15.81
N GLU C 1125 -10.27 -9.66 -14.72
CA GLU C 1125 -11.63 -9.85 -14.25
C GLU C 1125 -12.21 -8.48 -13.91
N PHE C 1126 -13.52 -8.40 -13.76
CA PHE C 1126 -14.19 -7.13 -13.54
C PHE C 1126 -14.93 -7.13 -12.21
N ARG C 1127 -15.20 -5.97 -11.65
CA ARG C 1127 -15.89 -5.95 -10.36
C ARG C 1127 -16.49 -4.60 -9.98
N CYS C 1128 -17.73 -4.66 -9.49
CA CYS C 1128 -18.43 -3.47 -9.03
C CYS C 1128 -18.11 -3.15 -7.58
N VAL C 1129 -18.24 -1.88 -7.24
CA VAL C 1129 -18.08 -1.45 -5.85
C VAL C 1129 -19.13 -2.04 -4.94
N LYS C 1130 -20.33 -2.32 -5.44
CA LYS C 1130 -21.44 -2.68 -4.58
C LYS C 1130 -21.82 -4.14 -4.77
N CYS C 1131 -21.78 -4.66 -5.99
CA CYS C 1131 -21.95 -6.10 -6.22
C CYS C 1131 -20.56 -6.70 -6.44
N ASN C 1132 -19.84 -6.88 -5.34
CA ASN C 1132 -18.50 -7.45 -5.39
C ASN C 1132 -18.34 -8.48 -6.50
N THR C 1133 -19.44 -9.13 -6.87
CA THR C 1133 -19.43 -10.13 -7.91
C THR C 1133 -18.82 -9.58 -9.20
N LYS C 1134 -17.62 -10.06 -9.53
CA LYS C 1134 -16.93 -9.62 -10.74
C LYS C 1134 -17.04 -10.64 -11.86
N PHE C 1135 -17.75 -10.28 -12.92
CA PHE C 1135 -17.95 -11.18 -14.05
C PHE C 1135 -16.66 -11.33 -14.86
N ARG C 1136 -16.21 -12.57 -15.00
CA ARG C 1136 -14.98 -12.86 -15.74
C ARG C 1136 -15.07 -12.31 -17.17
N ARG C 1137 -16.03 -11.43 -17.41
CA ARG C 1137 -16.22 -10.84 -18.70
C ARG C 1137 -17.05 -9.58 -18.55
N PRO C 1138 -16.93 -8.61 -19.44
CA PRO C 1138 -17.77 -7.43 -19.35
C PRO C 1138 -19.19 -7.75 -19.77
N PRO C 1139 -20.18 -7.36 -19.00
CA PRO C 1139 -21.56 -7.42 -19.49
C PRO C 1139 -21.74 -6.30 -20.48
N LEU C 1140 -22.37 -6.63 -21.61
CA LEU C 1140 -22.45 -5.66 -22.69
C LEU C 1140 -23.15 -4.39 -22.22
N ASN C 1141 -24.10 -4.53 -21.30
CA ASN C 1141 -24.81 -3.37 -20.81
C ASN C 1141 -23.89 -2.47 -20.00
N GLY C 1142 -23.03 -3.07 -19.17
CA GLY C 1142 -22.29 -2.31 -18.19
C GLY C 1142 -23.02 -2.10 -16.88
N LYS C 1143 -24.21 -2.66 -16.74
CA LYS C 1143 -24.92 -2.63 -15.46
C LYS C 1143 -24.46 -3.77 -14.58
N CYS C 1144 -25.03 -3.85 -13.38
CA CYS C 1144 -24.67 -4.91 -12.42
C CYS C 1144 -25.85 -5.46 -11.62
N PRO C 1145 -25.69 -6.69 -11.11
CA PRO C 1145 -26.73 -7.35 -10.30
C PRO C 1145 -26.95 -6.60 -8.99
N VAL C 1146 -28.19 -6.55 -8.51
CA VAL C 1146 -28.62 -5.84 -7.28
C VAL C 1146 -28.43 -4.37 -7.62
N CYS C 1147 -27.19 -4.06 -7.97
CA CYS C 1147 -26.79 -2.74 -8.43
C CYS C 1147 -27.46 -2.44 -9.77
N GLY C 1148 -27.73 -1.16 -10.00
CA GLY C 1148 -27.97 -0.68 -11.34
C GLY C 1148 -26.77 0.13 -11.76
N GLY C 1149 -25.59 -0.32 -11.38
CA GLY C 1149 -24.41 0.50 -11.48
C GLY C 1149 -23.46 0.09 -12.59
N LYS C 1150 -22.20 0.48 -12.41
CA LYS C 1150 -21.17 0.19 -13.39
C LYS C 1150 -20.08 -0.72 -12.83
N ILE C 1151 -19.41 -1.42 -13.73
CA ILE C 1151 -18.33 -2.33 -13.36
C ILE C 1151 -16.98 -1.66 -13.55
N VAL C 1152 -16.20 -1.65 -12.49
CA VAL C 1152 -14.84 -1.13 -12.51
C VAL C 1152 -13.90 -2.21 -13.04
N LEU C 1153 -12.75 -1.78 -13.53
CA LEU C 1153 -11.73 -2.64 -14.11
C LEU C 1153 -10.81 -3.06 -12.98
N THR C 1154 -10.42 -4.34 -12.93
CA THR C 1154 -9.61 -4.80 -11.81
C THR C 1154 -8.21 -4.21 -11.85
N VAL C 1155 -7.44 -4.52 -12.88
CA VAL C 1155 -6.05 -4.09 -12.98
C VAL C 1155 -5.98 -2.94 -14.00
N SER C 1156 -5.99 -1.72 -13.47
CA SER C 1156 -6.24 -0.54 -14.29
C SER C 1156 -5.02 -0.15 -15.11
N LYS C 1157 -5.28 0.57 -16.21
CA LYS C 1157 -4.21 0.93 -17.14
C LYS C 1157 -3.21 1.87 -16.50
N GLY C 1158 -3.59 2.52 -15.41
CA GLY C 1158 -2.62 3.30 -14.68
C GLY C 1158 -1.56 2.41 -14.06
N ALA C 1159 -1.89 1.13 -13.89
CA ALA C 1159 -0.94 0.20 -13.31
C ALA C 1159 0.11 -0.23 -14.32
N ILE C 1160 -0.30 -0.49 -15.56
CA ILE C 1160 0.66 -0.96 -16.55
C ILE C 1160 1.74 0.07 -16.78
N GLU C 1161 1.38 1.34 -16.73
CA GLU C 1161 2.31 2.39 -17.11
C GLU C 1161 3.07 2.95 -15.91
N LYS C 1162 3.05 2.25 -14.79
CA LYS C 1162 3.44 2.88 -13.55
C LYS C 1162 4.95 2.97 -13.40
N TYR C 1163 5.68 2.10 -14.07
CA TYR C 1163 7.13 2.07 -13.95
C TYR C 1163 7.86 2.36 -15.24
N LEU C 1164 7.19 2.87 -16.26
CA LEU C 1164 7.91 3.17 -17.49
C LEU C 1164 8.85 4.34 -17.31
N GLY C 1165 8.46 5.33 -16.50
CA GLY C 1165 9.32 6.48 -16.32
C GLY C 1165 10.66 6.12 -15.70
N THR C 1166 10.63 5.41 -14.58
CA THR C 1166 11.87 4.96 -13.98
C THR C 1166 12.63 4.06 -14.93
N ALA C 1167 12.03 2.96 -15.36
CA ALA C 1167 12.75 1.95 -16.12
C ALA C 1167 13.33 2.52 -17.39
N LYS C 1168 12.66 3.51 -17.96
CA LYS C 1168 13.25 4.19 -19.10
C LYS C 1168 14.41 5.05 -18.64
N MET C 1169 14.28 5.70 -17.48
CA MET C 1169 15.39 6.48 -16.93
C MET C 1169 16.64 5.65 -16.77
N LEU C 1170 16.51 4.48 -16.14
CA LEU C 1170 17.67 3.66 -15.87
C LEU C 1170 18.38 3.30 -17.16
N VAL C 1171 17.61 2.97 -18.19
CA VAL C 1171 18.23 2.55 -19.42
C VAL C 1171 18.91 3.71 -20.10
N THR C 1172 18.36 4.92 -19.96
CA THR C 1172 19.03 6.03 -20.63
C THR C 1172 20.26 6.52 -19.89
N GLU C 1173 20.58 5.97 -18.74
CA GLU C 1173 21.67 6.52 -17.94
C GLU C 1173 22.80 5.54 -17.78
N TYR C 1174 22.46 4.29 -17.55
CA TYR C 1174 23.45 3.38 -17.00
C TYR C 1174 23.71 2.23 -17.96
N ASN C 1175 24.98 1.90 -18.13
CA ASN C 1175 25.35 0.85 -19.06
C ASN C 1175 24.71 -0.45 -18.63
N VAL C 1176 23.69 -0.87 -19.36
CA VAL C 1176 22.94 -2.08 -19.06
C VAL C 1176 22.98 -2.94 -20.30
N LYS C 1177 22.97 -4.26 -20.11
CA LYS C 1177 23.11 -5.18 -21.21
C LYS C 1177 22.01 -4.96 -22.23
N ASN C 1178 22.40 -4.95 -23.51
CA ASN C 1178 21.47 -4.57 -24.59
C ASN C 1178 20.20 -5.38 -24.55
N TYR C 1179 20.27 -6.63 -24.14
CA TYR C 1179 19.08 -7.46 -24.05
C TYR C 1179 18.00 -6.79 -23.24
N THR C 1180 18.34 -6.28 -22.06
CA THR C 1180 17.31 -5.64 -21.25
C THR C 1180 16.90 -4.29 -21.81
N ARG C 1181 17.82 -3.60 -22.47
CA ARG C 1181 17.43 -2.34 -23.08
C ARG C 1181 16.39 -2.56 -24.17
N GLN C 1182 16.70 -3.43 -25.14
CA GLN C 1182 15.76 -3.72 -26.21
C GLN C 1182 14.48 -4.31 -25.66
N ARG C 1183 14.57 -5.07 -24.58
CA ARG C 1183 13.33 -5.52 -23.95
C ARG C 1183 12.50 -4.35 -23.47
N ILE C 1184 13.14 -3.30 -22.95
CA ILE C 1184 12.34 -2.23 -22.39
C ILE C 1184 11.78 -1.32 -23.46
N CYS C 1185 12.60 -0.87 -24.41
CA CYS C 1185 12.02 -0.07 -25.48
C CYS C 1185 10.95 -0.85 -26.20
N LEU C 1186 11.18 -2.15 -26.39
CA LEU C 1186 10.18 -2.98 -27.01
C LEU C 1186 8.92 -3.04 -26.16
N THR C 1187 9.04 -3.01 -24.84
CA THR C 1187 7.81 -3.07 -24.06
C THR C 1187 7.11 -1.74 -24.07
N GLU C 1188 7.85 -0.67 -24.31
CA GLU C 1188 7.19 0.60 -24.56
C GLU C 1188 6.30 0.50 -25.77
N ARG C 1189 6.87 0.04 -26.89
CA ARG C 1189 6.09 -0.06 -28.10
C ARG C 1189 4.89 -0.98 -27.89
N ASP C 1190 5.04 -2.02 -27.08
CA ASP C 1190 3.89 -2.88 -26.82
C ASP C 1190 2.83 -2.19 -26.00
N ILE C 1191 3.22 -1.33 -25.05
CA ILE C 1191 2.18 -0.63 -24.32
C ILE C 1191 1.41 0.29 -25.24
N ASP C 1192 2.10 0.94 -26.17
CA ASP C 1192 1.36 1.80 -27.08
C ASP C 1192 0.47 0.99 -28.00
N SER C 1193 1.02 0.01 -28.71
CA SER C 1193 0.22 -0.68 -29.70
C SER C 1193 -0.82 -1.58 -29.07
N LEU C 1194 -0.75 -1.77 -27.75
CA LEU C 1194 -1.84 -2.48 -27.10
C LEU C 1194 -3.07 -1.60 -27.00
N PHE C 1195 -2.90 -0.28 -27.08
CA PHE C 1195 -4.01 0.64 -26.97
C PHE C 1195 -4.15 1.56 -28.17
N GLU C 1196 -3.74 1.15 -29.34
CA GLU C 1196 -3.87 2.04 -30.49
C GLU C 1196 -5.29 2.12 -31.00
N ASN C 1197 -6.26 1.61 -30.25
CA ASN C 1197 -7.64 1.70 -30.70
C ASN C 1197 -8.59 2.06 -29.58
N VAL C 1198 -8.10 2.43 -28.41
CA VAL C 1198 -8.98 2.89 -27.35
C VAL C 1198 -8.54 4.27 -26.92
N PHE C 1199 -7.25 4.44 -26.72
CA PHE C 1199 -6.66 5.74 -26.44
C PHE C 1199 -5.86 6.15 -27.67
N PRO C 1200 -6.53 6.60 -28.72
CA PRO C 1200 -5.83 6.92 -29.96
C PRO C 1200 -4.79 8.00 -29.72
N GLU C 1201 -3.90 8.16 -30.69
CA GLU C 1201 -2.96 9.27 -30.58
C GLU C 1201 -3.67 10.56 -30.94
N THR C 1202 -3.87 11.42 -29.94
CA THR C 1202 -4.55 12.66 -30.24
C THR C 1202 -3.67 13.87 -29.99
N GLN C 1203 -3.17 14.05 -28.79
CA GLN C 1203 -2.47 15.29 -28.47
C GLN C 1203 -1.07 15.24 -29.07
N LEU C 1204 -0.86 16.03 -30.11
CA LEU C 1204 0.49 16.24 -30.59
C LEU C 1204 1.28 16.99 -29.53
N THR C 1205 2.60 17.00 -29.66
CA THR C 1205 3.47 17.75 -28.78
C THR C 1205 4.36 18.65 -29.62
N LEU C 1206 4.81 19.75 -29.04
CA LEU C 1206 5.49 20.75 -29.84
C LEU C 1206 7.01 20.55 -29.84
N ILE C 1207 7.57 20.09 -28.73
CA ILE C 1207 8.98 19.78 -28.65
C ILE C 1207 9.13 18.27 -28.72
N VAL C 1208 9.65 17.79 -29.85
CA VAL C 1208 9.63 16.37 -30.13
C VAL C 1208 11.02 15.80 -29.90
N ASN C 1209 11.05 14.58 -29.38
CA ASN C 1209 12.27 13.82 -29.21
C ASN C 1209 13.27 14.54 -28.30
N PRO C 1210 13.02 14.60 -27.00
CA PRO C 1210 14.08 15.02 -26.07
C PRO C 1210 15.11 13.92 -25.82
N ASN C 1211 15.56 13.29 -26.90
CA ASN C 1211 16.54 12.21 -26.84
C ASN C 1211 16.04 11.01 -26.04
N ASP C 1212 14.91 10.45 -26.45
CA ASP C 1212 14.43 9.22 -25.85
C ASP C 1212 15.23 8.05 -26.36
N ILE C 1213 15.59 7.15 -25.45
CA ILE C 1213 16.45 6.03 -25.77
C ILE C 1213 15.77 5.08 -26.71
N CYS C 1214 14.43 5.02 -26.67
CA CYS C 1214 13.73 4.11 -27.56
C CYS C 1214 13.93 4.51 -29.01
N GLN C 1215 13.49 5.70 -29.37
CA GLN C 1215 13.60 6.15 -30.74
C GLN C 1215 15.04 6.28 -31.16
N ARG C 1216 15.85 6.97 -30.37
CA ARG C 1216 17.26 7.16 -30.73
C ARG C 1216 17.98 5.83 -30.80
N LEU C 1217 17.50 4.84 -30.08
CA LEU C 1217 18.00 3.48 -30.26
C LEU C 1217 17.62 2.95 -31.63
N VAL C 1218 16.35 3.09 -32.01
CA VAL C 1218 15.90 2.51 -33.27
C VAL C 1218 16.61 3.17 -34.44
N MET C 1219 16.95 4.44 -34.31
CA MET C 1219 17.64 5.13 -35.39
C MET C 1219 18.99 4.51 -35.70
N ALA C 1220 19.55 3.73 -34.77
CA ALA C 1220 20.78 3.00 -35.08
C ALA C 1220 20.58 2.06 -36.25
N ARG C 1221 19.41 1.47 -36.37
CA ARG C 1221 19.11 0.64 -37.51
C ARG C 1221 17.86 1.15 -38.22
N PRO D 14 21.60 40.21 -5.37
CA PRO D 14 21.29 41.14 -4.28
C PRO D 14 20.36 42.26 -4.73
N PHE D 15 19.08 41.95 -4.88
CA PHE D 15 18.09 42.89 -5.36
C PHE D 15 17.00 43.10 -4.33
N GLU D 16 16.13 44.06 -4.61
CA GLU D 16 14.88 44.23 -3.90
C GLU D 16 13.84 44.72 -4.89
N ILE D 17 12.58 44.34 -4.67
CA ILE D 17 11.50 44.65 -5.59
C ILE D 17 10.25 44.93 -4.78
N VAL D 18 9.43 45.86 -5.25
CA VAL D 18 8.24 46.28 -4.53
C VAL D 18 7.10 46.35 -5.52
N PHE D 19 6.10 45.48 -5.31
CA PHE D 19 4.95 45.38 -6.19
C PHE D 19 3.68 45.55 -5.37
N GLU D 20 2.73 46.32 -5.87
CA GLU D 20 1.50 46.55 -5.17
C GLU D 20 0.40 45.63 -5.68
N GLY D 21 -0.61 45.41 -4.87
CA GLY D 21 -1.69 44.52 -5.24
C GLY D 21 -1.20 43.09 -5.29
N ALA D 22 -0.70 42.59 -4.15
CA ALA D 22 -0.09 41.28 -4.09
C ALA D 22 -1.06 40.19 -4.51
N LYS D 23 -2.35 40.41 -4.28
CA LYS D 23 -3.33 39.37 -4.60
C LYS D 23 -3.37 39.12 -6.10
N GLU D 24 -3.29 40.18 -6.90
CA GLU D 24 -3.23 40.02 -8.35
C GLU D 24 -2.03 39.18 -8.77
N PHE D 25 -0.83 39.60 -8.34
CA PHE D 25 0.38 38.89 -8.69
C PHE D 25 0.32 37.44 -8.25
N ALA D 26 -0.23 37.19 -7.08
CA ALA D 26 -0.41 35.81 -6.64
C ALA D 26 -1.36 35.07 -7.56
N GLN D 27 -2.36 35.75 -8.08
CA GLN D 27 -3.29 35.12 -9.02
C GLN D 27 -2.56 34.67 -10.27
N LEU D 28 -1.79 35.57 -10.87
CA LEU D 28 -1.09 35.19 -12.09
C LEU D 28 -0.05 34.11 -11.83
N ILE D 29 0.65 34.19 -10.70
CA ILE D 29 1.61 33.16 -10.37
C ILE D 29 0.90 31.82 -10.19
N GLU D 30 -0.33 31.86 -9.68
CA GLU D 30 -1.14 30.66 -9.66
C GLU D 30 -1.38 30.15 -11.07
N THR D 31 -1.74 31.05 -11.98
CA THR D 31 -2.01 30.71 -13.36
C THR D 31 -0.84 29.94 -13.96
N ALA D 32 0.35 30.49 -13.80
CA ALA D 32 1.55 29.77 -14.22
C ALA D 32 1.70 28.47 -13.44
N SER D 33 1.22 28.46 -12.19
CA SER D 33 1.43 27.32 -11.32
C SER D 33 0.66 26.10 -11.78
N ARG D 34 -0.56 26.29 -12.29
CA ARG D 34 -1.40 25.13 -12.57
C ARG D 34 -0.90 24.27 -13.72
N LEU D 35 0.18 24.64 -14.38
CA LEU D 35 0.72 23.83 -15.45
C LEU D 35 2.08 23.24 -15.15
N ILE D 36 2.96 23.97 -14.49
CA ILE D 36 4.31 23.49 -14.17
C ILE D 36 4.48 23.49 -12.67
N ASP D 37 5.47 22.74 -12.20
CA ASP D 37 5.66 22.62 -10.77
C ASP D 37 6.87 23.40 -10.27
N GLU D 38 7.92 23.48 -11.08
CA GLU D 38 9.06 24.31 -10.78
C GLU D 38 9.33 25.22 -11.97
N ALA D 39 10.13 26.25 -11.73
CA ALA D 39 10.48 27.18 -12.78
C ALA D 39 11.48 28.18 -12.23
N ALA D 40 12.19 28.82 -13.15
CA ALA D 40 13.22 29.80 -12.83
C ALA D 40 12.77 31.15 -13.33
N PHE D 41 13.16 32.20 -12.60
CA PHE D 41 12.82 33.56 -12.95
C PHE D 41 14.06 34.30 -13.41
N LYS D 42 14.11 34.61 -14.69
CA LYS D 42 15.21 35.34 -15.29
C LYS D 42 14.99 36.81 -14.94
N VAL D 43 15.55 37.22 -13.81
CA VAL D 43 15.48 38.62 -13.39
C VAL D 43 16.60 39.38 -14.10
N THR D 44 16.22 40.41 -14.84
CA THR D 44 17.16 41.32 -15.45
C THR D 44 16.79 42.73 -15.05
N GLU D 45 17.72 43.65 -15.24
CA GLU D 45 17.46 45.04 -14.91
C GLU D 45 16.36 45.63 -15.78
N GLU D 46 16.09 45.03 -16.93
CA GLU D 46 14.90 45.35 -17.69
C GLU D 46 13.65 44.96 -16.93
N GLY D 47 13.59 43.71 -16.48
CA GLY D 47 12.43 43.24 -15.75
C GLY D 47 12.51 41.78 -15.37
N ILE D 48 11.43 41.27 -14.76
CA ILE D 48 11.35 39.87 -14.38
C ILE D 48 10.79 39.08 -15.54
N SER D 49 11.40 37.95 -15.84
CA SER D 49 10.98 37.13 -16.97
C SER D 49 10.77 35.70 -16.50
N MET D 50 9.84 35.03 -17.15
CA MET D 50 9.62 33.62 -16.94
C MET D 50 9.35 32.95 -18.27
N ARG D 51 9.75 31.70 -18.38
CA ARG D 51 9.53 30.95 -19.61
C ARG D 51 9.74 29.47 -19.28
N ALA D 52 8.74 28.64 -19.52
CA ALA D 52 8.89 27.23 -19.22
C ALA D 52 7.80 26.45 -19.94
N MET D 53 7.91 25.13 -19.86
CA MET D 53 6.99 24.26 -20.60
C MET D 53 6.49 23.19 -19.66
N ASP D 54 5.27 22.72 -19.91
CA ASP D 54 4.69 21.66 -19.12
C ASP D 54 5.55 20.39 -19.18
N PRO D 55 5.32 19.46 -18.26
CA PRO D 55 5.97 18.15 -18.39
C PRO D 55 5.59 17.45 -19.68
N SER D 56 4.33 17.56 -20.08
CA SER D 56 3.82 16.88 -21.25
C SER D 56 4.35 17.46 -22.55
N ARG D 57 5.02 18.60 -22.51
CA ARG D 57 5.50 19.24 -23.73
C ARG D 57 4.33 19.56 -24.65
N VAL D 58 3.28 20.13 -24.07
CA VAL D 58 2.04 20.39 -24.79
C VAL D 58 1.71 21.87 -24.71
N VAL D 59 2.20 22.54 -23.68
CA VAL D 59 1.92 23.96 -23.46
C VAL D 59 3.20 24.66 -23.08
N LEU D 60 3.32 25.91 -23.51
CA LEU D 60 4.46 26.76 -23.22
C LEU D 60 3.97 28.02 -22.53
N ILE D 61 4.41 28.25 -21.32
CA ILE D 61 4.08 29.44 -20.57
C ILE D 61 5.20 30.45 -20.73
N ASP D 62 4.83 31.64 -21.20
CA ASP D 62 5.76 32.74 -21.41
C ASP D 62 5.29 33.92 -20.59
N LEU D 63 6.01 34.19 -19.51
CA LEU D 63 5.75 35.32 -18.64
C LEU D 63 6.73 36.44 -18.96
N ASN D 64 6.21 37.65 -19.11
CA ASN D 64 7.02 38.83 -19.37
C ASN D 64 6.58 39.92 -18.42
N LEU D 65 7.53 40.41 -17.62
CA LEU D 65 7.25 41.44 -16.63
C LEU D 65 8.22 42.60 -16.82
N PRO D 66 7.78 43.68 -17.45
CA PRO D 66 8.62 44.88 -17.51
C PRO D 66 8.65 45.57 -16.17
N ALA D 67 9.84 46.08 -15.81
CA ALA D 67 10.08 46.67 -14.50
C ALA D 67 9.14 47.81 -14.17
N SER D 68 8.61 48.47 -15.21
CA SER D 68 7.72 49.61 -15.05
C SER D 68 6.51 49.30 -14.17
N ILE D 69 5.98 48.08 -14.25
CA ILE D 69 4.81 47.70 -13.46
C ILE D 69 5.04 47.81 -11.96
N PHE D 70 6.27 47.64 -11.50
CA PHE D 70 6.56 47.60 -10.07
C PHE D 70 6.61 49.01 -9.50
N SER D 71 6.02 49.17 -8.32
CA SER D 71 6.13 50.44 -7.62
C SER D 71 7.57 50.77 -7.27
N LYS D 72 8.40 49.77 -7.05
CA LYS D 72 9.84 49.95 -6.96
C LYS D 72 10.49 48.74 -7.61
N TYR D 73 11.59 48.96 -8.32
CA TYR D 73 12.28 47.89 -9.03
C TYR D 73 13.76 48.13 -8.83
N GLU D 74 14.41 47.28 -8.05
CA GLU D 74 15.83 47.44 -7.76
C GLU D 74 16.54 46.13 -8.06
N VAL D 75 17.16 46.05 -9.23
CA VAL D 75 18.00 44.93 -9.62
C VAL D 75 19.41 45.43 -9.81
N ASP D 76 20.37 44.68 -9.29
CA ASP D 76 21.79 44.99 -9.46
C ASP D 76 22.41 43.85 -10.24
N GLY D 77 22.37 43.95 -11.56
CA GLY D 77 22.86 42.89 -12.41
C GLY D 77 21.72 42.09 -12.98
N GLU D 78 21.93 40.78 -13.18
CA GLU D 78 20.91 39.91 -13.73
C GLU D 78 21.19 38.51 -13.21
N GLU D 79 20.16 37.83 -12.72
CA GLU D 79 20.32 36.51 -12.16
C GLU D 79 19.04 35.71 -12.34
N THR D 80 19.18 34.40 -12.20
CA THR D 80 18.06 33.49 -12.37
C THR D 80 17.71 32.92 -11.00
N ILE D 81 16.44 33.05 -10.64
CA ILE D 81 15.94 32.49 -9.40
C ILE D 81 15.40 31.09 -9.67
N GLY D 82 15.59 30.18 -8.73
CA GLY D 82 15.00 28.88 -8.85
C GLY D 82 14.13 28.58 -7.65
N VAL D 83 12.82 28.46 -7.87
CA VAL D 83 11.87 28.39 -6.78
C VAL D 83 10.87 27.27 -7.02
N ASN D 84 10.38 26.71 -5.93
CA ASN D 84 9.30 25.75 -5.97
C ASN D 84 8.00 26.51 -6.21
N MET D 85 7.42 26.33 -7.40
CA MET D 85 6.19 27.04 -7.72
C MET D 85 5.07 26.70 -6.75
N ASP D 86 5.10 25.50 -6.18
CA ASP D 86 4.09 25.13 -5.21
C ASP D 86 4.25 25.93 -3.92
N HIS D 87 5.46 25.94 -3.36
CA HIS D 87 5.68 26.68 -2.12
C HIS D 87 5.42 28.16 -2.32
N LEU D 88 5.96 28.74 -3.39
CA LEU D 88 5.67 30.13 -3.70
C LEU D 88 4.18 30.35 -3.89
N LYS D 89 3.47 29.36 -4.40
CA LYS D 89 2.05 29.54 -4.64
C LYS D 89 1.29 29.61 -3.33
N LYS D 90 1.61 28.71 -2.40
CA LYS D 90 1.00 28.80 -1.07
C LYS D 90 1.36 30.10 -0.39
N VAL D 91 2.60 30.55 -0.55
CA VAL D 91 3.03 31.78 0.12
C VAL D 91 2.29 32.98 -0.42
N LEU D 92 2.47 33.26 -1.71
CA LEU D 92 1.79 34.40 -2.34
C LEU D 92 0.30 34.34 -2.14
N LYS D 93 -0.28 33.13 -2.15
CA LYS D 93 -1.70 32.96 -1.90
C LYS D 93 -2.10 33.47 -0.53
N ARG D 94 -1.16 33.61 0.39
CA ARG D 94 -1.48 34.08 1.72
C ARG D 94 -1.58 35.60 1.78
N GLY D 95 -1.18 36.28 0.71
CA GLY D 95 -1.36 37.72 0.62
C GLY D 95 -2.83 38.01 0.35
N LYS D 96 -3.21 39.28 0.48
CA LYS D 96 -4.59 39.68 0.27
C LYS D 96 -4.65 40.87 -0.68
N ALA D 97 -5.85 41.44 -0.75
CA ALA D 97 -6.31 42.38 -1.78
C ALA D 97 -5.28 43.47 -2.01
N LYS D 98 -4.87 44.21 -0.99
CA LYS D 98 -4.11 45.43 -1.22
C LYS D 98 -2.78 45.46 -0.48
N GLU D 99 -2.49 44.43 0.31
CA GLU D 99 -1.23 44.42 1.06
C GLU D 99 -0.04 44.39 0.10
N THR D 100 1.03 45.05 0.48
CA THR D 100 2.14 45.28 -0.43
C THR D 100 3.11 44.10 -0.44
N LEU D 101 3.59 43.76 -1.62
CA LEU D 101 4.52 42.66 -1.84
C LEU D 101 5.92 43.20 -2.03
N ILE D 102 6.89 42.52 -1.43
CA ILE D 102 8.30 42.87 -1.56
C ILE D 102 9.11 41.59 -1.75
N LEU D 103 10.12 41.67 -2.61
CA LEU D 103 10.96 40.52 -2.92
C LEU D 103 12.42 40.91 -2.77
N ARG D 104 13.10 40.32 -1.80
CA ARG D 104 14.45 40.74 -1.46
C ARG D 104 15.37 39.55 -1.56
N LYS D 105 16.60 39.80 -1.98
CA LYS D 105 17.59 38.73 -2.05
C LYS D 105 18.98 39.31 -1.88
N GLY D 106 19.71 38.79 -0.92
CA GLY D 106 21.07 39.25 -0.69
C GLY D 106 22.08 38.18 -1.03
N GLU D 107 23.07 38.01 -0.14
CA GLU D 107 24.14 37.05 -0.40
C GLU D 107 23.61 35.62 -0.33
N GLU D 108 22.93 35.27 0.76
CA GLU D 108 22.55 33.90 1.04
C GLU D 108 21.60 33.37 -0.04
N ASN D 109 21.39 32.05 0.00
CA ASN D 109 20.60 31.38 -1.03
C ASN D 109 19.15 31.28 -0.57
N PHE D 110 18.58 32.44 -0.27
CA PHE D 110 17.18 32.51 0.15
C PHE D 110 16.52 33.68 -0.56
N LEU D 111 15.21 33.55 -0.75
CA LEU D 111 14.38 34.65 -1.22
C LEU D 111 13.48 35.10 -0.08
N GLU D 112 13.47 36.40 0.18
CA GLU D 112 12.70 36.96 1.27
C GLU D 112 11.47 37.67 0.71
N ILE D 113 10.29 37.17 1.07
CA ILE D 113 9.03 37.75 0.64
C ILE D 113 8.45 38.53 1.80
N SER D 114 8.20 39.81 1.58
CA SER D 114 7.69 40.68 2.63
C SER D 114 6.30 41.15 2.27
N LEU D 115 5.31 40.67 2.99
CA LEU D 115 3.93 41.10 2.85
C LEU D 115 3.64 42.13 3.92
N GLN D 116 3.54 43.39 3.53
CA GLN D 116 3.28 44.46 4.48
C GLN D 116 2.00 45.18 4.10
N GLY D 117 0.94 44.90 4.84
CA GLY D 117 -0.28 45.69 4.74
C GLY D 117 -0.56 46.39 6.04
N THR D 118 -1.49 45.84 6.83
CA THR D 118 -1.65 46.29 8.20
C THR D 118 -0.39 46.05 9.01
N ALA D 119 0.37 45.01 8.68
CA ALA D 119 1.61 44.71 9.37
C ALA D 119 2.58 44.15 8.35
N THR D 120 3.81 43.93 8.81
CA THR D 120 4.83 43.31 7.99
C THR D 120 4.97 41.84 8.36
N ARG D 121 5.11 41.00 7.35
CA ARG D 121 5.32 39.57 7.53
C ARG D 121 6.40 39.13 6.57
N THR D 122 7.36 38.37 7.09
CA THR D 122 8.53 38.01 6.31
C THR D 122 8.60 36.50 6.16
N PHE D 123 8.77 36.04 4.94
CA PHE D 123 8.94 34.64 4.62
C PHE D 123 10.27 34.46 3.93
N LYS D 124 10.85 33.27 4.05
CA LYS D 124 12.06 32.95 3.34
C LYS D 124 11.92 31.61 2.63
N LEU D 125 12.38 31.57 1.39
CA LEU D 125 12.23 30.44 0.51
C LEU D 125 13.59 30.00 0.02
N PRO D 126 14.03 28.79 0.32
CA PRO D 126 15.30 28.32 -0.21
C PRO D 126 15.21 28.16 -1.71
N LEU D 127 16.10 28.84 -2.42
CA LEU D 127 16.07 28.74 -3.87
C LEU D 127 16.55 27.37 -4.30
N ILE D 128 16.02 26.91 -5.42
CA ILE D 128 16.26 25.56 -5.90
C ILE D 128 16.86 25.66 -7.30
N ASP D 129 17.83 24.82 -7.59
CA ASP D 129 18.39 24.80 -8.93
C ASP D 129 17.39 24.21 -9.90
N VAL D 130 17.29 24.84 -11.07
CA VAL D 130 16.37 24.44 -12.12
C VAL D 130 17.18 24.17 -13.37
N GLU D 131 17.17 22.92 -13.83
CA GLU D 131 17.79 22.63 -15.12
C GLU D 131 16.98 23.29 -16.22
N GLU D 132 17.57 24.32 -16.82
CA GLU D 132 16.89 25.13 -17.82
C GLU D 132 16.94 24.45 -19.18
N ILE D 133 15.77 24.25 -19.78
CA ILE D 133 15.65 23.80 -21.16
C ILE D 133 15.00 24.93 -21.94
N GLU D 134 15.82 25.78 -22.53
CA GLU D 134 15.35 26.97 -23.23
C GLU D 134 14.90 26.59 -24.63
N VAL D 135 13.63 26.84 -24.94
CA VAL D 135 13.11 26.72 -26.28
C VAL D 135 12.33 27.99 -26.58
N ASP D 136 12.95 28.92 -27.30
CA ASP D 136 12.31 30.16 -27.69
C ASP D 136 11.66 29.95 -29.04
N LEU D 137 10.38 30.31 -29.14
CA LEU D 137 9.59 30.06 -30.32
C LEU D 137 8.96 31.36 -30.75
N PRO D 138 9.58 32.07 -31.67
CA PRO D 138 9.05 33.36 -32.10
C PRO D 138 7.80 33.22 -32.95
N GLU D 139 7.38 34.33 -33.55
CA GLU D 139 6.18 34.35 -34.38
C GLU D 139 6.18 33.24 -35.41
N LEU D 140 5.01 32.67 -35.66
CA LEU D 140 4.85 31.49 -36.48
C LEU D 140 3.64 31.72 -37.38
N PRO D 141 3.40 30.85 -38.36
CA PRO D 141 2.33 31.14 -39.33
C PRO D 141 0.97 30.98 -38.69
N PHE D 142 0.35 32.10 -38.33
CA PHE D 142 -0.91 32.07 -37.62
C PHE D 142 -2.00 32.63 -38.51
N THR D 143 -2.83 31.73 -39.03
CA THR D 143 -3.82 32.11 -40.03
C THR D 143 -4.81 33.12 -39.50
N ALA D 144 -5.40 32.83 -38.35
CA ALA D 144 -6.41 33.71 -37.78
C ALA D 144 -5.92 34.23 -36.44
N LYS D 145 -6.50 35.37 -36.06
CA LYS D 145 -6.08 36.10 -34.86
C LYS D 145 -7.29 36.87 -34.35
N VAL D 146 -7.69 36.58 -33.11
CA VAL D 146 -8.94 37.08 -32.57
C VAL D 146 -8.71 37.60 -31.16
N VAL D 147 -9.39 38.68 -30.81
CA VAL D 147 -9.44 39.19 -29.44
C VAL D 147 -10.85 38.96 -28.93
N ILE D 148 -10.97 38.65 -27.63
CA ILE D 148 -12.27 38.29 -27.07
C ILE D 148 -12.23 38.54 -25.58
N LEU D 149 -13.39 38.88 -25.02
CA LEU D 149 -13.50 39.07 -23.59
C LEU D 149 -13.18 37.79 -22.85
N GLY D 150 -12.77 37.92 -21.59
CA GLY D 150 -12.33 36.75 -20.84
C GLY D 150 -13.46 35.79 -20.56
N ASP D 151 -14.54 36.29 -19.96
CA ASP D 151 -15.60 35.40 -19.50
C ASP D 151 -16.26 34.68 -20.67
N VAL D 152 -16.15 35.23 -21.87
CA VAL D 152 -16.66 34.54 -23.05
C VAL D 152 -15.97 33.19 -23.20
N ILE D 153 -14.65 33.22 -23.30
CA ILE D 153 -13.91 31.98 -23.47
C ILE D 153 -14.01 31.11 -22.23
N LYS D 154 -14.06 31.73 -21.05
CA LYS D 154 -14.11 30.93 -19.84
C LYS D 154 -15.41 30.13 -19.78
N GLU D 155 -16.53 30.80 -20.00
CA GLU D 155 -17.82 30.14 -20.14
C GLU D 155 -17.76 29.06 -21.21
N ALA D 156 -17.17 29.38 -22.36
CA ALA D 156 -17.14 28.44 -23.46
C ALA D 156 -16.43 27.16 -23.09
N VAL D 157 -15.21 27.28 -22.56
CA VAL D 157 -14.45 26.10 -22.14
C VAL D 157 -15.23 25.32 -21.11
N LYS D 158 -15.84 26.01 -20.15
CA LYS D 158 -16.59 25.30 -19.14
C LYS D 158 -17.76 24.55 -19.76
N ASP D 159 -18.28 25.07 -20.88
CA ASP D 159 -19.35 24.38 -21.57
C ASP D 159 -18.84 23.14 -22.27
N ALA D 160 -17.73 23.26 -22.98
CA ALA D 160 -17.17 22.11 -23.66
C ALA D 160 -16.73 21.04 -22.67
N SER D 161 -16.51 21.41 -21.41
CA SER D 161 -16.21 20.41 -20.40
C SER D 161 -17.36 19.42 -20.23
N LEU D 162 -18.58 19.82 -20.56
CA LEU D 162 -19.71 18.92 -20.38
C LEU D 162 -19.63 17.73 -21.33
N VAL D 163 -19.42 17.99 -22.62
CA VAL D 163 -19.66 16.98 -23.63
C VAL D 163 -18.40 16.25 -24.08
N SER D 164 -17.22 16.82 -23.93
CA SER D 164 -16.03 16.17 -24.46
C SER D 164 -14.80 16.64 -23.71
N ASP D 165 -13.65 16.15 -24.18
CA ASP D 165 -12.35 16.50 -23.63
C ASP D 165 -11.47 17.22 -24.64
N SER D 166 -11.97 17.44 -25.85
CA SER D 166 -11.19 18.12 -26.87
C SER D 166 -12.08 19.17 -27.53
N MET D 167 -11.71 20.43 -27.34
CA MET D 167 -12.50 21.54 -27.84
C MET D 167 -11.97 21.98 -29.20
N LYS D 168 -12.88 22.09 -30.15
CA LYS D 168 -12.53 22.43 -31.52
C LYS D 168 -12.85 23.89 -31.79
N PHE D 169 -11.92 24.56 -32.45
CA PHE D 169 -12.04 25.98 -32.78
C PHE D 169 -12.14 26.14 -34.28
N ILE D 170 -13.01 27.04 -34.71
CA ILE D 170 -13.28 27.28 -36.11
C ILE D 170 -13.34 28.78 -36.32
N ALA D 171 -12.46 29.30 -37.17
CA ALA D 171 -12.37 30.72 -37.44
C ALA D 171 -12.69 30.92 -38.92
N LYS D 172 -13.80 31.59 -39.19
CA LYS D 172 -14.20 31.94 -40.53
C LYS D 172 -14.26 33.46 -40.66
N GLU D 173 -14.50 33.91 -41.88
CA GLU D 173 -14.45 35.32 -42.22
C GLU D 173 -15.45 36.10 -41.39
N ASN D 174 -14.94 36.96 -40.51
CA ASN D 174 -15.70 37.85 -39.64
C ASN D 174 -16.53 37.06 -38.65
N GLU D 175 -16.22 35.79 -38.41
CA GLU D 175 -17.01 34.97 -37.51
C GLU D 175 -16.10 34.00 -36.79
N PHE D 176 -16.27 33.91 -35.47
CA PHE D 176 -15.51 33.00 -34.64
C PHE D 176 -16.49 32.05 -33.99
N THR D 177 -16.26 30.75 -34.14
CA THR D 177 -17.15 29.75 -33.60
C THR D 177 -16.34 28.67 -32.92
N MET D 178 -16.84 28.22 -31.78
CA MET D 178 -16.24 27.15 -31.01
C MET D 178 -17.23 26.00 -30.96
N ARG D 179 -16.74 24.80 -30.70
CA ARG D 179 -17.60 23.63 -30.75
C ARG D 179 -16.94 22.47 -30.01
N ALA D 180 -17.74 21.45 -29.77
CA ALA D 180 -17.24 20.21 -29.23
C ALA D 180 -18.37 19.20 -29.27
N GLU D 181 -18.01 17.95 -29.49
CA GLU D 181 -19.01 16.91 -29.61
C GLU D 181 -18.49 15.66 -28.94
N GLY D 182 -19.40 14.96 -28.26
CA GLY D 182 -19.04 13.76 -27.56
C GLY D 182 -19.80 12.60 -28.15
N GLU D 183 -20.19 11.65 -27.31
CA GLU D 183 -20.99 10.53 -27.77
C GLU D 183 -22.30 11.03 -28.38
N THR D 184 -23.13 11.65 -27.55
CA THR D 184 -24.44 12.10 -28.02
C THR D 184 -24.50 13.62 -28.13
N GLN D 185 -24.17 14.32 -27.05
CA GLN D 185 -24.47 15.74 -26.93
C GLN D 185 -23.60 16.54 -27.88
N GLU D 186 -24.02 17.79 -28.10
CA GLU D 186 -23.31 18.67 -29.01
C GLU D 186 -23.30 20.07 -28.42
N VAL D 187 -22.14 20.72 -28.52
CA VAL D 187 -21.96 22.04 -27.94
C VAL D 187 -21.40 22.97 -29.00
N GLU D 188 -22.05 24.12 -29.13
CA GLU D 188 -21.62 25.08 -30.13
C GLU D 188 -21.72 26.48 -29.54
N VAL D 189 -20.74 27.32 -29.86
CA VAL D 189 -20.69 28.70 -29.39
C VAL D 189 -20.22 29.53 -30.57
N LYS D 190 -21.15 30.23 -31.21
CA LYS D 190 -20.77 31.13 -32.28
C LYS D 190 -20.83 32.58 -31.80
N LEU D 191 -20.02 33.42 -32.44
CA LEU D 191 -20.09 34.86 -32.19
C LEU D 191 -19.22 35.56 -33.22
N THR D 192 -19.60 36.77 -33.58
CA THR D 192 -18.89 37.53 -34.60
C THR D 192 -18.60 38.93 -34.08
N LEU D 193 -18.05 39.77 -34.97
CA LEU D 193 -17.78 41.16 -34.61
C LEU D 193 -19.05 41.88 -34.19
N GLU D 194 -20.17 41.56 -34.84
CA GLU D 194 -21.44 42.14 -34.45
C GLU D 194 -21.76 41.88 -32.99
N ASP D 195 -21.44 40.69 -32.51
CA ASP D 195 -21.71 40.36 -31.13
C ASP D 195 -20.83 41.18 -30.20
N GLU D 196 -21.28 41.33 -28.96
CA GLU D 196 -20.59 42.21 -28.03
C GLU D 196 -19.24 41.64 -27.59
N GLY D 197 -19.21 40.36 -27.21
CA GLY D 197 -18.02 39.81 -26.62
C GLY D 197 -16.84 39.66 -27.55
N LEU D 198 -17.07 39.75 -28.86
CA LEU D 198 -16.02 39.55 -29.85
C LEU D 198 -15.48 40.93 -30.22
N LEU D 199 -14.42 41.33 -29.54
CA LEU D 199 -13.86 42.66 -29.75
C LEU D 199 -13.27 42.80 -31.14
N ASP D 200 -12.55 41.79 -31.61
CA ASP D 200 -11.88 41.84 -32.89
C ASP D 200 -11.81 40.47 -33.52
N ILE D 201 -11.74 40.46 -34.84
CA ILE D 201 -11.40 39.27 -35.61
C ILE D 201 -10.50 39.68 -36.76
N GLU D 202 -9.44 38.92 -36.98
CA GLU D 202 -8.54 39.13 -38.10
C GLU D 202 -8.47 37.84 -38.90
N VAL D 203 -9.37 37.72 -39.85
CA VAL D 203 -9.51 36.51 -40.66
C VAL D 203 -8.62 36.63 -41.89
N GLN D 204 -7.60 35.79 -41.96
CA GLN D 204 -6.86 35.61 -43.20
C GLN D 204 -7.51 34.57 -44.10
N GLU D 205 -8.00 33.48 -43.51
CA GLU D 205 -8.75 32.46 -44.23
C GLU D 205 -9.30 31.47 -43.22
N GLU D 206 -9.86 30.37 -43.72
CA GLU D 206 -10.43 29.34 -42.86
C GLU D 206 -9.41 28.70 -41.93
N THR D 207 -9.67 28.75 -40.62
CA THR D 207 -8.79 28.08 -39.67
C THR D 207 -9.63 27.14 -38.83
N LYS D 208 -9.04 26.01 -38.44
CA LYS D 208 -9.71 25.01 -37.62
C LYS D 208 -8.65 24.28 -36.82
N SER D 209 -8.96 23.98 -35.56
CA SER D 209 -8.05 23.20 -34.74
C SER D 209 -8.83 22.51 -33.64
N ALA D 210 -8.10 21.76 -32.83
CA ALA D 210 -8.65 21.11 -31.66
C ALA D 210 -7.60 21.15 -30.57
N TYR D 211 -8.05 21.23 -29.33
CA TYR D 211 -7.15 21.40 -28.22
C TYR D 211 -7.68 20.66 -27.00
N GLY D 212 -6.78 20.33 -26.09
CA GLY D 212 -7.14 19.60 -24.89
C GLY D 212 -7.95 20.50 -23.97
N ILE D 213 -9.19 20.12 -23.73
CA ILE D 213 -10.06 20.95 -22.91
C ILE D 213 -9.50 21.09 -21.51
N SER D 214 -8.78 20.07 -21.03
CA SER D 214 -8.14 20.17 -19.73
C SER D 214 -7.15 21.33 -19.71
N TYR D 215 -6.24 21.34 -20.68
CA TYR D 215 -5.23 22.39 -20.74
C TYR D 215 -5.87 23.76 -20.85
N LEU D 216 -6.91 23.89 -21.66
CA LEU D 216 -7.60 25.16 -21.75
C LEU D 216 -8.18 25.56 -20.42
N SER D 217 -8.74 24.60 -19.68
CA SER D 217 -9.28 24.91 -18.37
C SER D 217 -8.18 25.41 -17.44
N ASP D 218 -7.00 24.80 -17.50
CA ASP D 218 -5.89 25.34 -16.75
C ASP D 218 -5.55 26.75 -17.21
N MET D 219 -5.78 27.04 -18.48
CA MET D 219 -5.40 28.33 -19.01
C MET D 219 -6.33 29.43 -18.51
N VAL D 220 -7.62 29.31 -18.82
CA VAL D 220 -8.51 30.46 -18.70
C VAL D 220 -9.01 30.70 -17.29
N LYS D 221 -8.79 29.78 -16.36
CA LYS D 221 -9.16 30.05 -14.99
C LYS D 221 -8.38 31.25 -14.48
N GLY D 222 -9.07 32.10 -13.74
CA GLY D 222 -8.48 33.38 -13.42
C GLY D 222 -8.69 34.40 -14.52
N LEU D 223 -9.95 34.64 -14.89
CA LEU D 223 -10.30 35.63 -15.88
C LEU D 223 -11.67 36.21 -15.55
N GLY D 224 -11.69 37.52 -15.34
CA GLY D 224 -12.94 38.23 -15.12
C GLY D 224 -13.49 38.68 -16.45
N LYS D 225 -14.70 39.25 -16.39
CA LYS D 225 -15.31 39.76 -17.61
C LYS D 225 -14.46 40.86 -18.23
N ALA D 226 -13.78 41.64 -17.39
CA ALA D 226 -12.91 42.71 -17.86
C ALA D 226 -11.52 42.14 -18.10
N ASP D 227 -11.45 41.20 -19.05
CA ASP D 227 -10.20 40.57 -19.43
C ASP D 227 -10.22 40.35 -20.93
N GLU D 228 -9.32 40.99 -21.65
CA GLU D 228 -9.21 40.82 -23.09
C GLU D 228 -8.13 39.79 -23.40
N VAL D 229 -8.41 38.91 -24.36
CA VAL D 229 -7.54 37.79 -24.67
C VAL D 229 -7.28 37.75 -26.16
N THR D 230 -6.03 37.46 -26.52
CA THR D 230 -5.60 37.34 -27.89
C THR D 230 -5.38 35.87 -28.22
N ILE D 231 -5.69 35.49 -29.45
CA ILE D 231 -5.64 34.09 -29.88
C ILE D 231 -5.16 34.07 -31.32
N LYS D 232 -3.95 33.58 -31.55
CA LYS D 232 -3.43 33.41 -32.90
C LYS D 232 -3.27 31.92 -33.17
N PHE D 233 -3.60 31.48 -34.38
CA PHE D 233 -3.50 30.05 -34.67
C PHE D 233 -3.82 29.78 -36.12
N GLY D 234 -3.43 28.59 -36.58
CA GLY D 234 -3.68 28.16 -37.93
C GLY D 234 -4.21 26.74 -37.98
N ASN D 235 -4.52 26.31 -39.19
CA ASN D 235 -5.13 25.01 -39.42
C ASN D 235 -4.23 23.91 -38.90
N GLU D 236 -4.70 23.21 -37.87
CA GLU D 236 -3.99 22.10 -37.25
C GLU D 236 -2.58 22.51 -36.84
N MET D 237 -2.51 23.42 -35.87
CA MET D 237 -1.25 23.90 -35.35
C MET D 237 -1.53 24.57 -34.01
N PRO D 238 -0.49 24.81 -33.21
CA PRO D 238 -0.71 25.27 -31.84
C PRO D 238 -1.34 26.66 -31.81
N MET D 239 -2.21 26.85 -30.83
CA MET D 239 -2.70 28.16 -30.46
C MET D 239 -1.64 28.93 -29.68
N GLN D 240 -1.66 30.25 -29.82
CA GLN D 240 -0.95 31.13 -28.92
C GLN D 240 -1.97 32.09 -28.31
N MET D 241 -2.13 32.02 -27.00
CA MET D 241 -3.02 32.90 -26.27
C MET D 241 -2.19 33.96 -25.56
N GLU D 242 -2.78 35.11 -25.35
CA GLU D 242 -2.07 36.19 -24.70
C GLU D 242 -3.05 37.04 -23.93
N TYR D 243 -2.60 37.65 -22.85
CA TYR D 243 -3.39 38.70 -22.22
C TYR D 243 -2.49 39.52 -21.32
N TYR D 244 -2.78 40.81 -21.24
CA TYR D 244 -1.91 41.77 -20.60
C TYR D 244 -2.17 41.80 -19.10
N ILE D 245 -1.20 42.31 -18.36
CA ILE D 245 -1.25 42.36 -16.91
C ILE D 245 -0.83 43.75 -16.48
N ARG D 246 -1.79 44.56 -16.06
CA ARG D 246 -1.54 45.97 -15.78
C ARG D 246 -1.06 46.71 -17.01
N ASP D 247 -1.41 46.16 -18.18
CA ASP D 247 -1.26 46.86 -19.46
C ASP D 247 0.19 46.92 -19.95
N GLU D 248 1.11 46.40 -19.13
CA GLU D 248 2.50 46.39 -19.55
C GLU D 248 3.04 44.98 -19.76
N GLY D 249 2.98 44.14 -18.75
CA GLY D 249 3.53 42.80 -18.85
C GLY D 249 2.42 41.79 -19.01
N ARG D 250 2.45 41.08 -20.13
CA ARG D 250 1.40 40.16 -20.50
C ARG D 250 1.93 38.75 -20.52
N LEU D 251 1.02 37.79 -20.39
CA LEU D 251 1.37 36.38 -20.37
C LEU D 251 0.88 35.74 -21.65
N ILE D 252 1.61 34.73 -22.12
CA ILE D 252 1.34 34.10 -23.41
C ILE D 252 1.52 32.60 -23.28
N PHE D 253 0.48 31.84 -23.61
CA PHE D 253 0.51 30.39 -23.58
C PHE D 253 0.60 29.90 -25.01
N LEU D 254 1.18 28.71 -25.20
CA LEU D 254 1.33 28.11 -26.52
C LEU D 254 0.91 26.65 -26.42
N LEU D 255 -0.24 26.33 -26.99
CA LEU D 255 -0.86 25.03 -26.81
C LEU D 255 -0.81 24.24 -28.12
N ALA D 256 -0.19 23.07 -28.09
CA ALA D 256 -0.17 22.21 -29.26
C ALA D 256 -1.55 21.60 -29.50
N PRO D 257 -1.98 21.54 -30.75
CA PRO D 257 -3.28 20.92 -31.05
C PRO D 257 -3.24 19.41 -30.91
N ARG D 258 -4.35 18.76 -31.27
CA ARG D 258 -4.43 17.31 -31.25
C ARG D 258 -4.63 16.75 -32.66
N VAL D 259 -4.52 15.43 -32.75
CA VAL D 259 -4.74 14.71 -33.99
C VAL D 259 -3.72 15.17 -35.03
N PRO E 14 -34.46 24.92 38.23
CA PRO E 14 -35.65 25.51 37.61
C PRO E 14 -35.45 26.98 37.27
N PHE E 15 -34.71 27.26 36.20
CA PHE E 15 -34.38 28.61 35.79
C PHE E 15 -34.91 28.88 34.39
N GLU E 16 -34.79 30.13 33.99
CA GLU E 16 -34.98 30.54 32.61
C GLU E 16 -34.02 31.68 32.32
N ILE E 17 -33.56 31.75 31.07
CA ILE E 17 -32.55 32.73 30.66
C ILE E 17 -32.88 33.20 29.26
N VAL E 18 -32.61 34.47 28.99
CA VAL E 18 -32.94 35.07 27.71
C VAL E 18 -31.75 35.88 27.23
N PHE E 19 -31.16 35.44 26.13
CA PHE E 19 -29.97 36.06 25.56
C PHE E 19 -30.26 36.43 24.11
N GLU E 20 -29.84 37.63 23.73
CA GLU E 20 -30.06 38.08 22.36
C GLU E 20 -28.83 37.86 21.51
N GLY E 21 -29.03 37.81 20.20
CA GLY E 21 -27.91 37.55 19.30
C GLY E 21 -27.41 36.14 19.45
N ALA E 22 -28.31 35.18 19.22
CA ALA E 22 -27.98 33.77 19.45
C ALA E 22 -26.79 33.32 18.61
N LYS E 23 -26.60 33.94 17.45
CA LYS E 23 -25.51 33.51 16.58
C LYS E 23 -24.16 33.76 17.23
N GLU E 24 -24.02 34.91 17.91
CA GLU E 24 -22.79 35.19 18.65
C GLU E 24 -22.52 34.13 19.70
N PHE E 25 -23.50 33.90 20.58
CA PHE E 25 -23.34 32.93 21.64
C PHE E 25 -23.01 31.56 21.08
N ALA E 26 -23.65 31.18 19.99
CA ALA E 26 -23.33 29.93 19.35
C ALA E 26 -21.89 29.92 18.86
N GLN E 27 -21.40 31.07 18.40
CA GLN E 27 -20.02 31.16 17.95
C GLN E 27 -19.06 30.87 19.10
N LEU E 28 -19.26 31.55 20.23
CA LEU E 28 -18.35 31.33 21.34
C LEU E 28 -18.47 29.91 21.88
N ILE E 29 -19.69 29.36 21.93
CA ILE E 29 -19.84 27.98 22.38
C ILE E 29 -19.13 27.05 21.43
N GLU E 30 -19.10 27.39 20.15
CA GLU E 30 -18.27 26.65 19.21
C GLU E 30 -16.81 26.73 19.60
N THR E 31 -16.35 27.94 19.92
CA THR E 31 -14.97 28.18 20.31
C THR E 31 -14.58 27.24 21.43
N ALA E 32 -15.40 27.21 22.48
CA ALA E 32 -15.16 26.25 23.56
C ALA E 32 -15.27 24.82 23.04
N SER E 33 -16.09 24.62 22.02
CA SER E 33 -16.36 23.27 21.54
C SER E 33 -15.16 22.64 20.88
N ARG E 34 -14.39 23.43 20.14
CA ARG E 34 -13.33 22.82 19.33
C ARG E 34 -12.19 22.25 20.14
N LEU E 35 -12.23 22.36 21.46
CA LEU E 35 -11.18 21.78 22.29
C LEU E 35 -11.66 20.66 23.18
N ILE E 36 -12.86 20.75 23.75
CA ILE E 36 -13.38 19.72 24.62
C ILE E 36 -14.67 19.19 24.04
N ASP E 37 -15.08 18.01 24.49
CA ASP E 37 -16.26 17.39 23.93
C ASP E 37 -17.45 17.45 24.86
N GLU E 38 -17.22 17.36 26.15
CA GLU E 38 -18.27 17.57 27.14
C GLU E 38 -17.81 18.61 28.14
N ALA E 39 -18.77 19.13 28.90
CA ALA E 39 -18.46 20.14 29.90
C ALA E 39 -19.72 20.45 30.67
N ALA E 40 -19.52 21.02 31.86
CA ALA E 40 -20.61 21.37 32.76
C ALA E 40 -20.65 22.88 32.89
N PHE E 41 -21.85 23.42 33.08
CA PHE E 41 -22.06 24.84 33.23
C PHE E 41 -22.47 25.15 34.65
N LYS E 42 -21.59 25.80 35.39
CA LYS E 42 -21.84 26.20 36.76
C LYS E 42 -22.71 27.45 36.69
N VAL E 43 -24.02 27.25 36.69
CA VAL E 43 -24.95 28.35 36.70
C VAL E 43 -25.14 28.81 38.14
N THR E 44 -24.86 30.09 38.39
CA THR E 44 -25.12 30.70 39.67
C THR E 44 -25.96 31.95 39.42
N GLU E 45 -26.55 32.46 40.51
CA GLU E 45 -27.35 33.66 40.39
C GLU E 45 -26.50 34.86 40.01
N GLU E 46 -25.20 34.80 40.23
CA GLU E 46 -24.28 35.78 39.66
C GLU E 46 -24.26 35.67 38.15
N GLY E 47 -24.06 34.46 37.63
CA GLY E 47 -24.00 34.27 36.20
C GLY E 47 -23.68 32.86 35.78
N ILE E 48 -23.54 32.63 34.47
CA ILE E 48 -23.20 31.33 33.93
C ILE E 48 -21.69 31.22 33.88
N SER E 49 -21.17 30.10 34.32
CA SER E 49 -19.73 29.90 34.36
C SER E 49 -19.38 28.59 33.67
N MET E 50 -18.21 28.56 33.07
CA MET E 50 -17.66 27.34 32.50
C MET E 50 -16.18 27.28 32.80
N ARG E 51 -15.67 26.07 32.95
CA ARG E 51 -14.25 25.88 33.20
C ARG E 51 -13.94 24.42 32.94
N ALA E 52 -13.00 24.16 32.03
CA ALA E 52 -12.66 22.77 31.74
C ALA E 52 -11.32 22.74 31.02
N MET E 53 -10.83 21.52 30.81
CA MET E 53 -9.50 21.34 30.22
C MET E 53 -9.59 20.30 29.12
N ASP E 54 -8.73 20.45 28.13
CA ASP E 54 -8.67 19.50 27.04
C ASP E 54 -8.38 18.09 27.54
N PRO E 55 -8.61 17.08 26.71
CA PRO E 55 -8.17 15.73 27.06
C PRO E 55 -6.67 15.67 27.24
N SER E 56 -5.92 16.36 26.39
CA SER E 56 -4.47 16.33 26.40
C SER E 56 -3.87 17.02 27.60
N ARG E 57 -4.67 17.75 28.39
CA ARG E 57 -4.14 18.51 29.52
C ARG E 57 -3.11 19.52 29.04
N VAL E 58 -3.45 20.24 27.98
CA VAL E 58 -2.53 21.16 27.34
C VAL E 58 -3.13 22.56 27.31
N VAL E 59 -4.46 22.64 27.35
CA VAL E 59 -5.16 23.90 27.28
C VAL E 59 -6.27 23.91 28.32
N LEU E 60 -6.52 25.09 28.88
CA LEU E 60 -7.56 25.29 29.87
C LEU E 60 -8.50 26.37 29.37
N ILE E 61 -9.76 26.01 29.19
CA ILE E 61 -10.78 26.96 28.77
C ILE E 61 -11.53 27.46 30.00
N ASP E 62 -11.54 28.78 30.15
CA ASP E 62 -12.20 29.44 31.26
C ASP E 62 -13.23 30.39 30.69
N LEU E 63 -14.50 30.03 30.83
CA LEU E 63 -15.61 30.85 30.40
C LEU E 63 -16.24 31.53 31.61
N ASN E 64 -16.46 32.83 31.48
CA ASN E 64 -17.07 33.63 32.53
C ASN E 64 -18.19 34.45 31.90
N LEU E 65 -19.39 34.28 32.41
CA LEU E 65 -20.57 34.97 31.89
C LEU E 65 -21.29 35.67 33.03
N PRO E 66 -21.11 36.97 33.19
CA PRO E 66 -21.91 37.72 34.15
C PRO E 66 -23.33 37.89 33.66
N ALA E 67 -24.26 37.77 34.59
CA ALA E 67 -25.69 37.77 34.27
C ALA E 67 -26.13 39.03 33.53
N SER E 68 -25.39 40.12 33.73
CA SER E 68 -25.70 41.41 33.12
C SER E 68 -25.85 41.33 31.60
N ILE E 69 -25.02 40.50 30.95
CA ILE E 69 -25.07 40.38 29.50
C ILE E 69 -26.42 39.91 28.97
N PHE E 70 -27.18 39.16 29.75
CA PHE E 70 -28.42 38.57 29.29
C PHE E 70 -29.53 39.61 29.32
N SER E 71 -30.35 39.62 28.26
CA SER E 71 -31.54 40.46 28.27
C SER E 71 -32.49 40.08 29.38
N LYS E 72 -32.53 38.82 29.78
CA LYS E 72 -33.21 38.39 30.99
C LYS E 72 -32.38 37.30 31.62
N TYR E 73 -32.31 37.30 32.94
CA TYR E 73 -31.50 36.31 33.66
C TYR E 73 -32.32 35.89 34.87
N GLU E 74 -32.81 34.66 34.87
CA GLU E 74 -33.63 34.17 35.96
C GLU E 74 -33.08 32.84 36.45
N VAL E 75 -32.31 32.91 37.54
CA VAL E 75 -31.80 31.73 38.21
C VAL E 75 -32.40 31.67 39.60
N ASP E 76 -32.83 30.49 40.02
CA ASP E 76 -33.36 30.27 41.35
C ASP E 76 -32.43 29.28 42.04
N GLY E 77 -31.39 29.80 42.68
CA GLY E 77 -30.41 28.94 43.30
C GLY E 77 -29.15 28.85 42.46
N GLU E 78 -28.49 27.71 42.49
CA GLU E 78 -27.27 27.51 41.72
C GLU E 78 -27.16 26.03 41.42
N GLU E 79 -26.87 25.68 40.17
CA GLU E 79 -26.79 24.29 39.78
C GLU E 79 -25.82 24.14 38.62
N THR E 80 -25.39 22.91 38.40
CA THR E 80 -24.43 22.59 37.36
C THR E 80 -25.15 21.81 36.27
N ILE E 81 -25.04 22.30 35.05
CA ILE E 81 -25.61 21.61 33.90
C ILE E 81 -24.56 20.69 33.30
N GLY E 82 -24.99 19.53 32.82
CA GLY E 82 -24.08 18.67 32.12
C GLY E 82 -24.60 18.37 30.73
N VAL E 83 -23.89 18.83 29.71
CA VAL E 83 -24.40 18.79 28.35
C VAL E 83 -23.32 18.29 27.40
N ASN E 84 -23.77 17.65 26.34
CA ASN E 84 -22.92 17.23 25.25
C ASN E 84 -22.58 18.46 24.42
N MET E 85 -21.32 18.90 24.48
CA MET E 85 -20.92 20.09 23.74
C MET E 85 -21.15 19.93 22.25
N ASP E 86 -21.09 18.69 21.76
CA ASP E 86 -21.34 18.46 20.34
C ASP E 86 -22.80 18.70 20.01
N HIS E 87 -23.71 18.07 20.75
CA HIS E 87 -25.12 18.24 20.47
C HIS E 87 -25.54 19.69 20.64
N LEU E 88 -25.12 20.32 21.74
CA LEU E 88 -25.39 21.74 21.92
C LEU E 88 -24.79 22.56 20.80
N LYS E 89 -23.67 22.13 20.26
CA LYS E 89 -23.03 22.91 19.21
C LYS E 89 -23.85 22.85 17.93
N LYS E 90 -24.32 21.66 17.56
CA LYS E 90 -25.21 21.55 16.41
C LYS E 90 -26.48 22.34 16.64
N VAL E 91 -27.02 22.30 17.86
CA VAL E 91 -28.28 23.00 18.14
C VAL E 91 -28.10 24.50 18.01
N LEU E 92 -27.24 25.08 18.84
CA LEU E 92 -27.00 26.51 18.81
C LEU E 92 -26.58 26.98 17.43
N LYS E 93 -25.82 26.15 16.72
CA LYS E 93 -25.42 26.48 15.36
C LYS E 93 -26.62 26.65 14.44
N ARG E 94 -27.78 26.12 14.81
CA ARG E 94 -28.95 26.24 13.97
C ARG E 94 -29.64 27.58 14.17
N GLY E 95 -29.24 28.36 15.16
CA GLY E 95 -29.74 29.70 15.34
C GLY E 95 -29.10 30.61 14.30
N LYS E 96 -29.65 31.82 14.16
CA LYS E 96 -29.14 32.75 13.18
C LYS E 96 -28.89 34.11 13.83
N ALA E 97 -28.65 35.09 12.96
CA ALA E 97 -28.06 36.40 13.25
C ALA E 97 -28.74 37.03 14.46
N LYS E 98 -30.06 37.20 14.45
CA LYS E 98 -30.71 38.05 15.45
C LYS E 98 -31.81 37.33 16.22
N GLU E 99 -32.10 36.07 15.87
CA GLU E 99 -33.16 35.35 16.56
C GLU E 99 -32.80 35.16 18.03
N THR E 100 -33.82 35.21 18.88
CA THR E 100 -33.58 35.26 20.32
C THR E 100 -33.40 33.87 20.91
N LEU E 101 -32.46 33.76 21.83
CA LEU E 101 -32.13 32.51 22.51
C LEU E 101 -32.73 32.49 23.90
N ILE E 102 -33.27 31.35 24.30
CA ILE E 102 -33.85 31.16 25.62
C ILE E 102 -33.41 29.79 26.14
N LEU E 103 -33.11 29.74 27.43
CA LEU E 103 -32.66 28.52 28.08
C LEU E 103 -33.50 28.25 29.31
N ARG E 104 -34.27 27.18 29.30
CA ARG E 104 -35.23 26.91 30.35
C ARG E 104 -34.96 25.56 30.95
N LYS E 105 -35.18 25.43 32.25
CA LYS E 105 -35.01 24.15 32.91
C LYS E 105 -35.92 24.08 34.12
N GLY E 106 -36.75 23.04 34.16
CA GLY E 106 -37.63 22.84 35.29
C GLY E 106 -37.25 21.62 36.09
N GLU E 107 -38.25 20.83 36.46
CA GLU E 107 -38.00 19.67 37.31
C GLU E 107 -37.22 18.59 36.54
N GLU E 108 -37.70 18.23 35.36
CA GLU E 108 -37.17 17.09 34.62
C GLU E 108 -35.71 17.32 34.25
N ASN E 109 -35.06 16.24 33.79
CA ASN E 109 -33.64 16.27 33.50
C ASN E 109 -33.43 16.60 32.02
N PHE E 110 -33.99 17.74 31.61
CA PHE E 110 -33.84 18.22 30.25
C PHE E 110 -33.54 19.70 30.26
N LEU E 111 -32.84 20.15 29.23
CA LEU E 111 -32.66 21.56 28.97
C LEU E 111 -33.46 21.95 27.74
N GLU E 112 -34.25 23.01 27.85
CA GLU E 112 -35.11 23.46 26.78
C GLU E 112 -34.52 24.71 26.15
N ILE E 113 -34.15 24.61 24.88
CA ILE E 113 -33.60 25.73 24.14
C ILE E 113 -34.68 26.28 23.22
N SER E 114 -34.98 27.56 23.37
CA SER E 114 -36.05 28.19 22.60
C SER E 114 -35.45 29.24 21.70
N LEU E 115 -35.45 28.98 20.40
CA LEU E 115 -35.02 29.94 19.39
C LEU E 115 -36.26 30.61 18.83
N GLN E 116 -36.47 31.87 19.17
CA GLN E 116 -37.63 32.60 18.70
C GLN E 116 -37.16 33.84 17.95
N GLY E 117 -37.25 33.77 16.62
CA GLY E 117 -37.08 34.95 15.80
C GLY E 117 -38.35 35.27 15.05
N THR E 118 -38.41 34.90 13.77
CA THR E 118 -39.66 34.94 13.05
C THR E 118 -40.67 33.99 13.68
N ALA E 119 -40.21 32.90 14.27
CA ALA E 119 -41.09 31.94 14.92
C ALA E 119 -40.38 31.40 16.14
N THR E 120 -41.10 30.59 16.90
CA THR E 120 -40.52 29.92 18.06
C THR E 120 -40.22 28.47 17.69
N ARG E 121 -39.07 28.00 18.14
CA ARG E 121 -38.65 26.63 17.95
C ARG E 121 -38.08 26.12 19.26
N THR E 122 -38.51 24.93 19.67
CA THR E 122 -38.14 24.41 20.97
C THR E 122 -37.38 23.12 20.79
N PHE E 123 -36.23 23.03 21.46
CA PHE E 123 -35.41 21.84 21.48
C PHE E 123 -35.25 21.38 22.91
N LYS E 124 -35.02 20.09 23.10
CA LYS E 124 -34.74 19.57 24.43
C LYS E 124 -33.52 18.68 24.39
N LEU E 125 -32.67 18.85 25.38
CA LEU E 125 -31.37 18.19 25.46
C LEU E 125 -31.28 17.45 26.78
N PRO E 126 -31.15 16.13 26.75
CA PRO E 126 -30.97 15.39 28.01
C PRO E 126 -29.64 15.75 28.63
N LEU E 127 -29.70 16.23 29.87
CA LEU E 127 -28.48 16.59 30.54
C LEU E 127 -27.68 15.35 30.89
N ILE E 128 -26.36 15.50 30.90
CA ILE E 128 -25.45 14.38 31.09
C ILE E 128 -24.58 14.67 32.29
N ASP E 129 -24.32 13.65 33.10
CA ASP E 129 -23.43 13.83 34.23
C ASP E 129 -22.00 14.02 33.74
N VAL E 130 -21.30 14.96 34.36
CA VAL E 130 -19.93 15.28 34.01
C VAL E 130 -19.09 15.12 35.26
N GLU E 131 -18.15 14.19 35.25
CA GLU E 131 -17.21 14.09 36.34
C GLU E 131 -16.31 15.32 36.33
N GLU E 132 -16.49 16.17 37.33
CA GLU E 132 -15.80 17.44 37.40
C GLU E 132 -14.41 17.26 37.99
N ILE E 133 -13.40 17.71 37.26
CA ILE E 133 -12.03 17.79 37.75
C ILE E 133 -11.67 19.26 37.79
N GLU E 134 -11.87 19.88 38.95
CA GLU E 134 -11.66 21.31 39.14
C GLU E 134 -10.18 21.58 39.38
N VAL E 135 -9.59 22.38 38.50
CA VAL E 135 -8.24 22.89 38.70
C VAL E 135 -8.28 24.39 38.44
N ASP E 136 -8.36 25.18 39.50
CA ASP E 136 -8.35 26.63 39.40
C ASP E 136 -6.91 27.11 39.47
N LEU E 137 -6.52 27.94 38.51
CA LEU E 137 -5.17 28.39 38.37
C LEU E 137 -5.17 29.90 38.31
N PRO E 138 -4.97 30.56 39.42
CA PRO E 138 -5.01 32.02 39.45
C PRO E 138 -3.79 32.64 38.78
N GLU E 139 -3.65 33.96 38.94
CA GLU E 139 -2.54 34.70 38.33
C GLU E 139 -1.21 34.04 38.63
N LEU E 140 -0.32 34.06 37.65
CA LEU E 140 0.95 33.36 37.68
C LEU E 140 2.01 34.30 37.16
N PRO E 141 3.29 33.94 37.26
CA PRO E 141 4.34 34.90 36.89
C PRO E 141 4.40 35.09 35.39
N PHE E 142 3.83 36.19 34.91
CA PHE E 142 3.73 36.43 33.48
C PHE E 142 4.61 37.61 33.12
N THR E 143 5.74 37.31 32.48
CA THR E 143 6.75 38.32 32.22
C THR E 143 6.23 39.42 31.31
N ALA E 144 5.64 39.04 30.19
CA ALA E 144 5.15 40.00 29.23
C ALA E 144 3.64 39.87 29.08
N LYS E 145 3.03 40.96 28.63
CA LYS E 145 1.58 41.06 28.54
C LYS E 145 1.26 42.02 27.42
N VAL E 146 0.54 41.56 26.41
CA VAL E 146 0.33 42.31 25.18
C VAL E 146 -1.15 42.23 24.78
N VAL E 147 -1.66 43.32 24.25
CA VAL E 147 -2.97 43.37 23.64
C VAL E 147 -2.78 43.56 22.14
N ILE E 148 -3.65 42.93 21.34
CA ILE E 148 -3.46 42.95 19.90
C ILE E 148 -4.80 42.68 19.22
N LEU E 149 -4.97 43.24 18.03
CA LEU E 149 -6.19 43.01 17.28
C LEU E 149 -6.33 41.53 16.93
N GLY E 150 -7.56 41.11 16.69
CA GLY E 150 -7.81 39.70 16.46
C GLY E 150 -7.19 39.21 15.17
N ASP E 151 -7.51 39.86 14.06
CA ASP E 151 -7.08 39.35 12.76
C ASP E 151 -5.57 39.33 12.63
N VAL E 152 -4.88 40.16 13.43
CA VAL E 152 -3.42 40.11 13.43
C VAL E 152 -2.95 38.72 13.83
N ILE E 153 -3.36 38.27 15.01
CA ILE E 153 -2.93 36.96 15.47
C ILE E 153 -3.52 35.86 14.60
N LYS E 154 -4.73 36.05 14.10
CA LYS E 154 -5.34 35.01 13.30
C LYS E 154 -4.56 34.78 12.01
N GLU E 155 -4.27 35.87 11.31
CA GLU E 155 -3.38 35.82 10.15
C GLU E 155 -2.04 35.19 10.52
N ALA E 156 -1.48 35.60 11.65
CA ALA E 156 -0.16 35.12 12.03
C ALA E 156 -0.14 33.61 12.20
N VAL E 157 -1.08 33.08 12.99
CA VAL E 157 -1.17 31.64 13.19
C VAL E 157 -1.36 30.94 11.87
N LYS E 158 -2.24 31.48 11.02
CA LYS E 158 -2.46 30.83 9.74
C LYS E 158 -1.19 30.82 8.91
N ASP E 159 -0.32 31.81 9.12
CA ASP E 159 0.95 31.85 8.43
C ASP E 159 1.89 30.79 8.95
N ALA E 160 2.00 30.69 10.27
CA ALA E 160 2.87 29.67 10.85
C ALA E 160 2.39 28.27 10.52
N SER E 161 1.11 28.12 10.17
CA SER E 161 0.63 26.83 9.72
C SER E 161 1.35 26.35 8.47
N LEU E 162 1.90 27.26 7.68
CA LEU E 162 2.58 26.86 6.45
C LEU E 162 3.86 26.09 6.75
N VAL E 163 4.71 26.63 7.62
CA VAL E 163 6.08 26.15 7.72
C VAL E 163 6.31 25.18 8.86
N SER E 164 5.49 25.17 9.89
CA SER E 164 5.78 24.32 11.04
C SER E 164 4.50 24.01 11.81
N ASP E 165 4.67 23.30 12.91
CA ASP E 165 3.60 22.94 13.81
C ASP E 165 3.77 23.53 15.20
N SER E 166 4.84 24.29 15.41
CA SER E 166 5.07 24.90 16.71
C SER E 166 5.46 26.36 16.50
N MET E 167 4.61 27.26 16.96
CA MET E 167 4.81 28.68 16.75
C MET E 167 5.51 29.28 17.96
N LYS E 168 6.57 30.02 17.69
CA LYS E 168 7.41 30.60 18.72
C LYS E 168 7.08 32.08 18.87
N PHE E 169 6.97 32.51 20.12
CA PHE E 169 6.65 33.89 20.46
C PHE E 169 7.83 34.52 21.16
N ILE E 170 8.09 35.78 20.80
CA ILE E 170 9.22 36.52 21.32
C ILE E 170 8.74 37.93 21.66
N ALA E 171 8.87 38.29 22.93
CA ALA E 171 8.42 39.59 23.42
C ALA E 171 9.65 40.34 23.92
N LYS E 172 9.98 41.43 23.25
CA LYS E 172 11.05 42.31 23.64
C LYS E 172 10.50 43.69 23.95
N GLU E 173 11.39 44.55 24.45
CA GLU E 173 10.99 45.86 24.93
C GLU E 173 10.34 46.68 23.84
N ASN E 174 9.05 46.95 24.00
CA ASN E 174 8.23 47.74 23.11
C ASN E 174 8.08 47.07 21.75
N GLU E 175 8.33 45.78 21.64
CA GLU E 175 8.26 45.09 20.37
C GLU E 175 7.79 43.66 20.59
N PHE E 176 6.82 43.25 19.79
CA PHE E 176 6.27 41.91 19.82
C PHE E 176 6.54 41.25 18.48
N THR E 177 7.16 40.08 18.51
CA THR E 177 7.50 39.39 17.29
C THR E 177 7.12 37.93 17.42
N MET E 178 6.59 37.38 16.35
CA MET E 178 6.23 35.97 16.27
C MET E 178 7.06 35.34 15.18
N ARG E 179 7.24 34.04 15.24
CA ARG E 179 8.03 33.37 14.23
C ARG E 179 7.87 31.86 14.30
N ALA E 180 8.35 31.20 13.26
CA ALA E 180 8.28 29.77 13.18
C ALA E 180 9.17 29.34 12.03
N GLU E 181 9.79 28.18 12.20
CA GLU E 181 10.74 27.69 11.20
C GLU E 181 10.55 26.19 11.06
N GLY E 182 10.65 25.73 9.82
CA GLY E 182 10.49 24.33 9.55
C GLY E 182 11.77 23.79 8.96
N GLU E 183 11.65 22.85 8.02
CA GLU E 183 12.83 22.33 7.35
C GLU E 183 13.58 23.46 6.65
N THR E 184 12.94 24.05 5.65
CA THR E 184 13.60 25.10 4.87
C THR E 184 13.02 26.47 5.17
N GLN E 185 11.72 26.62 5.05
CA GLN E 185 11.08 27.93 5.02
C GLN E 185 11.17 28.60 6.38
N GLU E 186 10.95 29.90 6.39
CA GLU E 186 11.03 30.69 7.60
C GLU E 186 9.91 31.72 7.61
N VAL E 187 9.28 31.87 8.76
CA VAL E 187 8.14 32.77 8.89
C VAL E 187 8.38 33.69 10.08
N GLU E 188 8.20 34.98 9.82
CA GLU E 188 8.42 35.97 10.87
C GLU E 188 7.35 37.04 10.76
N VAL E 189 6.88 37.49 11.92
CA VAL E 189 5.85 38.53 12.00
C VAL E 189 6.26 39.44 13.15
N LYS E 190 6.82 40.60 12.81
CA LYS E 190 7.14 41.57 13.85
C LYS E 190 6.13 42.70 13.84
N LEU E 191 5.96 43.33 15.00
CA LEU E 191 5.13 44.51 15.12
C LEU E 191 5.33 45.11 16.50
N THR E 192 5.22 46.43 16.59
CA THR E 192 5.44 47.14 17.84
C THR E 192 4.28 48.08 18.11
N LEU E 193 4.42 48.88 19.18
CA LEU E 193 3.40 49.87 19.51
C LEU E 193 3.21 50.86 18.38
N GLU E 194 4.29 51.20 17.68
CA GLU E 194 4.19 52.09 16.52
C GLU E 194 3.23 51.52 15.48
N ASP E 195 3.26 50.21 15.28
CA ASP E 195 2.38 49.60 14.30
C ASP E 195 0.94 49.69 14.76
N GLU E 196 0.03 49.63 13.79
CA GLU E 196 -1.38 49.83 14.09
C GLU E 196 -1.98 48.69 14.89
N GLY E 197 -1.72 47.45 14.49
CA GLY E 197 -2.40 46.33 15.10
C GLY E 197 -2.00 46.04 16.52
N LEU E 198 -0.89 46.59 16.99
CA LEU E 198 -0.39 46.33 18.33
C LEU E 198 -0.91 47.43 19.24
N LEU E 199 -2.03 47.16 19.89
CA LEU E 199 -2.67 48.17 20.72
C LEU E 199 -1.82 48.50 21.94
N ASP E 200 -1.24 47.48 22.57
CA ASP E 200 -0.49 47.68 23.79
C ASP E 200 0.62 46.64 23.89
N ILE E 201 1.69 47.02 24.60
CA ILE E 201 2.72 46.09 25.02
C ILE E 201 3.12 46.46 26.44
N GLU E 202 3.26 45.45 27.30
CA GLU E 202 3.75 45.64 28.66
C GLU E 202 4.96 44.74 28.86
N VAL E 203 6.12 45.27 28.53
CA VAL E 203 7.37 44.52 28.59
C VAL E 203 7.98 44.67 29.97
N GLN E 204 8.05 43.56 30.70
CA GLN E 204 8.87 43.51 31.90
C GLN E 204 10.31 43.13 31.58
N GLU E 205 10.51 42.19 30.66
CA GLU E 205 11.82 41.81 30.19
C GLU E 205 11.64 40.85 29.02
N GLU E 206 12.75 40.26 28.58
CA GLU E 206 12.73 39.31 27.47
C GLU E 206 11.88 38.08 27.75
N THR E 207 10.90 37.82 26.90
CA THR E 207 10.11 36.61 27.04
C THR E 207 10.15 35.85 25.73
N LYS E 208 10.13 34.52 25.81
CA LYS E 208 10.15 33.66 24.63
C LYS E 208 9.45 32.36 24.99
N SER E 209 8.67 31.83 24.05
CA SER E 209 8.02 30.55 24.26
C SER E 209 7.73 29.91 22.92
N ALA E 210 7.14 28.73 22.99
CA ALA E 210 6.68 28.01 21.82
C ALA E 210 5.39 27.31 22.17
N TYR E 211 4.51 27.16 21.20
CA TYR E 211 3.19 26.62 21.45
C TYR E 211 2.74 25.81 20.25
N GLY E 212 1.81 24.89 20.51
CA GLY E 212 1.30 24.03 19.46
C GLY E 212 0.44 24.84 18.50
N ILE E 213 0.88 24.90 17.25
CA ILE E 213 0.16 25.71 16.28
C ILE E 213 -1.26 25.18 16.09
N SER E 214 -1.44 23.87 16.26
CA SER E 214 -2.78 23.32 16.18
C SER E 214 -3.69 23.94 17.24
N TYR E 215 -3.24 23.91 18.49
CA TYR E 215 -4.04 24.44 19.57
C TYR E 215 -4.33 25.92 19.37
N LEU E 216 -3.34 26.67 18.90
CA LEU E 216 -3.58 28.08 18.61
C LEU E 216 -4.64 28.24 17.55
N SER E 217 -4.60 27.39 16.52
CA SER E 217 -5.60 27.46 15.48
C SER E 217 -6.99 27.18 16.05
N ASP E 218 -7.10 26.22 16.96
CA ASP E 218 -8.38 26.03 17.63
C ASP E 218 -8.76 27.26 18.43
N MET E 219 -7.76 28.00 18.92
CA MET E 219 -8.06 29.15 19.75
C MET E 219 -8.62 30.30 18.93
N VAL E 220 -7.84 30.79 17.98
CA VAL E 220 -8.12 32.09 17.38
C VAL E 220 -9.19 32.06 16.31
N LYS E 221 -9.61 30.88 15.86
CA LYS E 221 -10.72 30.84 14.92
C LYS E 221 -11.96 31.43 15.57
N GLY E 222 -12.69 32.21 14.78
CA GLY E 222 -13.75 33.00 15.39
C GLY E 222 -13.23 34.30 15.94
N LEU E 223 -12.57 35.10 15.12
CA LEU E 223 -12.08 36.40 15.50
C LEU E 223 -12.12 37.33 14.30
N GLY E 224 -12.87 38.41 14.42
CA GLY E 224 -12.90 39.44 13.41
C GLY E 224 -11.82 40.47 13.69
N LYS E 225 -11.68 41.40 12.75
CA LYS E 225 -10.70 42.46 12.93
C LYS E 225 -11.00 43.28 14.18
N ALA E 226 -12.28 43.45 14.49
CA ALA E 226 -12.70 44.19 15.67
C ALA E 226 -12.76 43.23 16.86
N ASP E 227 -11.60 42.68 17.19
CA ASP E 227 -11.47 41.76 18.32
C ASP E 227 -10.13 42.05 18.99
N GLU E 228 -10.18 42.48 20.25
CA GLU E 228 -8.96 42.73 21.02
C GLU E 228 -8.65 41.52 21.88
N VAL E 229 -7.37 41.16 21.93
CA VAL E 229 -6.93 39.94 22.60
C VAL E 229 -5.80 40.27 23.56
N THR E 230 -5.83 39.65 24.73
CA THR E 230 -4.82 39.81 25.75
C THR E 230 -3.97 38.54 25.81
N ILE E 231 -2.69 38.71 26.07
CA ILE E 231 -1.72 37.61 26.05
C ILE E 231 -0.72 37.84 27.17
N LYS E 232 -0.77 37.03 28.21
CA LYS E 232 0.22 37.09 29.27
C LYS E 232 1.05 35.82 29.25
N PHE E 233 2.36 35.94 29.50
CA PHE E 233 3.19 34.74 29.44
C PHE E 233 4.62 35.08 29.82
N GLY E 234 5.38 34.03 30.15
CA GLY E 234 6.77 34.18 30.52
C GLY E 234 7.65 33.16 29.80
N ASN E 235 8.94 33.28 30.06
CA ASN E 235 9.94 32.45 29.40
C ASN E 235 9.67 30.98 29.69
N GLU E 236 9.32 30.24 28.65
CA GLU E 236 9.06 28.81 28.73
C GLU E 236 8.02 28.50 29.80
N MET E 237 6.80 28.96 29.55
CA MET E 237 5.69 28.75 30.46
C MET E 237 4.41 29.02 29.70
N PRO E 238 3.27 28.59 30.23
CA PRO E 238 2.03 28.65 29.45
C PRO E 238 1.61 30.07 29.17
N MET E 239 1.04 30.28 28.00
CA MET E 239 0.33 31.50 27.67
C MET E 239 -1.04 31.51 28.32
N GLN E 240 -1.51 32.71 28.64
CA GLN E 240 -2.90 32.93 28.96
C GLN E 240 -3.45 33.97 28.00
N MET E 241 -4.43 33.57 27.20
CA MET E 241 -5.09 34.44 26.25
C MET E 241 -6.45 34.82 26.82
N GLU E 242 -6.93 36.00 26.45
CA GLU E 242 -8.21 36.46 26.94
C GLU E 242 -8.85 37.35 25.89
N TYR E 243 -10.17 37.37 25.87
CA TYR E 243 -10.86 38.38 25.09
C TYR E 243 -12.30 38.48 25.57
N TYR E 244 -12.84 39.68 25.55
CA TYR E 244 -14.12 39.99 26.15
C TYR E 244 -15.25 39.66 25.20
N ILE E 245 -16.44 39.51 25.76
CA ILE E 245 -17.62 39.11 25.01
C ILE E 245 -18.75 40.03 25.43
N ARG E 246 -19.10 40.98 24.57
CA ARG E 246 -20.06 42.03 24.90
C ARG E 246 -19.56 42.86 26.08
N ASP E 247 -18.24 42.88 26.26
CA ASP E 247 -17.56 43.82 27.15
C ASP E 247 -17.74 43.47 28.62
N GLU E 248 -18.51 42.42 28.90
CA GLU E 248 -18.68 42.00 30.28
C GLU E 248 -18.06 40.64 30.56
N GLY E 249 -18.48 39.61 29.85
CA GLY E 249 -18.00 38.27 30.09
C GLY E 249 -17.01 37.85 29.03
N ARG E 250 -15.79 37.58 29.49
CA ARG E 250 -14.68 37.29 28.58
C ARG E 250 -14.23 35.86 28.77
N LEU E 251 -13.57 35.33 27.75
CA LEU E 251 -13.08 33.97 27.76
C LEU E 251 -11.56 34.00 27.85
N ILE E 252 -11.00 32.98 28.50
CA ILE E 252 -9.56 32.94 28.77
C ILE E 252 -9.06 31.53 28.57
N PHE E 253 -8.07 31.37 27.69
CA PHE E 253 -7.45 30.08 27.43
C PHE E 253 -6.09 30.06 28.11
N LEU E 254 -5.62 28.87 28.46
CA LEU E 254 -4.34 28.69 29.11
C LEU E 254 -3.61 27.56 28.42
N LEU E 255 -2.56 27.89 27.67
CA LEU E 255 -1.89 26.94 26.80
C LEU E 255 -0.50 26.65 27.33
N ALA E 256 -0.23 25.38 27.62
CA ALA E 256 1.10 24.98 28.03
C ALA E 256 2.08 25.05 26.86
N PRO E 257 3.29 25.54 27.11
CA PRO E 257 4.28 25.60 26.03
C PRO E 257 4.85 24.23 25.69
N ARG E 258 5.84 24.19 24.80
CA ARG E 258 6.51 22.96 24.43
C ARG E 258 7.97 22.98 24.85
N VAL E 259 8.60 21.82 24.74
CA VAL E 259 10.01 21.65 25.02
C VAL E 259 10.28 21.98 26.48
FE FE H . 5.51 -22.15 -32.48
ZN ZN I . 3.71 -18.26 -31.57
ZN ZN J . -33.20 -7.73 36.81
ZN ZN K . -35.60 -27.03 17.35
ZN ZN L . -22.98 -3.67 -9.03
#